data_3CYH
# 
_entry.id   3CYH 
# 
_audit_conform.dict_name       mmcif_pdbx.dic 
_audit_conform.dict_version    5.387 
_audit_conform.dict_location   http://mmcif.pdb.org/dictionaries/ascii/mmcif_pdbx.dic 
# 
loop_
_database_2.database_id 
_database_2.database_code 
_database_2.pdbx_database_accession 
_database_2.pdbx_DOI 
PDB   3CYH         pdb_00003cyh 10.2210/pdb3cyh/pdb 
WWPDB D_1000178930 ?            ?                   
# 
loop_
_pdbx_audit_revision_history.ordinal 
_pdbx_audit_revision_history.data_content_type 
_pdbx_audit_revision_history.major_revision 
_pdbx_audit_revision_history.minor_revision 
_pdbx_audit_revision_history.revision_date 
1 'Structure model' 1 0 1996-07-11 
2 'Structure model' 1 1 2008-03-25 
3 'Structure model' 1 2 2011-07-13 
4 'Structure model' 1 3 2017-11-29 
5 'Structure model' 1 4 2024-02-21 
# 
_pdbx_audit_revision_details.ordinal             1 
_pdbx_audit_revision_details.revision_ordinal    1 
_pdbx_audit_revision_details.data_content_type   'Structure model' 
_pdbx_audit_revision_details.provider            repository 
_pdbx_audit_revision_details.type                'Initial release' 
_pdbx_audit_revision_details.description         ? 
_pdbx_audit_revision_details.details             ? 
# 
loop_
_pdbx_audit_revision_group.ordinal 
_pdbx_audit_revision_group.revision_ordinal 
_pdbx_audit_revision_group.data_content_type 
_pdbx_audit_revision_group.group 
1 2 'Structure model' 'Version format compliance' 
2 3 'Structure model' 'Version format compliance' 
3 4 'Structure model' 'Derived calculations'      
4 4 'Structure model' Other                       
5 5 'Structure model' 'Data collection'           
6 5 'Structure model' 'Database references'       
7 5 'Structure model' 'Derived calculations'      
# 
loop_
_pdbx_audit_revision_category.ordinal 
_pdbx_audit_revision_category.revision_ordinal 
_pdbx_audit_revision_category.data_content_type 
_pdbx_audit_revision_category.category 
1 4 'Structure model' pdbx_database_status 
2 4 'Structure model' struct_conf          
3 4 'Structure model' struct_conf_type     
4 5 'Structure model' chem_comp_atom       
5 5 'Structure model' chem_comp_bond       
6 5 'Structure model' database_2           
7 5 'Structure model' struct_conn          
8 5 'Structure model' struct_site          
# 
loop_
_pdbx_audit_revision_item.ordinal 
_pdbx_audit_revision_item.revision_ordinal 
_pdbx_audit_revision_item.data_content_type 
_pdbx_audit_revision_item.item 
1 4 'Structure model' '_pdbx_database_status.process_site'  
2 5 'Structure model' '_database_2.pdbx_DOI'                
3 5 'Structure model' '_database_2.pdbx_database_accession' 
4 5 'Structure model' '_struct_conn.pdbx_leaving_atom_flag' 
5 5 'Structure model' '_struct_site.pdbx_auth_asym_id'      
6 5 'Structure model' '_struct_site.pdbx_auth_comp_id'      
7 5 'Structure model' '_struct_site.pdbx_auth_seq_id'       
# 
_pdbx_database_status.status_code                     REL 
_pdbx_database_status.entry_id                        3CYH 
_pdbx_database_status.recvd_initial_deposition_date   1996-02-27 
_pdbx_database_status.deposit_site                    ? 
_pdbx_database_status.process_site                    BNL 
_pdbx_database_status.SG_entry                        . 
_pdbx_database_status.status_code_sf                  ? 
_pdbx_database_status.status_code_mr                  ? 
_pdbx_database_status.pdb_format_compatible           Y 
_pdbx_database_status.status_code_cs                  ? 
_pdbx_database_status.methods_development_category    ? 
_pdbx_database_status.status_code_nmr_data            ? 
# 
loop_
_audit_author.name 
_audit_author.pdbx_ordinal 
'Zhao, Y.' 1 
'Ke, H.'   2 
# 
_citation.id                        primary 
_citation.title                     'Mechanistic implication of crystal structures of the cyclophilin-dipeptide complexes.' 
_citation.journal_abbrev            Biochemistry 
_citation.journal_volume            35 
_citation.page_first                7362 
_citation.page_last                 7368 
_citation.year                      1996 
_citation.journal_id_ASTM           BICHAW 
_citation.country                   US 
_citation.journal_id_ISSN           0006-2960 
_citation.journal_id_CSD            0033 
_citation.book_publisher            ? 
_citation.pdbx_database_id_PubMed   8652512 
_citation.pdbx_database_id_DOI      10.1021/bi960278x 
# 
loop_
_citation_author.citation_id 
_citation_author.name 
_citation_author.ordinal 
_citation_author.identifier_ORCID 
primary 'Zhao, Y.' 1 ? 
primary 'Ke, H.'   2 ? 
# 
loop_
_entity.id 
_entity.type 
_entity.src_method 
_entity.pdbx_description 
_entity.formula_weight 
_entity.pdbx_number_of_molecules 
_entity.pdbx_ec 
_entity.pdbx_mutation 
_entity.pdbx_fragment 
_entity.details 
1 polymer     man 'CYCLOPHILIN A' 17905.307 1  5.2.1.8 ? ? ? 
2 non-polymer syn SERINE          105.093   1  ?       ? ? ? 
3 non-polymer syn PROLINE         115.130   1  ?       ? ? ? 
4 water       nat water           18.015    54 ?       ? ? ? 
# 
_entity_poly.entity_id                      1 
_entity_poly.type                           'polypeptide(L)' 
_entity_poly.nstd_linkage                   no 
_entity_poly.nstd_monomer                   no 
_entity_poly.pdbx_seq_one_letter_code       
;VNPTVFFDIAVDGEPLGRVSFELFADKVPKTAENFRALSTGEKGFGYKGSCFHRIIPGFMCQGGDFTRHNGTGGKSIYGE
KFEDENFILKHTGPGILSMANAGPNTNGSQFFICTAKTEWLDGKHVVFGKVKEGMNIVEAMERFGSRNGKTSKKITIADC
GQLE
;
_entity_poly.pdbx_seq_one_letter_code_can   
;VNPTVFFDIAVDGEPLGRVSFELFADKVPKTAENFRALSTGEKGFGYKGSCFHRIIPGFMCQGGDFTRHNGTGGKSIYGE
KFEDENFILKHTGPGILSMANAGPNTNGSQFFICTAKTEWLDGKHVVFGKVKEGMNIVEAMERFGSRNGKTSKKITIADC
GQLE
;
_entity_poly.pdbx_strand_id                 A 
_entity_poly.pdbx_target_identifier         ? 
# 
loop_
_pdbx_entity_nonpoly.entity_id 
_pdbx_entity_nonpoly.name 
_pdbx_entity_nonpoly.comp_id 
2 SERINE  SER 
3 PROLINE PRO 
4 water   HOH 
# 
loop_
_entity_poly_seq.entity_id 
_entity_poly_seq.num 
_entity_poly_seq.mon_id 
_entity_poly_seq.hetero 
1 1   VAL n 
1 2   ASN n 
1 3   PRO n 
1 4   THR n 
1 5   VAL n 
1 6   PHE n 
1 7   PHE n 
1 8   ASP n 
1 9   ILE n 
1 10  ALA n 
1 11  VAL n 
1 12  ASP n 
1 13  GLY n 
1 14  GLU n 
1 15  PRO n 
1 16  LEU n 
1 17  GLY n 
1 18  ARG n 
1 19  VAL n 
1 20  SER n 
1 21  PHE n 
1 22  GLU n 
1 23  LEU n 
1 24  PHE n 
1 25  ALA n 
1 26  ASP n 
1 27  LYS n 
1 28  VAL n 
1 29  PRO n 
1 30  LYS n 
1 31  THR n 
1 32  ALA n 
1 33  GLU n 
1 34  ASN n 
1 35  PHE n 
1 36  ARG n 
1 37  ALA n 
1 38  LEU n 
1 39  SER n 
1 40  THR n 
1 41  GLY n 
1 42  GLU n 
1 43  LYS n 
1 44  GLY n 
1 45  PHE n 
1 46  GLY n 
1 47  TYR n 
1 48  LYS n 
1 49  GLY n 
1 50  SER n 
1 51  CYS n 
1 52  PHE n 
1 53  HIS n 
1 54  ARG n 
1 55  ILE n 
1 56  ILE n 
1 57  PRO n 
1 58  GLY n 
1 59  PHE n 
1 60  MET n 
1 61  CYS n 
1 62  GLN n 
1 63  GLY n 
1 64  GLY n 
1 65  ASP n 
1 66  PHE n 
1 67  THR n 
1 68  ARG n 
1 69  HIS n 
1 70  ASN n 
1 71  GLY n 
1 72  THR n 
1 73  GLY n 
1 74  GLY n 
1 75  LYS n 
1 76  SER n 
1 77  ILE n 
1 78  TYR n 
1 79  GLY n 
1 80  GLU n 
1 81  LYS n 
1 82  PHE n 
1 83  GLU n 
1 84  ASP n 
1 85  GLU n 
1 86  ASN n 
1 87  PHE n 
1 88  ILE n 
1 89  LEU n 
1 90  LYS n 
1 91  HIS n 
1 92  THR n 
1 93  GLY n 
1 94  PRO n 
1 95  GLY n 
1 96  ILE n 
1 97  LEU n 
1 98  SER n 
1 99  MET n 
1 100 ALA n 
1 101 ASN n 
1 102 ALA n 
1 103 GLY n 
1 104 PRO n 
1 105 ASN n 
1 106 THR n 
1 107 ASN n 
1 108 GLY n 
1 109 SER n 
1 110 GLN n 
1 111 PHE n 
1 112 PHE n 
1 113 ILE n 
1 114 CYS n 
1 115 THR n 
1 116 ALA n 
1 117 LYS n 
1 118 THR n 
1 119 GLU n 
1 120 TRP n 
1 121 LEU n 
1 122 ASP n 
1 123 GLY n 
1 124 LYS n 
1 125 HIS n 
1 126 VAL n 
1 127 VAL n 
1 128 PHE n 
1 129 GLY n 
1 130 LYS n 
1 131 VAL n 
1 132 LYS n 
1 133 GLU n 
1 134 GLY n 
1 135 MET n 
1 136 ASN n 
1 137 ILE n 
1 138 VAL n 
1 139 GLU n 
1 140 ALA n 
1 141 MET n 
1 142 GLU n 
1 143 ARG n 
1 144 PHE n 
1 145 GLY n 
1 146 SER n 
1 147 ARG n 
1 148 ASN n 
1 149 GLY n 
1 150 LYS n 
1 151 THR n 
1 152 SER n 
1 153 LYS n 
1 154 LYS n 
1 155 ILE n 
1 156 THR n 
1 157 ILE n 
1 158 ALA n 
1 159 ASP n 
1 160 CYS n 
1 161 GLY n 
1 162 GLN n 
1 163 LEU n 
1 164 GLU n 
# 
_entity_src_gen.entity_id                          1 
_entity_src_gen.pdbx_src_id                        1 
_entity_src_gen.pdbx_alt_source_flag               sample 
_entity_src_gen.pdbx_seq_type                      ? 
_entity_src_gen.pdbx_beg_seq_num                   ? 
_entity_src_gen.pdbx_end_seq_num                   ? 
_entity_src_gen.gene_src_common_name               human 
_entity_src_gen.gene_src_genus                     Homo 
_entity_src_gen.pdbx_gene_src_gene                 CYCLOPHILIN 
_entity_src_gen.gene_src_species                   ? 
_entity_src_gen.gene_src_strain                    ? 
_entity_src_gen.gene_src_tissue                    ? 
_entity_src_gen.gene_src_tissue_fraction           ? 
_entity_src_gen.gene_src_details                   ? 
_entity_src_gen.pdbx_gene_src_fragment             ? 
_entity_src_gen.pdbx_gene_src_scientific_name      'Homo sapiens' 
_entity_src_gen.pdbx_gene_src_ncbi_taxonomy_id     9606 
_entity_src_gen.pdbx_gene_src_variant              ? 
_entity_src_gen.pdbx_gene_src_cell_line            XA90 
_entity_src_gen.pdbx_gene_src_atcc                 ? 
_entity_src_gen.pdbx_gene_src_organ                ? 
_entity_src_gen.pdbx_gene_src_organelle            ? 
_entity_src_gen.pdbx_gene_src_cell                 ? 
_entity_src_gen.pdbx_gene_src_cellular_location    ? 
_entity_src_gen.host_org_common_name               ? 
_entity_src_gen.pdbx_host_org_scientific_name      'Escherichia coli' 
_entity_src_gen.pdbx_host_org_ncbi_taxonomy_id     562 
_entity_src_gen.host_org_genus                     Escherichia 
_entity_src_gen.pdbx_host_org_gene                 CYCLOPHILIN 
_entity_src_gen.pdbx_host_org_organ                ? 
_entity_src_gen.host_org_species                   ? 
_entity_src_gen.pdbx_host_org_tissue               ? 
_entity_src_gen.pdbx_host_org_tissue_fraction      ? 
_entity_src_gen.pdbx_host_org_strain               
;XA90 F'
;
_entity_src_gen.pdbx_host_org_variant              ? 
_entity_src_gen.pdbx_host_org_cell_line            ? 
_entity_src_gen.pdbx_host_org_atcc                 ? 
_entity_src_gen.pdbx_host_org_culture_collection   ? 
_entity_src_gen.pdbx_host_org_cell                 ? 
_entity_src_gen.pdbx_host_org_organelle            ? 
_entity_src_gen.pdbx_host_org_cellular_location    ? 
_entity_src_gen.pdbx_host_org_vector_type          ? 
_entity_src_gen.pdbx_host_org_vector               ? 
_entity_src_gen.host_org_details                   ? 
_entity_src_gen.expression_system_id               ? 
_entity_src_gen.plasmid_name                       PHN1+ 
_entity_src_gen.plasmid_details                    ? 
_entity_src_gen.pdbx_description                   ? 
# 
loop_
_chem_comp.id 
_chem_comp.type 
_chem_comp.mon_nstd_flag 
_chem_comp.name 
_chem_comp.pdbx_synonyms 
_chem_comp.formula 
_chem_comp.formula_weight 
ALA 'L-peptide linking' y ALANINE         ? 'C3 H7 N O2'     89.093  
ARG 'L-peptide linking' y ARGININE        ? 'C6 H15 N4 O2 1' 175.209 
ASN 'L-peptide linking' y ASPARAGINE      ? 'C4 H8 N2 O3'    132.118 
ASP 'L-peptide linking' y 'ASPARTIC ACID' ? 'C4 H7 N O4'     133.103 
CYS 'L-peptide linking' y CYSTEINE        ? 'C3 H7 N O2 S'   121.158 
GLN 'L-peptide linking' y GLUTAMINE       ? 'C5 H10 N2 O3'   146.144 
GLU 'L-peptide linking' y 'GLUTAMIC ACID' ? 'C5 H9 N O4'     147.129 
GLY 'peptide linking'   y GLYCINE         ? 'C2 H5 N O2'     75.067  
HIS 'L-peptide linking' y HISTIDINE       ? 'C6 H10 N3 O2 1' 156.162 
HOH non-polymer         . WATER           ? 'H2 O'           18.015  
ILE 'L-peptide linking' y ISOLEUCINE      ? 'C6 H13 N O2'    131.173 
LEU 'L-peptide linking' y LEUCINE         ? 'C6 H13 N O2'    131.173 
LYS 'L-peptide linking' y LYSINE          ? 'C6 H15 N2 O2 1' 147.195 
MET 'L-peptide linking' y METHIONINE      ? 'C5 H11 N O2 S'  149.211 
PHE 'L-peptide linking' y PHENYLALANINE   ? 'C9 H11 N O2'    165.189 
PRO 'L-peptide linking' y PROLINE         ? 'C5 H9 N O2'     115.130 
SER 'L-peptide linking' y SERINE          ? 'C3 H7 N O3'     105.093 
THR 'L-peptide linking' y THREONINE       ? 'C4 H9 N O3'     119.119 
TRP 'L-peptide linking' y TRYPTOPHAN      ? 'C11 H12 N2 O2'  204.225 
TYR 'L-peptide linking' y TYROSINE        ? 'C9 H11 N O3'    181.189 
VAL 'L-peptide linking' y VALINE          ? 'C5 H11 N O2'    117.146 
# 
loop_
_pdbx_poly_seq_scheme.asym_id 
_pdbx_poly_seq_scheme.entity_id 
_pdbx_poly_seq_scheme.seq_id 
_pdbx_poly_seq_scheme.mon_id 
_pdbx_poly_seq_scheme.ndb_seq_num 
_pdbx_poly_seq_scheme.pdb_seq_num 
_pdbx_poly_seq_scheme.auth_seq_num 
_pdbx_poly_seq_scheme.pdb_mon_id 
_pdbx_poly_seq_scheme.auth_mon_id 
_pdbx_poly_seq_scheme.pdb_strand_id 
_pdbx_poly_seq_scheme.pdb_ins_code 
_pdbx_poly_seq_scheme.hetero 
A 1 1   VAL 1   2   2   VAL VAL A . n 
A 1 2   ASN 2   3   3   ASN ASN A . n 
A 1 3   PRO 3   4   4   PRO PRO A . n 
A 1 4   THR 4   5   5   THR THR A . n 
A 1 5   VAL 5   6   6   VAL VAL A . n 
A 1 6   PHE 6   7   7   PHE PHE A . n 
A 1 7   PHE 7   8   8   PHE PHE A . n 
A 1 8   ASP 8   9   9   ASP ASP A . n 
A 1 9   ILE 9   10  10  ILE ILE A . n 
A 1 10  ALA 10  11  11  ALA ALA A . n 
A 1 11  VAL 11  12  12  VAL VAL A . n 
A 1 12  ASP 12  13  13  ASP ASP A . n 
A 1 13  GLY 13  14  14  GLY GLY A . n 
A 1 14  GLU 14  15  15  GLU GLU A . n 
A 1 15  PRO 15  16  16  PRO PRO A . n 
A 1 16  LEU 16  17  17  LEU LEU A . n 
A 1 17  GLY 17  18  18  GLY GLY A . n 
A 1 18  ARG 18  19  19  ARG ARG A . n 
A 1 19  VAL 19  20  20  VAL VAL A . n 
A 1 20  SER 20  21  21  SER SER A . n 
A 1 21  PHE 21  22  22  PHE PHE A . n 
A 1 22  GLU 22  23  23  GLU GLU A . n 
A 1 23  LEU 23  24  24  LEU LEU A . n 
A 1 24  PHE 24  25  25  PHE PHE A . n 
A 1 25  ALA 25  26  26  ALA ALA A . n 
A 1 26  ASP 26  27  27  ASP ASP A . n 
A 1 27  LYS 27  28  28  LYS LYS A . n 
A 1 28  VAL 28  29  29  VAL VAL A . n 
A 1 29  PRO 29  30  30  PRO PRO A . n 
A 1 30  LYS 30  31  31  LYS LYS A . n 
A 1 31  THR 31  32  32  THR THR A . n 
A 1 32  ALA 32  33  33  ALA ALA A . n 
A 1 33  GLU 33  34  34  GLU GLU A . n 
A 1 34  ASN 34  35  35  ASN ASN A . n 
A 1 35  PHE 35  36  36  PHE PHE A . n 
A 1 36  ARG 36  37  37  ARG ARG A . n 
A 1 37  ALA 37  38  38  ALA ALA A . n 
A 1 38  LEU 38  39  39  LEU LEU A . n 
A 1 39  SER 39  40  40  SER SER A . n 
A 1 40  THR 40  41  41  THR THR A . n 
A 1 41  GLY 41  42  42  GLY GLY A . n 
A 1 42  GLU 42  43  43  GLU GLU A . n 
A 1 43  LYS 43  44  44  LYS LYS A . n 
A 1 44  GLY 44  45  45  GLY GLY A . n 
A 1 45  PHE 45  46  46  PHE PHE A . n 
A 1 46  GLY 46  47  47  GLY GLY A . n 
A 1 47  TYR 47  48  48  TYR TYR A . n 
A 1 48  LYS 48  49  49  LYS LYS A . n 
A 1 49  GLY 49  50  50  GLY GLY A . n 
A 1 50  SER 50  51  51  SER SER A . n 
A 1 51  CYS 51  52  52  CYS CYS A . n 
A 1 52  PHE 52  53  53  PHE PHE A . n 
A 1 53  HIS 53  54  54  HIS HIS A . n 
A 1 54  ARG 54  55  55  ARG ARG A . n 
A 1 55  ILE 55  56  56  ILE ILE A . n 
A 1 56  ILE 56  57  57  ILE ILE A . n 
A 1 57  PRO 57  58  58  PRO PRO A . n 
A 1 58  GLY 58  59  59  GLY GLY A . n 
A 1 59  PHE 59  60  60  PHE PHE A . n 
A 1 60  MET 60  61  61  MET MET A . n 
A 1 61  CYS 61  62  62  CYS CYS A . n 
A 1 62  GLN 62  63  63  GLN GLN A . n 
A 1 63  GLY 63  64  64  GLY GLY A . n 
A 1 64  GLY 64  65  65  GLY GLY A . n 
A 1 65  ASP 65  66  66  ASP ASP A . n 
A 1 66  PHE 66  67  67  PHE PHE A . n 
A 1 67  THR 67  68  68  THR THR A . n 
A 1 68  ARG 68  69  69  ARG ARG A . n 
A 1 69  HIS 69  70  70  HIS HIS A . n 
A 1 70  ASN 70  71  71  ASN ASN A . n 
A 1 71  GLY 71  72  72  GLY GLY A . n 
A 1 72  THR 72  73  73  THR THR A . n 
A 1 73  GLY 73  74  74  GLY GLY A . n 
A 1 74  GLY 74  75  75  GLY GLY A . n 
A 1 75  LYS 75  76  76  LYS LYS A . n 
A 1 76  SER 76  77  77  SER SER A . n 
A 1 77  ILE 77  78  78  ILE ILE A . n 
A 1 78  TYR 78  79  79  TYR TYR A . n 
A 1 79  GLY 79  80  80  GLY GLY A . n 
A 1 80  GLU 80  81  81  GLU GLU A . n 
A 1 81  LYS 81  82  82  LYS LYS A . n 
A 1 82  PHE 82  83  83  PHE PHE A . n 
A 1 83  GLU 83  84  84  GLU GLU A . n 
A 1 84  ASP 84  85  85  ASP ASP A . n 
A 1 85  GLU 85  86  86  GLU GLU A . n 
A 1 86  ASN 86  87  87  ASN ASN A . n 
A 1 87  PHE 87  88  88  PHE PHE A . n 
A 1 88  ILE 88  89  89  ILE ILE A . n 
A 1 89  LEU 89  90  90  LEU LEU A . n 
A 1 90  LYS 90  91  91  LYS LYS A . n 
A 1 91  HIS 91  92  92  HIS HIS A . n 
A 1 92  THR 92  93  93  THR THR A . n 
A 1 93  GLY 93  94  94  GLY GLY A . n 
A 1 94  PRO 94  95  95  PRO PRO A . n 
A 1 95  GLY 95  96  96  GLY GLY A . n 
A 1 96  ILE 96  97  97  ILE ILE A . n 
A 1 97  LEU 97  98  98  LEU LEU A . n 
A 1 98  SER 98  99  99  SER SER A . n 
A 1 99  MET 99  100 100 MET MET A . n 
A 1 100 ALA 100 101 101 ALA ALA A . n 
A 1 101 ASN 101 102 102 ASN ASN A . n 
A 1 102 ALA 102 103 103 ALA ALA A . n 
A 1 103 GLY 103 104 104 GLY GLY A . n 
A 1 104 PRO 104 105 105 PRO PRO A . n 
A 1 105 ASN 105 106 106 ASN ASN A . n 
A 1 106 THR 106 107 107 THR THR A . n 
A 1 107 ASN 107 108 108 ASN ASN A . n 
A 1 108 GLY 108 109 109 GLY GLY A . n 
A 1 109 SER 109 110 110 SER SER A . n 
A 1 110 GLN 110 111 111 GLN GLN A . n 
A 1 111 PHE 111 112 112 PHE PHE A . n 
A 1 112 PHE 112 113 113 PHE PHE A . n 
A 1 113 ILE 113 114 114 ILE ILE A . n 
A 1 114 CYS 114 115 115 CYS CYS A . n 
A 1 115 THR 115 116 116 THR THR A . n 
A 1 116 ALA 116 117 117 ALA ALA A . n 
A 1 117 LYS 117 118 118 LYS LYS A . n 
A 1 118 THR 118 119 119 THR THR A . n 
A 1 119 GLU 119 120 120 GLU GLU A . n 
A 1 120 TRP 120 121 121 TRP TRP A . n 
A 1 121 LEU 121 122 122 LEU LEU A . n 
A 1 122 ASP 122 123 123 ASP ASP A . n 
A 1 123 GLY 123 124 124 GLY GLY A . n 
A 1 124 LYS 124 125 125 LYS LYS A . n 
A 1 125 HIS 125 126 126 HIS HIS A . n 
A 1 126 VAL 126 127 127 VAL VAL A . n 
A 1 127 VAL 127 128 128 VAL VAL A . n 
A 1 128 PHE 128 129 129 PHE PHE A . n 
A 1 129 GLY 129 130 130 GLY GLY A . n 
A 1 130 LYS 130 131 131 LYS LYS A . n 
A 1 131 VAL 131 132 132 VAL VAL A . n 
A 1 132 LYS 132 133 133 LYS LYS A . n 
A 1 133 GLU 133 134 134 GLU GLU A . n 
A 1 134 GLY 134 135 135 GLY GLY A . n 
A 1 135 MET 135 136 136 MET MET A . n 
A 1 136 ASN 136 137 137 ASN ASN A . n 
A 1 137 ILE 137 138 138 ILE ILE A . n 
A 1 138 VAL 138 139 139 VAL VAL A . n 
A 1 139 GLU 139 140 140 GLU GLU A . n 
A 1 140 ALA 140 141 141 ALA ALA A . n 
A 1 141 MET 141 142 142 MET MET A . n 
A 1 142 GLU 142 143 143 GLU GLU A . n 
A 1 143 ARG 143 144 144 ARG ARG A . n 
A 1 144 PHE 144 145 145 PHE PHE A . n 
A 1 145 GLY 145 146 146 GLY GLY A . n 
A 1 146 SER 146 147 147 SER SER A . n 
A 1 147 ARG 147 148 148 ARG ARG A . n 
A 1 148 ASN 148 149 149 ASN ASN A . n 
A 1 149 GLY 149 150 150 GLY GLY A . n 
A 1 150 LYS 150 151 151 LYS LYS A . n 
A 1 151 THR 151 152 152 THR THR A . n 
A 1 152 SER 152 153 153 SER SER A . n 
A 1 153 LYS 153 154 154 LYS LYS A . n 
A 1 154 LYS 154 155 155 LYS LYS A . n 
A 1 155 ILE 155 156 156 ILE ILE A . n 
A 1 156 THR 156 157 157 THR THR A . n 
A 1 157 ILE 157 158 158 ILE ILE A . n 
A 1 158 ALA 158 159 159 ALA ALA A . n 
A 1 159 ASP 159 160 160 ASP ASP A . n 
A 1 160 CYS 160 161 161 CYS CYS A . n 
A 1 161 GLY 161 162 162 GLY GLY A . n 
A 1 162 GLN 162 163 163 GLN GLN A . n 
A 1 163 LEU 163 164 164 LEU LEU A . n 
A 1 164 GLU 164 165 165 GLU GLU A . n 
# 
loop_
_pdbx_nonpoly_scheme.asym_id 
_pdbx_nonpoly_scheme.entity_id 
_pdbx_nonpoly_scheme.mon_id 
_pdbx_nonpoly_scheme.ndb_seq_num 
_pdbx_nonpoly_scheme.pdb_seq_num 
_pdbx_nonpoly_scheme.auth_seq_num 
_pdbx_nonpoly_scheme.pdb_mon_id 
_pdbx_nonpoly_scheme.auth_mon_id 
_pdbx_nonpoly_scheme.pdb_strand_id 
_pdbx_nonpoly_scheme.pdb_ins_code 
B 2 SER 1  201 201 SER SER A . 
C 3 PRO 1  202 202 PRO PRO A . 
D 4 HOH 1  203 166 HOH HOH A . 
D 4 HOH 2  204 167 HOH HOH A . 
D 4 HOH 3  205 168 HOH HOH A . 
D 4 HOH 4  206 169 HOH HOH A . 
D 4 HOH 5  207 170 HOH HOH A . 
D 4 HOH 6  208 171 HOH HOH A . 
D 4 HOH 7  209 172 HOH HOH A . 
D 4 HOH 8  210 173 HOH HOH A . 
D 4 HOH 9  211 174 HOH HOH A . 
D 4 HOH 10 212 175 HOH HOH A . 
D 4 HOH 11 213 176 HOH HOH A . 
D 4 HOH 12 214 177 HOH HOH A . 
D 4 HOH 13 215 178 HOH HOH A . 
D 4 HOH 14 216 179 HOH HOH A . 
D 4 HOH 15 217 180 HOH HOH A . 
D 4 HOH 16 218 181 HOH HOH A . 
D 4 HOH 17 219 182 HOH HOH A . 
D 4 HOH 18 220 183 HOH HOH A . 
D 4 HOH 19 221 184 HOH HOH A . 
D 4 HOH 20 222 185 HOH HOH A . 
D 4 HOH 21 223 186 HOH HOH A . 
D 4 HOH 22 224 187 HOH HOH A . 
D 4 HOH 23 225 188 HOH HOH A . 
D 4 HOH 24 226 189 HOH HOH A . 
D 4 HOH 25 227 190 HOH HOH A . 
D 4 HOH 26 228 191 HOH HOH A . 
D 4 HOH 27 229 192 HOH HOH A . 
D 4 HOH 28 230 193 HOH HOH A . 
D 4 HOH 29 231 194 HOH HOH A . 
D 4 HOH 30 232 195 HOH HOH A . 
D 4 HOH 31 233 196 HOH HOH A . 
D 4 HOH 32 234 197 HOH HOH A . 
D 4 HOH 33 235 198 HOH HOH A . 
D 4 HOH 34 236 199 HOH HOH A . 
D 4 HOH 35 237 200 HOH HOH A . 
D 4 HOH 36 238 201 HOH HOH A . 
D 4 HOH 37 239 202 HOH HOH A . 
D 4 HOH 38 240 203 HOH HOH A . 
D 4 HOH 39 241 204 HOH HOH A . 
D 4 HOH 40 242 205 HOH HOH A . 
D 4 HOH 41 243 206 HOH HOH A . 
D 4 HOH 42 244 207 HOH HOH A . 
D 4 HOH 43 245 208 HOH HOH A . 
D 4 HOH 44 246 209 HOH HOH A . 
D 4 HOH 45 247 210 HOH HOH A . 
D 4 HOH 46 248 211 HOH HOH A . 
D 4 HOH 47 249 212 HOH HOH A . 
D 4 HOH 48 250 213 HOH HOH A . 
D 4 HOH 49 251 214 HOH HOH A . 
D 4 HOH 50 252 215 HOH HOH A . 
D 4 HOH 51 253 216 HOH HOH A . 
D 4 HOH 52 254 21  HOH HOH A . 
D 4 HOH 53 255 48  HOH HOH A . 
D 4 HOH 54 256 52  HOH HOH A . 
# 
loop_
_software.name 
_software.classification 
_software.version 
_software.citation_id 
_software.pdbx_ordinal 
X-PLOR refinement       . ? 1 
RIGAKU 'data reduction' . ? 2 
RIGAKU 'data scaling'   . ? 3 
# 
_cell.entry_id           3CYH 
_cell.length_a           40.900 
_cell.length_b           52.400 
_cell.length_c           90.400 
_cell.angle_alpha        90.00 
_cell.angle_beta         90.00 
_cell.angle_gamma        90.00 
_cell.Z_PDB              4 
_cell.pdbx_unique_axis   ? 
_cell.length_a_esd       ? 
_cell.length_b_esd       ? 
_cell.length_c_esd       ? 
_cell.angle_alpha_esd    ? 
_cell.angle_beta_esd     ? 
_cell.angle_gamma_esd    ? 
# 
_symmetry.entry_id                         3CYH 
_symmetry.space_group_name_H-M             'P 21 21 21' 
_symmetry.pdbx_full_space_group_name_H-M   ? 
_symmetry.cell_setting                     ? 
_symmetry.Int_Tables_number                19 
_symmetry.space_group_name_Hall            ? 
# 
_exptl.entry_id          3CYH 
_exptl.method            'X-RAY DIFFRACTION' 
_exptl.crystals_number   ? 
# 
_exptl_crystal.id                    1 
_exptl_crystal.density_meas          ? 
_exptl_crystal.density_Matthews      2.67 
_exptl_crystal.density_percent_sol   54.00 
_exptl_crystal.description           ? 
_exptl_crystal.F_000                 ? 
_exptl_crystal.preparation           ? 
# 
_diffrn.id                     1 
_diffrn.ambient_temp           ? 
_diffrn.ambient_temp_details   ? 
_diffrn.crystal_id             1 
# 
_diffrn_detector.diffrn_id              1 
_diffrn_detector.detector               'IMAGE PLATE' 
_diffrn_detector.type                   'RIGAKU RAXIS IIC' 
_diffrn_detector.pdbx_collection_date   ? 
_diffrn_detector.details                ? 
# 
_diffrn_radiation.diffrn_id                        1 
_diffrn_radiation.wavelength_id                    1 
_diffrn_radiation.pdbx_monochromatic_or_laue_m_l   M 
_diffrn_radiation.monochromator                    ? 
_diffrn_radiation.pdbx_diffrn_protocol             ? 
_diffrn_radiation.pdbx_scattering_type             x-ray 
# 
_diffrn_radiation_wavelength.id           1 
_diffrn_radiation_wavelength.wavelength   1.5418 
_diffrn_radiation_wavelength.wt           1.0 
# 
_diffrn_source.diffrn_id                   1 
_diffrn_source.source                      ? 
_diffrn_source.type                        ? 
_diffrn_source.pdbx_synchrotron_site       ? 
_diffrn_source.pdbx_synchrotron_beamline   ? 
_diffrn_source.pdbx_wavelength             1.5418 
_diffrn_source.pdbx_wavelength_list        ? 
# 
_reflns.entry_id                     3CYH 
_reflns.observed_criterion_sigma_I   ? 
_reflns.observed_criterion_sigma_F   ? 
_reflns.d_resolution_low             ? 
_reflns.d_resolution_high            1.9 
_reflns.number_obs                   14311 
_reflns.number_all                   ? 
_reflns.percent_possible_obs         90 
_reflns.pdbx_Rmerge_I_obs            0.056 
_reflns.pdbx_Rsym_value              ? 
_reflns.pdbx_netI_over_sigmaI        ? 
_reflns.B_iso_Wilson_estimate        ? 
_reflns.pdbx_redundancy              4.0 
_reflns.R_free_details               ? 
_reflns.limit_h_max                  ? 
_reflns.limit_h_min                  ? 
_reflns.limit_k_max                  ? 
_reflns.limit_k_min                  ? 
_reflns.limit_l_max                  ? 
_reflns.limit_l_min                  ? 
_reflns.observed_criterion_F_max     ? 
_reflns.observed_criterion_F_min     ? 
_reflns.pdbx_chi_squared             ? 
_reflns.pdbx_scaling_rejects         ? 
_reflns.pdbx_diffrn_id               1 
_reflns.pdbx_ordinal                 1 
# 
_refine.entry_id                                 3CYH 
_refine.ls_number_reflns_obs                     14075 
_refine.ls_number_reflns_all                     ? 
_refine.pdbx_ls_sigma_I                          ? 
_refine.pdbx_ls_sigma_F                          2. 
_refine.pdbx_data_cutoff_high_absF               ? 
_refine.pdbx_data_cutoff_low_absF                ? 
_refine.pdbx_data_cutoff_high_rms_absF           ? 
_refine.ls_d_res_low                             8. 
_refine.ls_d_res_high                            1.9 
_refine.ls_percent_reflns_obs                    ? 
_refine.ls_R_factor_obs                          0.191 
_refine.ls_R_factor_all                          ? 
_refine.ls_R_factor_R_work                       0.191 
_refine.ls_R_factor_R_free                       ? 
_refine.ls_R_factor_R_free_error                 ? 
_refine.ls_R_factor_R_free_error_details         ? 
_refine.ls_percent_reflns_R_free                 ? 
_refine.ls_number_reflns_R_free                  ? 
_refine.ls_number_parameters                     ? 
_refine.ls_number_restraints                     ? 
_refine.occupancy_min                            ? 
_refine.occupancy_max                            ? 
_refine.B_iso_mean                               19.5 
_refine.aniso_B[1][1]                            ? 
_refine.aniso_B[2][2]                            ? 
_refine.aniso_B[3][3]                            ? 
_refine.aniso_B[1][2]                            ? 
_refine.aniso_B[1][3]                            ? 
_refine.aniso_B[2][3]                            ? 
_refine.solvent_model_details                    ? 
_refine.solvent_model_param_ksol                 ? 
_refine.solvent_model_param_bsol                 ? 
_refine.pdbx_ls_cross_valid_method               ? 
_refine.details                                  ? 
_refine.pdbx_starting_model                      ? 
_refine.pdbx_method_to_determine_struct          ? 
_refine.pdbx_isotropic_thermal_model             ? 
_refine.pdbx_stereochemistry_target_values       ? 
_refine.pdbx_stereochem_target_val_spec_case     ? 
_refine.pdbx_R_Free_selection_details            ? 
_refine.pdbx_overall_ESU_R                       ? 
_refine.pdbx_overall_ESU_R_Free                  ? 
_refine.overall_SU_ML                            ? 
_refine.overall_SU_B                             ? 
_refine.ls_redundancy_reflns_obs                 ? 
_refine.pdbx_overall_phase_error                 ? 
_refine.B_iso_min                                ? 
_refine.B_iso_max                                ? 
_refine.correlation_coeff_Fo_to_Fc               ? 
_refine.correlation_coeff_Fo_to_Fc_free          ? 
_refine.pdbx_solvent_vdw_probe_radii             ? 
_refine.pdbx_solvent_ion_probe_radii             ? 
_refine.pdbx_solvent_shrinkage_radii             ? 
_refine.overall_SU_R_Cruickshank_DPI             ? 
_refine.overall_SU_R_free                        ? 
_refine.ls_wR_factor_R_free                      ? 
_refine.ls_wR_factor_R_work                      ? 
_refine.overall_FOM_free_R_set                   ? 
_refine.overall_FOM_work_R_set                   ? 
_refine.pdbx_refine_id                           'X-RAY DIFFRACTION' 
_refine.pdbx_diffrn_id                           1 
_refine.pdbx_TLS_residual_ADP_flag               ? 
_refine.pdbx_overall_SU_R_free_Cruickshank_DPI   ? 
_refine.pdbx_overall_SU_R_Blow_DPI               ? 
_refine.pdbx_overall_SU_R_free_Blow_DPI          ? 
# 
_refine_hist.pdbx_refine_id                   'X-RAY DIFFRACTION' 
_refine_hist.cycle_id                         LAST 
_refine_hist.pdbx_number_atoms_protein        1544 
_refine_hist.pdbx_number_atoms_nucleic_acid   0 
_refine_hist.pdbx_number_atoms_ligand         18 
_refine_hist.number_atoms_solvent             162 
_refine_hist.number_atoms_total               1724 
_refine_hist.d_res_high                       1.9 
_refine_hist.d_res_low                        8. 
# 
loop_
_refine_ls_restr.type 
_refine_ls_restr.dev_ideal 
_refine_ls_restr.dev_ideal_target 
_refine_ls_restr.weight 
_refine_ls_restr.number 
_refine_ls_restr.pdbx_refine_id 
_refine_ls_restr.pdbx_restraint_function 
x_bond_d                0.014 ? ? ? 'X-RAY DIFFRACTION' ? 
x_bond_d_na             ?     ? ? ? 'X-RAY DIFFRACTION' ? 
x_bond_d_prot           ?     ? ? ? 'X-RAY DIFFRACTION' ? 
x_angle_d               ?     ? ? ? 'X-RAY DIFFRACTION' ? 
x_angle_d_na            ?     ? ? ? 'X-RAY DIFFRACTION' ? 
x_angle_d_prot          ?     ? ? ? 'X-RAY DIFFRACTION' ? 
x_angle_deg             2.90  ? ? ? 'X-RAY DIFFRACTION' ? 
x_angle_deg_na          ?     ? ? ? 'X-RAY DIFFRACTION' ? 
x_angle_deg_prot        ?     ? ? ? 'X-RAY DIFFRACTION' ? 
x_dihedral_angle_d      ?     ? ? ? 'X-RAY DIFFRACTION' ? 
x_dihedral_angle_d_na   ?     ? ? ? 'X-RAY DIFFRACTION' ? 
x_dihedral_angle_d_prot ?     ? ? ? 'X-RAY DIFFRACTION' ? 
x_improper_angle_d      ?     ? ? ? 'X-RAY DIFFRACTION' ? 
x_improper_angle_d_na   ?     ? ? ? 'X-RAY DIFFRACTION' ? 
x_improper_angle_d_prot ?     ? ? ? 'X-RAY DIFFRACTION' ? 
x_mcbond_it             ?     ? ? ? 'X-RAY DIFFRACTION' ? 
x_mcangle_it            ?     ? ? ? 'X-RAY DIFFRACTION' ? 
x_scbond_it             ?     ? ? ? 'X-RAY DIFFRACTION' ? 
x_scangle_it            ?     ? ? ? 'X-RAY DIFFRACTION' ? 
# 
_struct.entry_id                  3CYH 
_struct.title                     'CYCLOPHILIN A COMPLEXED WITH DIPEPTIDE SER-PRO' 
_struct.pdbx_model_details        ? 
_struct.pdbx_CASP_flag            ? 
_struct.pdbx_model_type_details   ? 
# 
_struct_keywords.entry_id        3CYH 
_struct_keywords.pdbx_keywords   ISOMERASE 
_struct_keywords.text            
'CYCLOPHILIN, COMPLEX, BINDING PROTEIN FOR CYCLOSPORIN A, (ISOMERASE-DIPEPTIDE) COMPLEX, ISOMERASE' 
# 
loop_
_struct_asym.id 
_struct_asym.pdbx_blank_PDB_chainid_flag 
_struct_asym.pdbx_modified 
_struct_asym.entity_id 
_struct_asym.details 
A N N 1 ? 
B N N 2 ? 
C N N 3 ? 
D N N 4 ? 
# 
_struct_ref.id                         1 
_struct_ref.db_name                    UNP 
_struct_ref.db_code                    CYPH_HUMAN 
_struct_ref.entity_id                  1 
_struct_ref.pdbx_db_accession          P05092 
_struct_ref.pdbx_align_begin           1 
_struct_ref.pdbx_seq_one_letter_code   
;VNPTVFFDIAVDGEPLGRVSFELFADKVPKTAENFRALSTGEKGFGYKGSCFHRIIPGFMCQGGDFTRHNGTGGKSIYGE
KFEDENFILKHTGPGILSMANAGPNTNGSQFFICTAKTEWLDGKHVVFGKVKEGMNIVEAMERFGSRNGKTSKKITIADC
GQLE
;
_struct_ref.pdbx_db_isoform            ? 
# 
_struct_ref_seq.align_id                      1 
_struct_ref_seq.ref_id                        1 
_struct_ref_seq.pdbx_PDB_id_code              3CYH 
_struct_ref_seq.pdbx_strand_id                A 
_struct_ref_seq.seq_align_beg                 1 
_struct_ref_seq.pdbx_seq_align_beg_ins_code   ? 
_struct_ref_seq.seq_align_end                 164 
_struct_ref_seq.pdbx_seq_align_end_ins_code   ? 
_struct_ref_seq.pdbx_db_accession             P05092 
_struct_ref_seq.db_align_beg                  1 
_struct_ref_seq.pdbx_db_align_beg_ins_code    ? 
_struct_ref_seq.db_align_end                  164 
_struct_ref_seq.pdbx_db_align_end_ins_code    ? 
_struct_ref_seq.pdbx_auth_seq_align_beg       2 
_struct_ref_seq.pdbx_auth_seq_align_end       165 
# 
_pdbx_struct_assembly.id                   1 
_pdbx_struct_assembly.details              author_defined_assembly 
_pdbx_struct_assembly.method_details       ? 
_pdbx_struct_assembly.oligomeric_details   monomeric 
_pdbx_struct_assembly.oligomeric_count     1 
# 
_pdbx_struct_assembly_gen.assembly_id       1 
_pdbx_struct_assembly_gen.oper_expression   1 
_pdbx_struct_assembly_gen.asym_id_list      A,B,C,D 
# 
_pdbx_struct_oper_list.id                   1 
_pdbx_struct_oper_list.type                 'identity operation' 
_pdbx_struct_oper_list.name                 1_555 
_pdbx_struct_oper_list.symmetry_operation   x,y,z 
_pdbx_struct_oper_list.matrix[1][1]         1.0000000000 
_pdbx_struct_oper_list.matrix[1][2]         0.0000000000 
_pdbx_struct_oper_list.matrix[1][3]         0.0000000000 
_pdbx_struct_oper_list.vector[1]            0.0000000000 
_pdbx_struct_oper_list.matrix[2][1]         0.0000000000 
_pdbx_struct_oper_list.matrix[2][2]         1.0000000000 
_pdbx_struct_oper_list.matrix[2][3]         0.0000000000 
_pdbx_struct_oper_list.vector[2]            0.0000000000 
_pdbx_struct_oper_list.matrix[3][1]         0.0000000000 
_pdbx_struct_oper_list.matrix[3][2]         0.0000000000 
_pdbx_struct_oper_list.matrix[3][3]         1.0000000000 
_pdbx_struct_oper_list.vector[3]            0.0000000000 
# 
_struct_biol.id        1 
_struct_biol.details   ? 
# 
loop_
_struct_conf.conf_type_id 
_struct_conf.id 
_struct_conf.pdbx_PDB_helix_id 
_struct_conf.beg_label_comp_id 
_struct_conf.beg_label_asym_id 
_struct_conf.beg_label_seq_id 
_struct_conf.pdbx_beg_PDB_ins_code 
_struct_conf.end_label_comp_id 
_struct_conf.end_label_asym_id 
_struct_conf.end_label_seq_id 
_struct_conf.pdbx_end_PDB_ins_code 
_struct_conf.beg_auth_comp_id 
_struct_conf.beg_auth_asym_id 
_struct_conf.beg_auth_seq_id 
_struct_conf.end_auth_comp_id 
_struct_conf.end_auth_asym_id 
_struct_conf.end_auth_seq_id 
_struct_conf.pdbx_PDB_helix_class 
_struct_conf.details 
_struct_conf.pdbx_PDB_helix_length 
HELX_P HELX_P1 H1 PHE A 24  ? VAL A 28  ? PHE A 25  VAL A 29  5 ? 5  
HELX_P HELX_P2 H2 PRO A 29  ? THR A 40  ? PRO A 30  THR A 41  1 ? 12 
HELX_P HELX_P3 H3 THR A 118 ? ASP A 122 ? THR A 119 ASP A 123 5 ? 5  
HELX_P HELX_P4 H4 GLY A 134 ? MET A 141 ? GLY A 135 MET A 142 1 ? 8  
HELX_P HELX_P5 H5 GLU A 142 ? GLY A 145 ? GLU A 143 GLY A 146 5 ? 4  
# 
_struct_conf_type.id          HELX_P 
_struct_conf_type.criteria    ? 
_struct_conf_type.reference   ? 
# 
_struct_conn.id                            covale1 
_struct_conn.conn_type_id                  covale 
_struct_conn.pdbx_leaving_atom_flag        both 
_struct_conn.pdbx_PDB_id                   ? 
_struct_conn.ptnr1_label_asym_id           B 
_struct_conn.ptnr1_label_comp_id           SER 
_struct_conn.ptnr1_label_seq_id            . 
_struct_conn.ptnr1_label_atom_id           C 
_struct_conn.pdbx_ptnr1_label_alt_id       ? 
_struct_conn.pdbx_ptnr1_PDB_ins_code       ? 
_struct_conn.pdbx_ptnr1_standard_comp_id   ? 
_struct_conn.ptnr1_symmetry                1_555 
_struct_conn.ptnr2_label_asym_id           C 
_struct_conn.ptnr2_label_comp_id           PRO 
_struct_conn.ptnr2_label_seq_id            . 
_struct_conn.ptnr2_label_atom_id           N 
_struct_conn.pdbx_ptnr2_label_alt_id       ? 
_struct_conn.pdbx_ptnr2_PDB_ins_code       ? 
_struct_conn.ptnr1_auth_asym_id            A 
_struct_conn.ptnr1_auth_comp_id            SER 
_struct_conn.ptnr1_auth_seq_id             201 
_struct_conn.ptnr2_auth_asym_id            A 
_struct_conn.ptnr2_auth_comp_id            PRO 
_struct_conn.ptnr2_auth_seq_id             202 
_struct_conn.ptnr2_symmetry                1_555 
_struct_conn.pdbx_ptnr3_label_atom_id      ? 
_struct_conn.pdbx_ptnr3_label_seq_id       ? 
_struct_conn.pdbx_ptnr3_label_comp_id      ? 
_struct_conn.pdbx_ptnr3_label_asym_id      ? 
_struct_conn.pdbx_ptnr3_label_alt_id       ? 
_struct_conn.pdbx_ptnr3_PDB_ins_code       ? 
_struct_conn.details                       ? 
_struct_conn.pdbx_dist_value               1.341 
_struct_conn.pdbx_value_order              ? 
_struct_conn.pdbx_role                     ? 
# 
_struct_conn_type.id          covale 
_struct_conn_type.criteria    ? 
_struct_conn_type.reference   ? 
# 
_struct_sheet.id               A 
_struct_sheet.type             ? 
_struct_sheet.number_strands   8 
_struct_sheet.details          ? 
# 
loop_
_struct_sheet_order.sheet_id 
_struct_sheet_order.range_id_1 
_struct_sheet_order.range_id_2 
_struct_sheet_order.offset 
_struct_sheet_order.sense 
A 1 2 ? anti-parallel 
A 2 3 ? anti-parallel 
A 3 4 ? anti-parallel 
A 4 5 ? anti-parallel 
A 5 6 ? anti-parallel 
A 6 7 ? anti-parallel 
A 7 8 ? anti-parallel 
# 
loop_
_struct_sheet_range.sheet_id 
_struct_sheet_range.id 
_struct_sheet_range.beg_label_comp_id 
_struct_sheet_range.beg_label_asym_id 
_struct_sheet_range.beg_label_seq_id 
_struct_sheet_range.pdbx_beg_PDB_ins_code 
_struct_sheet_range.end_label_comp_id 
_struct_sheet_range.end_label_asym_id 
_struct_sheet_range.end_label_seq_id 
_struct_sheet_range.pdbx_end_PDB_ins_code 
_struct_sheet_range.beg_auth_comp_id 
_struct_sheet_range.beg_auth_asym_id 
_struct_sheet_range.beg_auth_seq_id 
_struct_sheet_range.end_auth_comp_id 
_struct_sheet_range.end_auth_asym_id 
_struct_sheet_range.end_auth_seq_id 
A 1 ILE A 155 ? GLN A 162 ? ILE A 156 GLN A 163 
A 2 THR A 4   ? VAL A 11  ? THR A 5   VAL A 12  
A 3 GLU A 14  ? LEU A 23  ? GLU A 15  LEU A 24  
A 4 VAL A 127 ? GLU A 133 ? VAL A 128 GLU A 134 
A 5 ILE A 96  ? MET A 99  ? ILE A 97  MET A 100 
A 6 PHE A 111 ? CYS A 114 ? PHE A 112 CYS A 115 
A 7 MET A 60  ? GLY A 63  ? MET A 61  GLY A 64  
A 8 PHE A 52  ? ILE A 56  ? PHE A 53  ILE A 57  
# 
loop_
_pdbx_struct_sheet_hbond.sheet_id 
_pdbx_struct_sheet_hbond.range_id_1 
_pdbx_struct_sheet_hbond.range_id_2 
_pdbx_struct_sheet_hbond.range_1_label_atom_id 
_pdbx_struct_sheet_hbond.range_1_label_comp_id 
_pdbx_struct_sheet_hbond.range_1_label_asym_id 
_pdbx_struct_sheet_hbond.range_1_label_seq_id 
_pdbx_struct_sheet_hbond.range_1_PDB_ins_code 
_pdbx_struct_sheet_hbond.range_1_auth_atom_id 
_pdbx_struct_sheet_hbond.range_1_auth_comp_id 
_pdbx_struct_sheet_hbond.range_1_auth_asym_id 
_pdbx_struct_sheet_hbond.range_1_auth_seq_id 
_pdbx_struct_sheet_hbond.range_2_label_atom_id 
_pdbx_struct_sheet_hbond.range_2_label_comp_id 
_pdbx_struct_sheet_hbond.range_2_label_asym_id 
_pdbx_struct_sheet_hbond.range_2_label_seq_id 
_pdbx_struct_sheet_hbond.range_2_PDB_ins_code 
_pdbx_struct_sheet_hbond.range_2_auth_atom_id 
_pdbx_struct_sheet_hbond.range_2_auth_comp_id 
_pdbx_struct_sheet_hbond.range_2_auth_asym_id 
_pdbx_struct_sheet_hbond.range_2_auth_seq_id 
A 1 2 O THR A 156 ? O THR A 157 N ALA A 10  ? N ALA A 11  
A 2 3 O VAL A 5   ? O VAL A 6   N PHE A 21  ? N PHE A 22  
A 3 4 O SER A 20  ? O SER A 21  N GLU A 133 ? N GLU A 134 
A 4 5 O PHE A 128 ? O PHE A 129 N LEU A 97  ? N LEU A 98  
A 5 6 O SER A 98  ? O SER A 99  N PHE A 112 ? N PHE A 113 
A 6 7 O PHE A 111 ? O PHE A 112 N GLY A 63  ? N GLY A 64  
A 7 8 O MET A 60  ? O MET A 61  N ILE A 56  ? N ILE A 57  
# 
loop_
_struct_site.id 
_struct_site.pdbx_evidence_code 
_struct_site.pdbx_auth_asym_id 
_struct_site.pdbx_auth_comp_id 
_struct_site.pdbx_auth_seq_id 
_struct_site.pdbx_auth_ins_code 
_struct_site.pdbx_num_residues 
_struct_site.details 
AC1 Software A SER 201 ? 5 'BINDING SITE FOR RESIDUE SER A 201' 
AC2 Software A PRO 202 ? 7 'BINDING SITE FOR RESIDUE PRO A 202' 
# 
loop_
_struct_site_gen.id 
_struct_site_gen.site_id 
_struct_site_gen.pdbx_num_res 
_struct_site_gen.label_comp_id 
_struct_site_gen.label_asym_id 
_struct_site_gen.label_seq_id 
_struct_site_gen.pdbx_auth_ins_code 
_struct_site_gen.auth_comp_id 
_struct_site_gen.auth_asym_id 
_struct_site_gen.auth_seq_id 
_struct_site_gen.label_atom_id 
_struct_site_gen.label_alt_id 
_struct_site_gen.symmetry 
_struct_site_gen.details 
1  AC1 5 ALA A 100 ? ALA A 101 . ? 1_555 ? 
2  AC1 5 ASN A 101 ? ASN A 102 . ? 1_555 ? 
3  AC1 5 HIS A 125 ? HIS A 126 . ? 1_555 ? 
4  AC1 5 PRO C .   ? PRO A 202 . ? 1_555 ? 
5  AC1 5 HOH D .   ? HOH A 256 . ? 1_555 ? 
6  AC2 7 ARG A 54  ? ARG A 55  . ? 1_555 ? 
7  AC2 7 PHE A 59  ? PHE A 60  . ? 1_555 ? 
8  AC2 7 GLN A 62  ? GLN A 63  . ? 1_555 ? 
9  AC2 7 PHE A 112 ? PHE A 113 . ? 1_555 ? 
10 AC2 7 SER B .   ? SER A 201 . ? 1_555 ? 
11 AC2 7 HOH D .   ? HOH A 254 . ? 1_555 ? 
12 AC2 7 HOH D .   ? HOH A 256 . ? 1_555 ? 
# 
loop_
_pdbx_validate_rmsd_bond.id 
_pdbx_validate_rmsd_bond.PDB_model_num 
_pdbx_validate_rmsd_bond.auth_atom_id_1 
_pdbx_validate_rmsd_bond.auth_asym_id_1 
_pdbx_validate_rmsd_bond.auth_comp_id_1 
_pdbx_validate_rmsd_bond.auth_seq_id_1 
_pdbx_validate_rmsd_bond.PDB_ins_code_1 
_pdbx_validate_rmsd_bond.label_alt_id_1 
_pdbx_validate_rmsd_bond.auth_atom_id_2 
_pdbx_validate_rmsd_bond.auth_asym_id_2 
_pdbx_validate_rmsd_bond.auth_comp_id_2 
_pdbx_validate_rmsd_bond.auth_seq_id_2 
_pdbx_validate_rmsd_bond.PDB_ins_code_2 
_pdbx_validate_rmsd_bond.label_alt_id_2 
_pdbx_validate_rmsd_bond.bond_value 
_pdbx_validate_rmsd_bond.bond_target_value 
_pdbx_validate_rmsd_bond.bond_deviation 
_pdbx_validate_rmsd_bond.bond_standard_deviation 
_pdbx_validate_rmsd_bond.linker_flag 
1 1 NE2 A HIS 54  ? ? CD2 A HIS 54  ? ? 1.287 1.373 -0.086 0.011 N 
2 1 NE2 A HIS 70  ? ? CD2 A HIS 70  ? ? 1.301 1.373 -0.072 0.011 N 
3 1 NE2 A HIS 126 ? ? CD2 A HIS 126 ? ? 1.305 1.373 -0.068 0.011 N 
# 
loop_
_pdbx_validate_rmsd_angle.id 
_pdbx_validate_rmsd_angle.PDB_model_num 
_pdbx_validate_rmsd_angle.auth_atom_id_1 
_pdbx_validate_rmsd_angle.auth_asym_id_1 
_pdbx_validate_rmsd_angle.auth_comp_id_1 
_pdbx_validate_rmsd_angle.auth_seq_id_1 
_pdbx_validate_rmsd_angle.PDB_ins_code_1 
_pdbx_validate_rmsd_angle.label_alt_id_1 
_pdbx_validate_rmsd_angle.auth_atom_id_2 
_pdbx_validate_rmsd_angle.auth_asym_id_2 
_pdbx_validate_rmsd_angle.auth_comp_id_2 
_pdbx_validate_rmsd_angle.auth_seq_id_2 
_pdbx_validate_rmsd_angle.PDB_ins_code_2 
_pdbx_validate_rmsd_angle.label_alt_id_2 
_pdbx_validate_rmsd_angle.auth_atom_id_3 
_pdbx_validate_rmsd_angle.auth_asym_id_3 
_pdbx_validate_rmsd_angle.auth_comp_id_3 
_pdbx_validate_rmsd_angle.auth_seq_id_3 
_pdbx_validate_rmsd_angle.PDB_ins_code_3 
_pdbx_validate_rmsd_angle.label_alt_id_3 
_pdbx_validate_rmsd_angle.angle_value 
_pdbx_validate_rmsd_angle.angle_target_value 
_pdbx_validate_rmsd_angle.angle_deviation 
_pdbx_validate_rmsd_angle.angle_standard_deviation 
_pdbx_validate_rmsd_angle.linker_flag 
1 1 CB  A PHE 8   ? ? CG  A PHE 8   ? ? CD2 A PHE 8   ? ? 116.58 120.80 -4.22  0.70 N 
2 1 NE  A ARG 19  ? ? CZ  A ARG 19  ? ? NH2 A ARG 19  ? ? 116.73 120.30 -3.57  0.50 N 
3 1 CG  A ARG 69  ? ? CD  A ARG 69  ? ? NE  A ARG 69  ? ? 94.70  111.80 -17.10 2.10 N 
4 1 CD1 A TRP 121 ? ? CG  A TRP 121 ? ? CD2 A TRP 121 ? ? 111.24 106.30 4.94   0.80 N 
5 1 CE2 A TRP 121 ? ? CD2 A TRP 121 ? ? CG  A TRP 121 ? ? 102.17 107.30 -5.13  0.80 N 
# 
loop_
_pdbx_validate_torsion.id 
_pdbx_validate_torsion.PDB_model_num 
_pdbx_validate_torsion.auth_comp_id 
_pdbx_validate_torsion.auth_asym_id 
_pdbx_validate_torsion.auth_seq_id 
_pdbx_validate_torsion.PDB_ins_code 
_pdbx_validate_torsion.label_alt_id 
_pdbx_validate_torsion.phi 
_pdbx_validate_torsion.psi 
1 1 PHE A 60 ? ? -124.38 -67.80 
2 1 ASN A 71 ? ? -150.92 6.61   
# 
loop_
_pdbx_validate_planes.id 
_pdbx_validate_planes.PDB_model_num 
_pdbx_validate_planes.auth_comp_id 
_pdbx_validate_planes.auth_asym_id 
_pdbx_validate_planes.auth_seq_id 
_pdbx_validate_planes.PDB_ins_code 
_pdbx_validate_planes.label_alt_id 
_pdbx_validate_planes.rmsd 
_pdbx_validate_planes.type 
1 1 HIS A 70  ? ? 0.107 'SIDE CHAIN' 
2 1 PHE A 112 ? ? 0.085 'SIDE CHAIN' 
# 
_pdbx_entry_details.entry_id                 3CYH 
_pdbx_entry_details.nonpolymer_details       'THE RESIDUES 201 AND 202 REPRESENT A DIPEPTIDE BOUND TO CYCLOPHILIN A' 
_pdbx_entry_details.compound_details         ? 
_pdbx_entry_details.source_details           ? 
_pdbx_entry_details.sequence_details         ? 
_pdbx_entry_details.has_ligand_of_interest   ? 
# 
loop_
_chem_comp_atom.comp_id 
_chem_comp_atom.atom_id 
_chem_comp_atom.type_symbol 
_chem_comp_atom.pdbx_aromatic_flag 
_chem_comp_atom.pdbx_stereo_config 
_chem_comp_atom.pdbx_ordinal 
ALA N    N N N 1   
ALA CA   C N S 2   
ALA C    C N N 3   
ALA O    O N N 4   
ALA CB   C N N 5   
ALA OXT  O N N 6   
ALA H    H N N 7   
ALA H2   H N N 8   
ALA HA   H N N 9   
ALA HB1  H N N 10  
ALA HB2  H N N 11  
ALA HB3  H N N 12  
ALA HXT  H N N 13  
ARG N    N N N 14  
ARG CA   C N S 15  
ARG C    C N N 16  
ARG O    O N N 17  
ARG CB   C N N 18  
ARG CG   C N N 19  
ARG CD   C N N 20  
ARG NE   N N N 21  
ARG CZ   C N N 22  
ARG NH1  N N N 23  
ARG NH2  N N N 24  
ARG OXT  O N N 25  
ARG H    H N N 26  
ARG H2   H N N 27  
ARG HA   H N N 28  
ARG HB2  H N N 29  
ARG HB3  H N N 30  
ARG HG2  H N N 31  
ARG HG3  H N N 32  
ARG HD2  H N N 33  
ARG HD3  H N N 34  
ARG HE   H N N 35  
ARG HH11 H N N 36  
ARG HH12 H N N 37  
ARG HH21 H N N 38  
ARG HH22 H N N 39  
ARG HXT  H N N 40  
ASN N    N N N 41  
ASN CA   C N S 42  
ASN C    C N N 43  
ASN O    O N N 44  
ASN CB   C N N 45  
ASN CG   C N N 46  
ASN OD1  O N N 47  
ASN ND2  N N N 48  
ASN OXT  O N N 49  
ASN H    H N N 50  
ASN H2   H N N 51  
ASN HA   H N N 52  
ASN HB2  H N N 53  
ASN HB3  H N N 54  
ASN HD21 H N N 55  
ASN HD22 H N N 56  
ASN HXT  H N N 57  
ASP N    N N N 58  
ASP CA   C N S 59  
ASP C    C N N 60  
ASP O    O N N 61  
ASP CB   C N N 62  
ASP CG   C N N 63  
ASP OD1  O N N 64  
ASP OD2  O N N 65  
ASP OXT  O N N 66  
ASP H    H N N 67  
ASP H2   H N N 68  
ASP HA   H N N 69  
ASP HB2  H N N 70  
ASP HB3  H N N 71  
ASP HD2  H N N 72  
ASP HXT  H N N 73  
CYS N    N N N 74  
CYS CA   C N R 75  
CYS C    C N N 76  
CYS O    O N N 77  
CYS CB   C N N 78  
CYS SG   S N N 79  
CYS OXT  O N N 80  
CYS H    H N N 81  
CYS H2   H N N 82  
CYS HA   H N N 83  
CYS HB2  H N N 84  
CYS HB3  H N N 85  
CYS HG   H N N 86  
CYS HXT  H N N 87  
GLN N    N N N 88  
GLN CA   C N S 89  
GLN C    C N N 90  
GLN O    O N N 91  
GLN CB   C N N 92  
GLN CG   C N N 93  
GLN CD   C N N 94  
GLN OE1  O N N 95  
GLN NE2  N N N 96  
GLN OXT  O N N 97  
GLN H    H N N 98  
GLN H2   H N N 99  
GLN HA   H N N 100 
GLN HB2  H N N 101 
GLN HB3  H N N 102 
GLN HG2  H N N 103 
GLN HG3  H N N 104 
GLN HE21 H N N 105 
GLN HE22 H N N 106 
GLN HXT  H N N 107 
GLU N    N N N 108 
GLU CA   C N S 109 
GLU C    C N N 110 
GLU O    O N N 111 
GLU CB   C N N 112 
GLU CG   C N N 113 
GLU CD   C N N 114 
GLU OE1  O N N 115 
GLU OE2  O N N 116 
GLU OXT  O N N 117 
GLU H    H N N 118 
GLU H2   H N N 119 
GLU HA   H N N 120 
GLU HB2  H N N 121 
GLU HB3  H N N 122 
GLU HG2  H N N 123 
GLU HG3  H N N 124 
GLU HE2  H N N 125 
GLU HXT  H N N 126 
GLY N    N N N 127 
GLY CA   C N N 128 
GLY C    C N N 129 
GLY O    O N N 130 
GLY OXT  O N N 131 
GLY H    H N N 132 
GLY H2   H N N 133 
GLY HA2  H N N 134 
GLY HA3  H N N 135 
GLY HXT  H N N 136 
HIS N    N N N 137 
HIS CA   C N S 138 
HIS C    C N N 139 
HIS O    O N N 140 
HIS CB   C N N 141 
HIS CG   C Y N 142 
HIS ND1  N Y N 143 
HIS CD2  C Y N 144 
HIS CE1  C Y N 145 
HIS NE2  N Y N 146 
HIS OXT  O N N 147 
HIS H    H N N 148 
HIS H2   H N N 149 
HIS HA   H N N 150 
HIS HB2  H N N 151 
HIS HB3  H N N 152 
HIS HD1  H N N 153 
HIS HD2  H N N 154 
HIS HE1  H N N 155 
HIS HE2  H N N 156 
HIS HXT  H N N 157 
HOH O    O N N 158 
HOH H1   H N N 159 
HOH H2   H N N 160 
ILE N    N N N 161 
ILE CA   C N S 162 
ILE C    C N N 163 
ILE O    O N N 164 
ILE CB   C N S 165 
ILE CG1  C N N 166 
ILE CG2  C N N 167 
ILE CD1  C N N 168 
ILE OXT  O N N 169 
ILE H    H N N 170 
ILE H2   H N N 171 
ILE HA   H N N 172 
ILE HB   H N N 173 
ILE HG12 H N N 174 
ILE HG13 H N N 175 
ILE HG21 H N N 176 
ILE HG22 H N N 177 
ILE HG23 H N N 178 
ILE HD11 H N N 179 
ILE HD12 H N N 180 
ILE HD13 H N N 181 
ILE HXT  H N N 182 
LEU N    N N N 183 
LEU CA   C N S 184 
LEU C    C N N 185 
LEU O    O N N 186 
LEU CB   C N N 187 
LEU CG   C N N 188 
LEU CD1  C N N 189 
LEU CD2  C N N 190 
LEU OXT  O N N 191 
LEU H    H N N 192 
LEU H2   H N N 193 
LEU HA   H N N 194 
LEU HB2  H N N 195 
LEU HB3  H N N 196 
LEU HG   H N N 197 
LEU HD11 H N N 198 
LEU HD12 H N N 199 
LEU HD13 H N N 200 
LEU HD21 H N N 201 
LEU HD22 H N N 202 
LEU HD23 H N N 203 
LEU HXT  H N N 204 
LYS N    N N N 205 
LYS CA   C N S 206 
LYS C    C N N 207 
LYS O    O N N 208 
LYS CB   C N N 209 
LYS CG   C N N 210 
LYS CD   C N N 211 
LYS CE   C N N 212 
LYS NZ   N N N 213 
LYS OXT  O N N 214 
LYS H    H N N 215 
LYS H2   H N N 216 
LYS HA   H N N 217 
LYS HB2  H N N 218 
LYS HB3  H N N 219 
LYS HG2  H N N 220 
LYS HG3  H N N 221 
LYS HD2  H N N 222 
LYS HD3  H N N 223 
LYS HE2  H N N 224 
LYS HE3  H N N 225 
LYS HZ1  H N N 226 
LYS HZ2  H N N 227 
LYS HZ3  H N N 228 
LYS HXT  H N N 229 
MET N    N N N 230 
MET CA   C N S 231 
MET C    C N N 232 
MET O    O N N 233 
MET CB   C N N 234 
MET CG   C N N 235 
MET SD   S N N 236 
MET CE   C N N 237 
MET OXT  O N N 238 
MET H    H N N 239 
MET H2   H N N 240 
MET HA   H N N 241 
MET HB2  H N N 242 
MET HB3  H N N 243 
MET HG2  H N N 244 
MET HG3  H N N 245 
MET HE1  H N N 246 
MET HE2  H N N 247 
MET HE3  H N N 248 
MET HXT  H N N 249 
PHE N    N N N 250 
PHE CA   C N S 251 
PHE C    C N N 252 
PHE O    O N N 253 
PHE CB   C N N 254 
PHE CG   C Y N 255 
PHE CD1  C Y N 256 
PHE CD2  C Y N 257 
PHE CE1  C Y N 258 
PHE CE2  C Y N 259 
PHE CZ   C Y N 260 
PHE OXT  O N N 261 
PHE H    H N N 262 
PHE H2   H N N 263 
PHE HA   H N N 264 
PHE HB2  H N N 265 
PHE HB3  H N N 266 
PHE HD1  H N N 267 
PHE HD2  H N N 268 
PHE HE1  H N N 269 
PHE HE2  H N N 270 
PHE HZ   H N N 271 
PHE HXT  H N N 272 
PRO N    N N N 273 
PRO CA   C N S 274 
PRO C    C N N 275 
PRO O    O N N 276 
PRO CB   C N N 277 
PRO CG   C N N 278 
PRO CD   C N N 279 
PRO OXT  O N N 280 
PRO H    H N N 281 
PRO HA   H N N 282 
PRO HB2  H N N 283 
PRO HB3  H N N 284 
PRO HG2  H N N 285 
PRO HG3  H N N 286 
PRO HD2  H N N 287 
PRO HD3  H N N 288 
PRO HXT  H N N 289 
SER N    N N N 290 
SER CA   C N S 291 
SER C    C N N 292 
SER O    O N N 293 
SER CB   C N N 294 
SER OG   O N N 295 
SER OXT  O N N 296 
SER H    H N N 297 
SER H2   H N N 298 
SER HA   H N N 299 
SER HB2  H N N 300 
SER HB3  H N N 301 
SER HG   H N N 302 
SER HXT  H N N 303 
THR N    N N N 304 
THR CA   C N S 305 
THR C    C N N 306 
THR O    O N N 307 
THR CB   C N R 308 
THR OG1  O N N 309 
THR CG2  C N N 310 
THR OXT  O N N 311 
THR H    H N N 312 
THR H2   H N N 313 
THR HA   H N N 314 
THR HB   H N N 315 
THR HG1  H N N 316 
THR HG21 H N N 317 
THR HG22 H N N 318 
THR HG23 H N N 319 
THR HXT  H N N 320 
TRP N    N N N 321 
TRP CA   C N S 322 
TRP C    C N N 323 
TRP O    O N N 324 
TRP CB   C N N 325 
TRP CG   C Y N 326 
TRP CD1  C Y N 327 
TRP CD2  C Y N 328 
TRP NE1  N Y N 329 
TRP CE2  C Y N 330 
TRP CE3  C Y N 331 
TRP CZ2  C Y N 332 
TRP CZ3  C Y N 333 
TRP CH2  C Y N 334 
TRP OXT  O N N 335 
TRP H    H N N 336 
TRP H2   H N N 337 
TRP HA   H N N 338 
TRP HB2  H N N 339 
TRP HB3  H N N 340 
TRP HD1  H N N 341 
TRP HE1  H N N 342 
TRP HE3  H N N 343 
TRP HZ2  H N N 344 
TRP HZ3  H N N 345 
TRP HH2  H N N 346 
TRP HXT  H N N 347 
TYR N    N N N 348 
TYR CA   C N S 349 
TYR C    C N N 350 
TYR O    O N N 351 
TYR CB   C N N 352 
TYR CG   C Y N 353 
TYR CD1  C Y N 354 
TYR CD2  C Y N 355 
TYR CE1  C Y N 356 
TYR CE2  C Y N 357 
TYR CZ   C Y N 358 
TYR OH   O N N 359 
TYR OXT  O N N 360 
TYR H    H N N 361 
TYR H2   H N N 362 
TYR HA   H N N 363 
TYR HB2  H N N 364 
TYR HB3  H N N 365 
TYR HD1  H N N 366 
TYR HD2  H N N 367 
TYR HE1  H N N 368 
TYR HE2  H N N 369 
TYR HH   H N N 370 
TYR HXT  H N N 371 
VAL N    N N N 372 
VAL CA   C N S 373 
VAL C    C N N 374 
VAL O    O N N 375 
VAL CB   C N N 376 
VAL CG1  C N N 377 
VAL CG2  C N N 378 
VAL OXT  O N N 379 
VAL H    H N N 380 
VAL H2   H N N 381 
VAL HA   H N N 382 
VAL HB   H N N 383 
VAL HG11 H N N 384 
VAL HG12 H N N 385 
VAL HG13 H N N 386 
VAL HG21 H N N 387 
VAL HG22 H N N 388 
VAL HG23 H N N 389 
VAL HXT  H N N 390 
# 
loop_
_chem_comp_bond.comp_id 
_chem_comp_bond.atom_id_1 
_chem_comp_bond.atom_id_2 
_chem_comp_bond.value_order 
_chem_comp_bond.pdbx_aromatic_flag 
_chem_comp_bond.pdbx_stereo_config 
_chem_comp_bond.pdbx_ordinal 
ALA N   CA   sing N N 1   
ALA N   H    sing N N 2   
ALA N   H2   sing N N 3   
ALA CA  C    sing N N 4   
ALA CA  CB   sing N N 5   
ALA CA  HA   sing N N 6   
ALA C   O    doub N N 7   
ALA C   OXT  sing N N 8   
ALA CB  HB1  sing N N 9   
ALA CB  HB2  sing N N 10  
ALA CB  HB3  sing N N 11  
ALA OXT HXT  sing N N 12  
ARG N   CA   sing N N 13  
ARG N   H    sing N N 14  
ARG N   H2   sing N N 15  
ARG CA  C    sing N N 16  
ARG CA  CB   sing N N 17  
ARG CA  HA   sing N N 18  
ARG C   O    doub N N 19  
ARG C   OXT  sing N N 20  
ARG CB  CG   sing N N 21  
ARG CB  HB2  sing N N 22  
ARG CB  HB3  sing N N 23  
ARG CG  CD   sing N N 24  
ARG CG  HG2  sing N N 25  
ARG CG  HG3  sing N N 26  
ARG CD  NE   sing N N 27  
ARG CD  HD2  sing N N 28  
ARG CD  HD3  sing N N 29  
ARG NE  CZ   sing N N 30  
ARG NE  HE   sing N N 31  
ARG CZ  NH1  sing N N 32  
ARG CZ  NH2  doub N N 33  
ARG NH1 HH11 sing N N 34  
ARG NH1 HH12 sing N N 35  
ARG NH2 HH21 sing N N 36  
ARG NH2 HH22 sing N N 37  
ARG OXT HXT  sing N N 38  
ASN N   CA   sing N N 39  
ASN N   H    sing N N 40  
ASN N   H2   sing N N 41  
ASN CA  C    sing N N 42  
ASN CA  CB   sing N N 43  
ASN CA  HA   sing N N 44  
ASN C   O    doub N N 45  
ASN C   OXT  sing N N 46  
ASN CB  CG   sing N N 47  
ASN CB  HB2  sing N N 48  
ASN CB  HB3  sing N N 49  
ASN CG  OD1  doub N N 50  
ASN CG  ND2  sing N N 51  
ASN ND2 HD21 sing N N 52  
ASN ND2 HD22 sing N N 53  
ASN OXT HXT  sing N N 54  
ASP N   CA   sing N N 55  
ASP N   H    sing N N 56  
ASP N   H2   sing N N 57  
ASP CA  C    sing N N 58  
ASP CA  CB   sing N N 59  
ASP CA  HA   sing N N 60  
ASP C   O    doub N N 61  
ASP C   OXT  sing N N 62  
ASP CB  CG   sing N N 63  
ASP CB  HB2  sing N N 64  
ASP CB  HB3  sing N N 65  
ASP CG  OD1  doub N N 66  
ASP CG  OD2  sing N N 67  
ASP OD2 HD2  sing N N 68  
ASP OXT HXT  sing N N 69  
CYS N   CA   sing N N 70  
CYS N   H    sing N N 71  
CYS N   H2   sing N N 72  
CYS CA  C    sing N N 73  
CYS CA  CB   sing N N 74  
CYS CA  HA   sing N N 75  
CYS C   O    doub N N 76  
CYS C   OXT  sing N N 77  
CYS CB  SG   sing N N 78  
CYS CB  HB2  sing N N 79  
CYS CB  HB3  sing N N 80  
CYS SG  HG   sing N N 81  
CYS OXT HXT  sing N N 82  
GLN N   CA   sing N N 83  
GLN N   H    sing N N 84  
GLN N   H2   sing N N 85  
GLN CA  C    sing N N 86  
GLN CA  CB   sing N N 87  
GLN CA  HA   sing N N 88  
GLN C   O    doub N N 89  
GLN C   OXT  sing N N 90  
GLN CB  CG   sing N N 91  
GLN CB  HB2  sing N N 92  
GLN CB  HB3  sing N N 93  
GLN CG  CD   sing N N 94  
GLN CG  HG2  sing N N 95  
GLN CG  HG3  sing N N 96  
GLN CD  OE1  doub N N 97  
GLN CD  NE2  sing N N 98  
GLN NE2 HE21 sing N N 99  
GLN NE2 HE22 sing N N 100 
GLN OXT HXT  sing N N 101 
GLU N   CA   sing N N 102 
GLU N   H    sing N N 103 
GLU N   H2   sing N N 104 
GLU CA  C    sing N N 105 
GLU CA  CB   sing N N 106 
GLU CA  HA   sing N N 107 
GLU C   O    doub N N 108 
GLU C   OXT  sing N N 109 
GLU CB  CG   sing N N 110 
GLU CB  HB2  sing N N 111 
GLU CB  HB3  sing N N 112 
GLU CG  CD   sing N N 113 
GLU CG  HG2  sing N N 114 
GLU CG  HG3  sing N N 115 
GLU CD  OE1  doub N N 116 
GLU CD  OE2  sing N N 117 
GLU OE2 HE2  sing N N 118 
GLU OXT HXT  sing N N 119 
GLY N   CA   sing N N 120 
GLY N   H    sing N N 121 
GLY N   H2   sing N N 122 
GLY CA  C    sing N N 123 
GLY CA  HA2  sing N N 124 
GLY CA  HA3  sing N N 125 
GLY C   O    doub N N 126 
GLY C   OXT  sing N N 127 
GLY OXT HXT  sing N N 128 
HIS N   CA   sing N N 129 
HIS N   H    sing N N 130 
HIS N   H2   sing N N 131 
HIS CA  C    sing N N 132 
HIS CA  CB   sing N N 133 
HIS CA  HA   sing N N 134 
HIS C   O    doub N N 135 
HIS C   OXT  sing N N 136 
HIS CB  CG   sing N N 137 
HIS CB  HB2  sing N N 138 
HIS CB  HB3  sing N N 139 
HIS CG  ND1  sing Y N 140 
HIS CG  CD2  doub Y N 141 
HIS ND1 CE1  doub Y N 142 
HIS ND1 HD1  sing N N 143 
HIS CD2 NE2  sing Y N 144 
HIS CD2 HD2  sing N N 145 
HIS CE1 NE2  sing Y N 146 
HIS CE1 HE1  sing N N 147 
HIS NE2 HE2  sing N N 148 
HIS OXT HXT  sing N N 149 
HOH O   H1   sing N N 150 
HOH O   H2   sing N N 151 
ILE N   CA   sing N N 152 
ILE N   H    sing N N 153 
ILE N   H2   sing N N 154 
ILE CA  C    sing N N 155 
ILE CA  CB   sing N N 156 
ILE CA  HA   sing N N 157 
ILE C   O    doub N N 158 
ILE C   OXT  sing N N 159 
ILE CB  CG1  sing N N 160 
ILE CB  CG2  sing N N 161 
ILE CB  HB   sing N N 162 
ILE CG1 CD1  sing N N 163 
ILE CG1 HG12 sing N N 164 
ILE CG1 HG13 sing N N 165 
ILE CG2 HG21 sing N N 166 
ILE CG2 HG22 sing N N 167 
ILE CG2 HG23 sing N N 168 
ILE CD1 HD11 sing N N 169 
ILE CD1 HD12 sing N N 170 
ILE CD1 HD13 sing N N 171 
ILE OXT HXT  sing N N 172 
LEU N   CA   sing N N 173 
LEU N   H    sing N N 174 
LEU N   H2   sing N N 175 
LEU CA  C    sing N N 176 
LEU CA  CB   sing N N 177 
LEU CA  HA   sing N N 178 
LEU C   O    doub N N 179 
LEU C   OXT  sing N N 180 
LEU CB  CG   sing N N 181 
LEU CB  HB2  sing N N 182 
LEU CB  HB3  sing N N 183 
LEU CG  CD1  sing N N 184 
LEU CG  CD2  sing N N 185 
LEU CG  HG   sing N N 186 
LEU CD1 HD11 sing N N 187 
LEU CD1 HD12 sing N N 188 
LEU CD1 HD13 sing N N 189 
LEU CD2 HD21 sing N N 190 
LEU CD2 HD22 sing N N 191 
LEU CD2 HD23 sing N N 192 
LEU OXT HXT  sing N N 193 
LYS N   CA   sing N N 194 
LYS N   H    sing N N 195 
LYS N   H2   sing N N 196 
LYS CA  C    sing N N 197 
LYS CA  CB   sing N N 198 
LYS CA  HA   sing N N 199 
LYS C   O    doub N N 200 
LYS C   OXT  sing N N 201 
LYS CB  CG   sing N N 202 
LYS CB  HB2  sing N N 203 
LYS CB  HB3  sing N N 204 
LYS CG  CD   sing N N 205 
LYS CG  HG2  sing N N 206 
LYS CG  HG3  sing N N 207 
LYS CD  CE   sing N N 208 
LYS CD  HD2  sing N N 209 
LYS CD  HD3  sing N N 210 
LYS CE  NZ   sing N N 211 
LYS CE  HE2  sing N N 212 
LYS CE  HE3  sing N N 213 
LYS NZ  HZ1  sing N N 214 
LYS NZ  HZ2  sing N N 215 
LYS NZ  HZ3  sing N N 216 
LYS OXT HXT  sing N N 217 
MET N   CA   sing N N 218 
MET N   H    sing N N 219 
MET N   H2   sing N N 220 
MET CA  C    sing N N 221 
MET CA  CB   sing N N 222 
MET CA  HA   sing N N 223 
MET C   O    doub N N 224 
MET C   OXT  sing N N 225 
MET CB  CG   sing N N 226 
MET CB  HB2  sing N N 227 
MET CB  HB3  sing N N 228 
MET CG  SD   sing N N 229 
MET CG  HG2  sing N N 230 
MET CG  HG3  sing N N 231 
MET SD  CE   sing N N 232 
MET CE  HE1  sing N N 233 
MET CE  HE2  sing N N 234 
MET CE  HE3  sing N N 235 
MET OXT HXT  sing N N 236 
PHE N   CA   sing N N 237 
PHE N   H    sing N N 238 
PHE N   H2   sing N N 239 
PHE CA  C    sing N N 240 
PHE CA  CB   sing N N 241 
PHE CA  HA   sing N N 242 
PHE C   O    doub N N 243 
PHE C   OXT  sing N N 244 
PHE CB  CG   sing N N 245 
PHE CB  HB2  sing N N 246 
PHE CB  HB3  sing N N 247 
PHE CG  CD1  doub Y N 248 
PHE CG  CD2  sing Y N 249 
PHE CD1 CE1  sing Y N 250 
PHE CD1 HD1  sing N N 251 
PHE CD2 CE2  doub Y N 252 
PHE CD2 HD2  sing N N 253 
PHE CE1 CZ   doub Y N 254 
PHE CE1 HE1  sing N N 255 
PHE CE2 CZ   sing Y N 256 
PHE CE2 HE2  sing N N 257 
PHE CZ  HZ   sing N N 258 
PHE OXT HXT  sing N N 259 
PRO N   CA   sing N N 260 
PRO N   CD   sing N N 261 
PRO N   H    sing N N 262 
PRO CA  C    sing N N 263 
PRO CA  CB   sing N N 264 
PRO CA  HA   sing N N 265 
PRO C   O    doub N N 266 
PRO C   OXT  sing N N 267 
PRO CB  CG   sing N N 268 
PRO CB  HB2  sing N N 269 
PRO CB  HB3  sing N N 270 
PRO CG  CD   sing N N 271 
PRO CG  HG2  sing N N 272 
PRO CG  HG3  sing N N 273 
PRO CD  HD2  sing N N 274 
PRO CD  HD3  sing N N 275 
PRO OXT HXT  sing N N 276 
SER N   CA   sing N N 277 
SER N   H    sing N N 278 
SER N   H2   sing N N 279 
SER CA  C    sing N N 280 
SER CA  CB   sing N N 281 
SER CA  HA   sing N N 282 
SER C   O    doub N N 283 
SER C   OXT  sing N N 284 
SER CB  OG   sing N N 285 
SER CB  HB2  sing N N 286 
SER CB  HB3  sing N N 287 
SER OG  HG   sing N N 288 
SER OXT HXT  sing N N 289 
THR N   CA   sing N N 290 
THR N   H    sing N N 291 
THR N   H2   sing N N 292 
THR CA  C    sing N N 293 
THR CA  CB   sing N N 294 
THR CA  HA   sing N N 295 
THR C   O    doub N N 296 
THR C   OXT  sing N N 297 
THR CB  OG1  sing N N 298 
THR CB  CG2  sing N N 299 
THR CB  HB   sing N N 300 
THR OG1 HG1  sing N N 301 
THR CG2 HG21 sing N N 302 
THR CG2 HG22 sing N N 303 
THR CG2 HG23 sing N N 304 
THR OXT HXT  sing N N 305 
TRP N   CA   sing N N 306 
TRP N   H    sing N N 307 
TRP N   H2   sing N N 308 
TRP CA  C    sing N N 309 
TRP CA  CB   sing N N 310 
TRP CA  HA   sing N N 311 
TRP C   O    doub N N 312 
TRP C   OXT  sing N N 313 
TRP CB  CG   sing N N 314 
TRP CB  HB2  sing N N 315 
TRP CB  HB3  sing N N 316 
TRP CG  CD1  doub Y N 317 
TRP CG  CD2  sing Y N 318 
TRP CD1 NE1  sing Y N 319 
TRP CD1 HD1  sing N N 320 
TRP CD2 CE2  doub Y N 321 
TRP CD2 CE3  sing Y N 322 
TRP NE1 CE2  sing Y N 323 
TRP NE1 HE1  sing N N 324 
TRP CE2 CZ2  sing Y N 325 
TRP CE3 CZ3  doub Y N 326 
TRP CE3 HE3  sing N N 327 
TRP CZ2 CH2  doub Y N 328 
TRP CZ2 HZ2  sing N N 329 
TRP CZ3 CH2  sing Y N 330 
TRP CZ3 HZ3  sing N N 331 
TRP CH2 HH2  sing N N 332 
TRP OXT HXT  sing N N 333 
TYR N   CA   sing N N 334 
TYR N   H    sing N N 335 
TYR N   H2   sing N N 336 
TYR CA  C    sing N N 337 
TYR CA  CB   sing N N 338 
TYR CA  HA   sing N N 339 
TYR C   O    doub N N 340 
TYR C   OXT  sing N N 341 
TYR CB  CG   sing N N 342 
TYR CB  HB2  sing N N 343 
TYR CB  HB3  sing N N 344 
TYR CG  CD1  doub Y N 345 
TYR CG  CD2  sing Y N 346 
TYR CD1 CE1  sing Y N 347 
TYR CD1 HD1  sing N N 348 
TYR CD2 CE2  doub Y N 349 
TYR CD2 HD2  sing N N 350 
TYR CE1 CZ   doub Y N 351 
TYR CE1 HE1  sing N N 352 
TYR CE2 CZ   sing Y N 353 
TYR CE2 HE2  sing N N 354 
TYR CZ  OH   sing N N 355 
TYR OH  HH   sing N N 356 
TYR OXT HXT  sing N N 357 
VAL N   CA   sing N N 358 
VAL N   H    sing N N 359 
VAL N   H2   sing N N 360 
VAL CA  C    sing N N 361 
VAL CA  CB   sing N N 362 
VAL CA  HA   sing N N 363 
VAL C   O    doub N N 364 
VAL C   OXT  sing N N 365 
VAL CB  CG1  sing N N 366 
VAL CB  CG2  sing N N 367 
VAL CB  HB   sing N N 368 
VAL CG1 HG11 sing N N 369 
VAL CG1 HG12 sing N N 370 
VAL CG1 HG13 sing N N 371 
VAL CG2 HG21 sing N N 372 
VAL CG2 HG22 sing N N 373 
VAL CG2 HG23 sing N N 374 
VAL OXT HXT  sing N N 375 
# 
_atom_sites.entry_id                    3CYH 
_atom_sites.fract_transf_matrix[1][1]   -0.02351559 
_atom_sites.fract_transf_matrix[1][2]   -0.00668978 
_atom_sites.fract_transf_matrix[1][3]   -0.00025733 
_atom_sites.fract_transf_matrix[2][1]   -0.00508523 
_atom_sites.fract_transf_matrix[2][2]   0.01768018 
_atom_sites.fract_transf_matrix[2][3]   0.00507450 
_atom_sites.fract_transf_matrix[3][1]   -0.00069694 
_atom_sites.fract_transf_matrix[3][2]   0.00286004 
_atom_sites.fract_transf_matrix[3][3]   -0.01066313 
_atom_sites.fract_transf_vector[1]      0.390079 
_atom_sites.fract_transf_vector[2]      0.305647 
_atom_sites.fract_transf_vector[3]      0.157772 
# 
loop_
_atom_type.symbol 
C 
H 
N 
O 
S 
# 
loop_
_atom_site.group_PDB 
_atom_site.id 
_atom_site.type_symbol 
_atom_site.label_atom_id 
_atom_site.label_alt_id 
_atom_site.label_comp_id 
_atom_site.label_asym_id 
_atom_site.label_entity_id 
_atom_site.label_seq_id 
_atom_site.pdbx_PDB_ins_code 
_atom_site.Cartn_x 
_atom_site.Cartn_y 
_atom_site.Cartn_z 
_atom_site.occupancy 
_atom_site.B_iso_or_equiv 
_atom_site.pdbx_formal_charge 
_atom_site.auth_seq_id 
_atom_site.auth_comp_id 
_atom_site.auth_asym_id 
_atom_site.auth_atom_id 
_atom_site.pdbx_PDB_model_num 
ATOM   1    N N    . VAL A 1 1   ? 10.473  16.775  -3.373  1.00 49.20 ? 2   VAL A N    1 
ATOM   2    C CA   . VAL A 1 1   ? 11.622  16.613  -2.460  1.00 46.22 ? 2   VAL A CA   1 
ATOM   3    C C    . VAL A 1 1   ? 11.369  15.181  -1.993  1.00 42.89 ? 2   VAL A C    1 
ATOM   4    O O    . VAL A 1 1   ? 12.026  14.282  -2.515  1.00 44.25 ? 2   VAL A O    1 
ATOM   5    C CB   . VAL A 1 1   ? 11.601  17.584  -1.231  1.00 48.25 ? 2   VAL A CB   1 
ATOM   6    C CG1  . VAL A 1 1   ? 13.005  17.516  -0.603  1.00 48.22 ? 2   VAL A CG1  1 
ATOM   7    C CG2  . VAL A 1 1   ? 11.222  19.023  -1.607  1.00 48.65 ? 2   VAL A CG2  1 
ATOM   8    H H1   . VAL A 1 1   ? 9.523   16.564  -2.976  1.00 0.00  ? 2   VAL A H1   1 
ATOM   9    H H2   . VAL A 1 1   ? 10.386  17.679  -3.858  1.00 0.00  ? 2   VAL A H2   1 
ATOM   10   H H3   . VAL A 1 1   ? 10.521  16.032  -4.107  1.00 0.00  ? 2   VAL A H3   1 
ATOM   11   N N    . ASN A 1 2   ? 10.423  14.917  -1.075  1.00 37.05 ? 3   ASN A N    1 
ATOM   12   C CA   . ASN A 1 2   ? 9.981   13.537  -0.863  1.00 30.59 ? 3   ASN A CA   1 
ATOM   13   C C    . ASN A 1 2   ? 9.168   13.200  -2.104  1.00 27.30 ? 3   ASN A C    1 
ATOM   14   O O    . ASN A 1 2   ? 8.413   14.063  -2.572  1.00 25.96 ? 3   ASN A O    1 
ATOM   15   C CB   . ASN A 1 2   ? 9.075   13.414  0.332   1.00 28.05 ? 3   ASN A CB   1 
ATOM   16   C CG   . ASN A 1 2   ? 9.823   13.096  1.601   1.00 26.93 ? 3   ASN A CG   1 
ATOM   17   O OD1  . ASN A 1 2   ? 10.997  12.705  1.598   1.00 25.99 ? 3   ASN A OD1  1 
ATOM   18   N ND2  . ASN A 1 2   ? 9.137   13.258  2.723   1.00 26.27 ? 3   ASN A ND2  1 
ATOM   19   H H    . ASN A 1 2   ? 9.980   15.612  -0.551  1.00 0.00  ? 3   ASN A H    1 
ATOM   20   H HD21 . ASN A 1 2   ? 9.604   13.100  3.571   1.00 0.00  ? 3   ASN A HD21 1 
ATOM   21   H HD22 . ASN A 1 2   ? 8.198   13.562  2.649   1.00 0.00  ? 3   ASN A HD22 1 
ATOM   22   N N    . PRO A 1 3   ? 9.331   12.042  -2.717  1.00 24.85 ? 4   PRO A N    1 
ATOM   23   C CA   . PRO A 1 3   ? 8.664   11.705  -3.957  1.00 21.98 ? 4   PRO A CA   1 
ATOM   24   C C    . PRO A 1 3   ? 7.177   11.574  -3.824  1.00 21.46 ? 4   PRO A C    1 
ATOM   25   O O    . PRO A 1 3   ? 6.681   11.304  -2.720  1.00 21.69 ? 4   PRO A O    1 
ATOM   26   C CB   . PRO A 1 3   ? 9.353   10.441  -4.374  1.00 22.67 ? 4   PRO A CB   1 
ATOM   27   C CG   . PRO A 1 3   ? 9.792   9.826   -3.098  1.00 23.74 ? 4   PRO A CG   1 
ATOM   28   C CD   . PRO A 1 3   ? 10.316  11.039  -2.357  1.00 24.22 ? 4   PRO A CD   1 
ATOM   29   N N    . THR A 1 4   ? 6.417   11.755  -4.886  1.00 18.73 ? 5   THR A N    1 
ATOM   30   C CA   . THR A 1 4   ? 4.997   11.507  -4.853  1.00 19.44 ? 5   THR A CA   1 
ATOM   31   C C    . THR A 1 4   ? 4.690   10.426  -5.856  1.00 17.61 ? 5   THR A C    1 
ATOM   32   O O    . THR A 1 4   ? 5.205   10.561  -6.960  1.00 18.46 ? 5   THR A O    1 
ATOM   33   C CB   . THR A 1 4   ? 4.232   12.763  -5.231  1.00 21.19 ? 5   THR A CB   1 
ATOM   34   O OG1  . THR A 1 4   ? 4.631   13.691  -4.249  1.00 24.06 ? 5   THR A OG1  1 
ATOM   35   C CG2  . THR A 1 4   ? 2.716   12.654  -5.199  1.00 21.24 ? 5   THR A CG2  1 
ATOM   36   H H    . THR A 1 4   ? 6.818   12.104  -5.702  1.00 0.00  ? 5   THR A H    1 
ATOM   37   H HG1  . THR A 1 4   ? 5.537   13.986  -4.496  1.00 0.00  ? 5   THR A HG1  1 
ATOM   38   N N    . VAL A 1 5   ? 3.924   9.365   -5.603  1.00 15.08 ? 6   VAL A N    1 
ATOM   39   C CA   . VAL A 1 5   ? 3.577   8.424   -6.633  1.00 14.91 ? 6   VAL A CA   1 
ATOM   40   C C    . VAL A 1 5   ? 2.053   8.375   -6.705  1.00 14.24 ? 6   VAL A C    1 
ATOM   41   O O    . VAL A 1 5   ? 1.367   8.853   -5.788  1.00 13.68 ? 6   VAL A O    1 
ATOM   42   C CB   . VAL A 1 5   ? 4.169   7.006   -6.352  1.00 16.56 ? 6   VAL A CB   1 
ATOM   43   C CG1  . VAL A 1 5   ? 5.700   7.028   -6.461  1.00 16.73 ? 6   VAL A CG1  1 
ATOM   44   C CG2  . VAL A 1 5   ? 3.775   6.543   -4.990  1.00 19.34 ? 6   VAL A CG2  1 
ATOM   45   H H    . VAL A 1 5   ? 3.502   9.287   -4.718  1.00 0.00  ? 6   VAL A H    1 
ATOM   46   N N    . PHE A 1 6   ? 1.440   7.912   -7.790  1.00 12.23 ? 7   PHE A N    1 
ATOM   47   C CA   . PHE A 1 6   ? -0.010  7.864   -7.876  1.00 12.11 ? 7   PHE A CA   1 
ATOM   48   C C    . PHE A 1 6   ? -0.432  6.472   -8.218  1.00 11.74 ? 7   PHE A C    1 
ATOM   49   O O    . PHE A 1 6   ? 0.342   5.722   -8.825  1.00 13.92 ? 7   PHE A O    1 
ATOM   50   C CB   . PHE A 1 6   ? -0.600  8.785   -8.990  1.00 13.34 ? 7   PHE A CB   1 
ATOM   51   C CG   . PHE A 1 6   ? -0.263  8.405   -10.440 1.00 13.49 ? 7   PHE A CG   1 
ATOM   52   C CD1  . PHE A 1 6   ? 0.977   8.773   -10.980 1.00 13.94 ? 7   PHE A CD1  1 
ATOM   53   C CD2  . PHE A 1 6   ? -1.147  7.622   -11.199 1.00 14.96 ? 7   PHE A CD2  1 
ATOM   54   C CE1  . PHE A 1 6   ? 1.345   8.301   -12.242 1.00 14.40 ? 7   PHE A CE1  1 
ATOM   55   C CE2  . PHE A 1 6   ? -0.773  7.159   -12.467 1.00 14.89 ? 7   PHE A CE2  1 
ATOM   56   C CZ   . PHE A 1 6   ? 0.480   7.491   -12.977 1.00 13.40 ? 7   PHE A CZ   1 
ATOM   57   H H    . PHE A 1 6   ? 1.971   7.513   -8.512  1.00 0.00  ? 7   PHE A H    1 
ATOM   58   N N    . PHE A 1 7   ? -1.682  6.152   -7.946  1.00 10.86 ? 8   PHE A N    1 
ATOM   59   C CA   . PHE A 1 7   ? -2.264  4.921   -8.385  1.00 11.67 ? 8   PHE A CA   1 
ATOM   60   C C    . PHE A 1 7   ? -3.574  5.336   -9.057  1.00 13.67 ? 8   PHE A C    1 
ATOM   61   O O    . PHE A 1 7   ? -4.323  6.150   -8.492  1.00 13.36 ? 8   PHE A O    1 
ATOM   62   C CB   . PHE A 1 7   ? -2.654  3.979   -7.234  1.00 11.16 ? 8   PHE A CB   1 
ATOM   63   C CG   . PHE A 1 7   ? -1.585  3.216   -6.479  1.00 12.65 ? 8   PHE A CG   1 
ATOM   64   C CD1  . PHE A 1 7   ? -0.228  3.184   -6.848  1.00 13.05 ? 8   PHE A CD1  1 
ATOM   65   C CD2  . PHE A 1 7   ? -2.002  2.514   -5.343  1.00 12.64 ? 8   PHE A CD2  1 
ATOM   66   C CE1  . PHE A 1 7   ? 0.689   2.418   -6.108  1.00 12.41 ? 8   PHE A CE1  1 
ATOM   67   C CE2  . PHE A 1 7   ? -1.063  1.798   -4.593  1.00 12.11 ? 8   PHE A CE2  1 
ATOM   68   C CZ   . PHE A 1 7   ? 0.275   1.722   -4.983  1.00 10.69 ? 8   PHE A CZ   1 
ATOM   69   H H    . PHE A 1 7   ? -2.257  6.789   -7.471  1.00 0.00  ? 8   PHE A H    1 
ATOM   70   N N    . ASP A 1 8   ? -3.876  4.859   -10.265 1.00 11.06 ? 9   ASP A N    1 
ATOM   71   C CA   . ASP A 1 8   ? -5.200  5.028   -10.790 1.00 12.40 ? 9   ASP A CA   1 
ATOM   72   C C    . ASP A 1 8   ? -5.925  3.746   -10.491 1.00 12.12 ? 9   ASP A C    1 
ATOM   73   O O    . ASP A 1 8   ? -5.480  2.645   -10.843 1.00 14.43 ? 9   ASP A O    1 
ATOM   74   C CB   . ASP A 1 8   ? -5.126  5.294   -12.302 1.00 15.88 ? 9   ASP A CB   1 
ATOM   75   C CG   . ASP A 1 8   ? -4.733  6.717   -12.617 1.00 19.01 ? 9   ASP A CG   1 
ATOM   76   O OD1  . ASP A 1 8   ? -5.126  7.641   -11.919 1.00 19.39 ? 9   ASP A OD1  1 
ATOM   77   O OD2  . ASP A 1 8   ? -4.058  6.972   -13.604 1.00 22.15 ? 9   ASP A OD2  1 
ATOM   78   H H    . ASP A 1 8   ? -3.198  4.417   -10.809 1.00 0.00  ? 9   ASP A H    1 
ATOM   79   N N    . ILE A 1 9   ? -7.074  3.821   -9.836  1.00 12.63 ? 10  ILE A N    1 
ATOM   80   C CA   . ILE A 1 9   ? -7.866  2.677   -9.399  1.00 13.32 ? 10  ILE A CA   1 
ATOM   81   C C    . ILE A 1 9   ? -9.012  2.427   -10.368 1.00 15.62 ? 10  ILE A C    1 
ATOM   82   O O    . ILE A 1 9   ? -9.619  3.391   -10.853 1.00 16.50 ? 10  ILE A O    1 
ATOM   83   C CB   . ILE A 1 9   ? -8.426  2.968   -7.972  1.00 13.06 ? 10  ILE A CB   1 
ATOM   84   C CG1  . ILE A 1 9   ? -7.316  3.302   -7.002  1.00 11.07 ? 10  ILE A CG1  1 
ATOM   85   C CG2  . ILE A 1 9   ? -9.239  1.768   -7.497  1.00 13.60 ? 10  ILE A CG2  1 
ATOM   86   C CD1  . ILE A 1 9   ? -6.324  2.155   -6.820  1.00 13.61 ? 10  ILE A CD1  1 
ATOM   87   H H    . ILE A 1 9   ? -7.400  4.717   -9.631  1.00 0.00  ? 10  ILE A H    1 
ATOM   88   N N    . ALA A 1 10  ? -9.307  1.155   -10.642 1.00 16.32 ? 11  ALA A N    1 
ATOM   89   C CA   . ALA A 1 10  ? -10.402 0.689   -11.466 1.00 17.57 ? 11  ALA A CA   1 
ATOM   90   C C    . ALA A 1 10  ? -11.164 -0.318  -10.627 1.00 18.57 ? 11  ALA A C    1 
ATOM   91   O O    . ALA A 1 10  ? -10.546 -0.991  -9.814  1.00 17.22 ? 11  ALA A O    1 
ATOM   92   C CB   . ALA A 1 10  ? -9.882  -0.014  -12.689 1.00 17.14 ? 11  ALA A CB   1 
ATOM   93   H H    . ALA A 1 10  ? -8.782  0.461   -10.184 1.00 0.00  ? 11  ALA A H    1 
ATOM   94   N N    . VAL A 1 11  ? -12.477 -0.436  -10.735 1.00 19.26 ? 12  VAL A N    1 
ATOM   95   C CA   . VAL A 1 11  ? -13.305 -1.358  -9.981  1.00 20.72 ? 12  VAL A CA   1 
ATOM   96   C C    . VAL A 1 11  ? -13.907 -2.163  -11.125 1.00 23.90 ? 12  VAL A C    1 
ATOM   97   O O    . VAL A 1 11  ? -14.602 -1.569  -11.951 1.00 24.07 ? 12  VAL A O    1 
ATOM   98   C CB   . VAL A 1 11  ? -14.396 -0.591  -9.234  1.00 20.48 ? 12  VAL A CB   1 
ATOM   99   C CG1  . VAL A 1 11  ? -15.336 -1.563  -8.562  1.00 19.87 ? 12  VAL A CG1  1 
ATOM   100  C CG2  . VAL A 1 11  ? -13.766 0.327   -8.210  1.00 19.75 ? 12  VAL A CG2  1 
ATOM   101  H H    . VAL A 1 11  ? -12.948 0.087   -11.418 1.00 0.00  ? 12  VAL A H    1 
ATOM   102  N N    . ASP A 1 12  ? -13.663 -3.467  -11.237 1.00 24.63 ? 13  ASP A N    1 
ATOM   103  C CA   . ASP A 1 12  ? -14.108 -4.280  -12.358 1.00 25.85 ? 13  ASP A CA   1 
ATOM   104  C C    . ASP A 1 12  ? -13.861 -3.650  -13.715 1.00 25.72 ? 13  ASP A C    1 
ATOM   105  O O    . ASP A 1 12  ? -14.732 -3.586  -14.581 1.00 26.21 ? 13  ASP A O    1 
ATOM   106  C CB   . ASP A 1 12  ? -15.588 -4.592  -12.240 1.00 27.12 ? 13  ASP A CB   1 
ATOM   107  C CG   . ASP A 1 12  ? -15.953 -5.649  -11.242 1.00 29.77 ? 13  ASP A CG   1 
ATOM   108  O OD1  . ASP A 1 12  ? -15.114 -6.296  -10.620 1.00 30.51 ? 13  ASP A OD1  1 
ATOM   109  O OD2  . ASP A 1 12  ? -17.147 -5.790  -11.033 1.00 33.63 ? 13  ASP A OD2  1 
ATOM   110  H H    . ASP A 1 12  ? -13.188 -3.922  -10.518 1.00 0.00  ? 13  ASP A H    1 
ATOM   111  N N    . GLY A 1 13  ? -12.662 -3.145  -13.965 1.00 26.40 ? 14  GLY A N    1 
ATOM   112  C CA   . GLY A 1 13  ? -12.394 -2.498  -15.237 1.00 26.81 ? 14  GLY A CA   1 
ATOM   113  C C    . GLY A 1 13  ? -12.837 -1.038  -15.308 1.00 27.28 ? 14  GLY A C    1 
ATOM   114  O O    . GLY A 1 13  ? -12.125 -0.277  -15.951 1.00 30.06 ? 14  GLY A O    1 
ATOM   115  H H    . GLY A 1 13  ? -11.966 -3.218  -13.277 1.00 0.00  ? 14  GLY A H    1 
ATOM   116  N N    . GLU A 1 14  ? -13.918 -0.599  -14.665 1.00 28.40 ? 15  GLU A N    1 
ATOM   117  C CA   . GLU A 1 14  ? -14.389 0.788   -14.649 1.00 29.86 ? 15  GLU A CA   1 
ATOM   118  C C    . GLU A 1 14  ? -13.461 1.725   -13.893 1.00 27.98 ? 15  GLU A C    1 
ATOM   119  O O    . GLU A 1 14  ? -13.088 1.405   -12.766 1.00 26.93 ? 15  GLU A O    1 
ATOM   120  C CB   . GLU A 1 14  ? -15.724 0.983   -13.938 1.00 36.47 ? 15  GLU A CB   1 
ATOM   121  C CG   . GLU A 1 14  ? -16.971 0.228   -14.382 1.00 45.37 ? 15  GLU A CG   1 
ATOM   122  C CD   . GLU A 1 14  ? -17.397 0.612   -15.785 1.00 50.73 ? 15  GLU A CD   1 
ATOM   123  O OE1  . GLU A 1 14  ? -17.782 1.774   -15.994 1.00 53.73 ? 15  GLU A OE1  1 
ATOM   124  O OE2  . GLU A 1 14  ? -17.320 -0.252  -16.666 1.00 53.50 ? 15  GLU A OE2  1 
ATOM   125  H H    . GLU A 1 14  ? -14.493 -1.254  -14.210 1.00 0.00  ? 15  GLU A H    1 
ATOM   126  N N    . PRO A 1 15  ? -13.047 2.892   -14.383 1.00 26.66 ? 16  PRO A N    1 
ATOM   127  C CA   . PRO A 1 15  ? -12.321 3.889   -13.624 1.00 24.50 ? 16  PRO A CA   1 
ATOM   128  C C    . PRO A 1 15  ? -13.001 4.390   -12.364 1.00 22.70 ? 16  PRO A C    1 
ATOM   129  O O    . PRO A 1 15  ? -14.197 4.686   -12.340 1.00 23.56 ? 16  PRO A O    1 
ATOM   130  C CB   . PRO A 1 15  ? -12.056 4.980   -14.651 1.00 25.27 ? 16  PRO A CB   1 
ATOM   131  C CG   . PRO A 1 15  ? -11.724 4.151   -15.851 1.00 25.61 ? 16  PRO A CG   1 
ATOM   132  C CD   . PRO A 1 15  ? -12.919 3.198   -15.808 1.00 26.77 ? 16  PRO A CD   1 
ATOM   133  N N    . LEU A 1 16  ? -12.224 4.410   -11.287 1.00 18.02 ? 17  LEU A N    1 
ATOM   134  C CA   . LEU A 1 16  ? -12.696 4.999   -10.073 1.00 15.50 ? 17  LEU A CA   1 
ATOM   135  C C    . LEU A 1 16  ? -12.034 6.346   -9.904  1.00 14.69 ? 17  LEU A C    1 
ATOM   136  O O    . LEU A 1 16  ? -12.725 7.358   -9.830  1.00 17.07 ? 17  LEU A O    1 
ATOM   137  C CB   . LEU A 1 16  ? -12.369 4.107   -8.894  1.00 13.74 ? 17  LEU A CB   1 
ATOM   138  C CG   . LEU A 1 16  ? -12.932 4.538   -7.562  1.00 13.42 ? 17  LEU A CG   1 
ATOM   139  C CD1  . LEU A 1 16  ? -14.447 4.556   -7.601  1.00 13.65 ? 17  LEU A CD1  1 
ATOM   140  C CD2  . LEU A 1 16  ? -12.548 3.539   -6.527  1.00 15.15 ? 17  LEU A CD2  1 
ATOM   141  H H    . LEU A 1 16  ? -11.339 3.999   -11.329 1.00 0.00  ? 17  LEU A H    1 
ATOM   142  N N    . GLY A 1 17  ? -10.721 6.484   -9.847  1.00 13.82 ? 18  GLY A N    1 
ATOM   143  C CA   . GLY A 1 17  ? -10.117 7.754   -9.596  1.00 11.02 ? 18  GLY A CA   1 
ATOM   144  C C    . GLY A 1 17  ? -8.683  7.519   -9.238  1.00 12.42 ? 18  GLY A C    1 
ATOM   145  O O    . GLY A 1 17  ? -8.215  6.382   -9.273  1.00 12.96 ? 18  GLY A O    1 
ATOM   146  H H    . GLY A 1 17  ? -10.131 5.702   -9.927  1.00 0.00  ? 18  GLY A H    1 
ATOM   147  N N    . ARG A 1 18  ? -7.971  8.575   -8.903  1.00 12.80 ? 19  ARG A N    1 
ATOM   148  C CA   . ARG A 1 18  ? -6.551  8.581   -8.630  1.00 13.24 ? 19  ARG A CA   1 
ATOM   149  C C    . ARG A 1 18  ? -6.254  8.875   -7.148  1.00 14.74 ? 19  ARG A C    1 
ATOM   150  O O    . ARG A 1 18  ? -6.883  9.761   -6.541  1.00 14.98 ? 19  ARG A O    1 
ATOM   151  C CB   . ARG A 1 18  ? -5.911  9.651   -9.557  1.00 12.10 ? 19  ARG A CB   1 
ATOM   152  C CG   . ARG A 1 18  ? -4.460  9.807   -9.208  1.00 11.54 ? 19  ARG A CG   1 
ATOM   153  C CD   . ARG A 1 18  ? -3.782  10.728  -10.126 1.00 15.80 ? 19  ARG A CD   1 
ATOM   154  N NE   . ARG A 1 18  ? -3.644  10.005  -11.357 1.00 19.50 ? 19  ARG A NE   1 
ATOM   155  C CZ   . ARG A 1 18  ? -3.051  10.498  -12.426 1.00 20.47 ? 19  ARG A CZ   1 
ATOM   156  N NH1  . ARG A 1 18  ? -2.638  11.777  -12.432 1.00 22.87 ? 19  ARG A NH1  1 
ATOM   157  N NH2  . ARG A 1 18  ? -2.948  9.686   -13.485 1.00 21.26 ? 19  ARG A NH2  1 
ATOM   158  H H    . ARG A 1 18  ? -8.455  9.419   -8.788  1.00 0.00  ? 19  ARG A H    1 
ATOM   159  H HE   . ARG A 1 18  ? -3.987  9.078   -11.374 1.00 0.00  ? 19  ARG A HE   1 
ATOM   160  H HH11 . ARG A 1 18  ? -2.840  12.401  -11.653 1.00 0.00  ? 19  ARG A HH11 1 
ATOM   161  H HH12 . ARG A 1 18  ? -2.168  12.190  -13.205 1.00 0.00  ? 19  ARG A HH12 1 
ATOM   162  H HH21 . ARG A 1 18  ? -3.325  8.731   -13.422 1.00 0.00  ? 19  ARG A HH21 1 
ATOM   163  H HH22 . ARG A 1 18  ? -2.498  9.904   -14.347 1.00 0.00  ? 19  ARG A HH22 1 
ATOM   164  N N    . VAL A 1 19  ? -5.264  8.203   -6.559  1.00 14.86 ? 20  VAL A N    1 
ATOM   165  C CA   . VAL A 1 19  ? -4.830  8.447   -5.199  1.00 12.85 ? 20  VAL A CA   1 
ATOM   166  C C    . VAL A 1 19  ? -3.372  8.761   -5.381  1.00 11.76 ? 20  VAL A C    1 
ATOM   167  O O    . VAL A 1 19  ? -2.636  8.104   -6.102  1.00 13.45 ? 20  VAL A O    1 
ATOM   168  C CB   . VAL A 1 19  ? -4.967  7.209   -4.285  1.00 13.95 ? 20  VAL A CB   1 
ATOM   169  C CG1  . VAL A 1 19  ? -4.755  7.638   -2.831  1.00 13.82 ? 20  VAL A CG1  1 
ATOM   170  C CG2  . VAL A 1 19  ? -6.334  6.644   -4.333  1.00 14.58 ? 20  VAL A CG2  1 
ATOM   171  H H    . VAL A 1 19  ? -4.790  7.519   -7.082  1.00 0.00  ? 20  VAL A H    1 
ATOM   172  N N    . SER A 1 20  ? -2.907  9.785   -4.715  1.00 13.87 ? 21  SER A N    1 
ATOM   173  C CA   . SER A 1 20  ? -1.541  10.240  -4.768  1.00 15.37 ? 21  SER A CA   1 
ATOM   174  C C    . SER A 1 20  ? -0.929  9.976   -3.384  1.00 14.87 ? 21  SER A C    1 
ATOM   175  O O    . SER A 1 20  ? -1.632  10.185  -2.396  1.00 13.71 ? 21  SER A O    1 
ATOM   176  C CB   . SER A 1 20  ? -1.565  11.728  -5.066  1.00 15.63 ? 21  SER A CB   1 
ATOM   177  O OG   . SER A 1 20  ? -0.314  11.943  -5.656  1.00 23.58 ? 21  SER A OG   1 
ATOM   178  H H    . SER A 1 20  ? -3.499  10.208  -4.055  1.00 0.00  ? 21  SER A H    1 
ATOM   179  H HG   . SER A 1 20  ? -0.413  11.828  -6.603  1.00 0.00  ? 21  SER A HG   1 
ATOM   180  N N    . PHE A 1 21  ? 0.347   9.640   -3.233  1.00 14.88 ? 22  PHE A N    1 
ATOM   181  C CA   . PHE A 1 21  ? 0.965   9.336   -1.938  1.00 16.01 ? 22  PHE A CA   1 
ATOM   182  C C    . PHE A 1 21  ? 2.252   10.091  -1.757  1.00 17.10 ? 22  PHE A C    1 
ATOM   183  O O    . PHE A 1 21  ? 3.035   10.150  -2.705  1.00 18.15 ? 22  PHE A O    1 
ATOM   184  C CB   . PHE A 1 21  ? 1.393   7.877   -1.764  1.00 14.15 ? 22  PHE A CB   1 
ATOM   185  C CG   . PHE A 1 21  ? 0.274   6.879   -1.948  1.00 13.40 ? 22  PHE A CG   1 
ATOM   186  C CD1  . PHE A 1 21  ? -0.615  6.620   -0.909  1.00 12.81 ? 22  PHE A CD1  1 
ATOM   187  C CD2  . PHE A 1 21  ? 0.120   6.252   -3.168  1.00 13.99 ? 22  PHE A CD2  1 
ATOM   188  C CE1  . PHE A 1 21  ? -1.697  5.759   -1.122  1.00 14.01 ? 22  PHE A CE1  1 
ATOM   189  C CE2  . PHE A 1 21  ? -0.953  5.379   -3.366  1.00 14.51 ? 22  PHE A CE2  1 
ATOM   190  C CZ   . PHE A 1 21  ? -1.879  5.136   -2.354  1.00 13.34 ? 22  PHE A CZ   1 
ATOM   191  H H    . PHE A 1 21  ? 0.927   9.642   -4.026  1.00 0.00  ? 22  PHE A H    1 
ATOM   192  N N    . GLU A 1 22  ? 2.539   10.670  -0.584  1.00 18.52 ? 23  GLU A N    1 
ATOM   193  C CA   . GLU A 1 22  ? 3.856   11.228  -0.337  1.00 18.55 ? 23  GLU A CA   1 
ATOM   194  C C    . GLU A 1 22  ? 4.632   10.120  0.346   1.00 16.76 ? 23  GLU A C    1 
ATOM   195  O O    . GLU A 1 22  ? 4.092   9.508   1.269   1.00 17.13 ? 23  GLU A O    1 
ATOM   196  C CB   . GLU A 1 22  ? 3.761   12.406  0.583   1.00 20.86 ? 23  GLU A CB   1 
ATOM   197  C CG   . GLU A 1 22  ? 5.147   13.019  0.780   1.00 24.76 ? 23  GLU A CG   1 
ATOM   198  C CD   . GLU A 1 22  ? 5.170   14.192  1.738   1.00 29.64 ? 23  GLU A CD   1 
ATOM   199  O OE1  . GLU A 1 22  ? 4.153   14.882  1.891   1.00 31.32 ? 23  GLU A OE1  1 
ATOM   200  O OE2  . GLU A 1 22  ? 6.190   14.399  2.381   1.00 32.37 ? 23  GLU A OE2  1 
ATOM   201  H H    . GLU A 1 22  ? 1.897   10.624  0.146   1.00 0.00  ? 23  GLU A H    1 
ATOM   202  N N    . LEU A 1 23  ? 5.851   9.848   -0.058  1.00 13.84 ? 24  LEU A N    1 
ATOM   203  C CA   . LEU A 1 23  ? 6.632   8.826   0.556   1.00 14.60 ? 24  LEU A CA   1 
ATOM   204  C C    . LEU A 1 23  ? 7.721   9.496   1.344   1.00 15.64 ? 24  LEU A C    1 
ATOM   205  O O    . LEU A 1 23  ? 8.477   10.299  0.808   1.00 15.44 ? 24  LEU A O    1 
ATOM   206  C CB   . LEU A 1 23  ? 7.235   7.908   -0.498  1.00 15.17 ? 24  LEU A CB   1 
ATOM   207  C CG   . LEU A 1 23  ? 6.322   7.231   -1.519  1.00 15.75 ? 24  LEU A CG   1 
ATOM   208  C CD1  . LEU A 1 23  ? 7.195   6.411   -2.450  1.00 14.41 ? 24  LEU A CD1  1 
ATOM   209  C CD2  . LEU A 1 23  ? 5.266   6.376   -0.829  1.00 14.94 ? 24  LEU A CD2  1 
ATOM   210  H H    . LEU A 1 23  ? 6.255   10.416  -0.752  1.00 0.00  ? 24  LEU A H    1 
ATOM   211  N N    . PHE A 1 24  ? 7.897   9.101   2.615   1.00 17.98 ? 25  PHE A N    1 
ATOM   212  C CA   . PHE A 1 24  ? 8.808   9.728   3.554   1.00 17.94 ? 25  PHE A CA   1 
ATOM   213  C C    . PHE A 1 24  ? 10.216  9.214   3.411   1.00 18.71 ? 25  PHE A C    1 
ATOM   214  O O    . PHE A 1 24  ? 10.794  8.654   4.335   1.00 18.32 ? 25  PHE A O    1 
ATOM   215  C CB   . PHE A 1 24  ? 8.311   9.482   4.985   1.00 18.85 ? 25  PHE A CB   1 
ATOM   216  C CG   . PHE A 1 24  ? 6.910   10.009  5.245   1.00 20.33 ? 25  PHE A CG   1 
ATOM   217  C CD1  . PHE A 1 24  ? 6.518   11.266  4.775   1.00 21.06 ? 25  PHE A CD1  1 
ATOM   218  C CD2  . PHE A 1 24  ? 5.998   9.227   5.938   1.00 19.94 ? 25  PHE A CD2  1 
ATOM   219  C CE1  . PHE A 1 24  ? 5.201   11.694  4.977   1.00 21.34 ? 25  PHE A CE1  1 
ATOM   220  C CE2  . PHE A 1 24  ? 4.695   9.675   6.152   1.00 20.85 ? 25  PHE A CE2  1 
ATOM   221  C CZ   . PHE A 1 24  ? 4.280   10.899  5.656   1.00 20.31 ? 25  PHE A CZ   1 
ATOM   222  H H    . PHE A 1 24  ? 7.412   8.307   2.916   1.00 0.00  ? 25  PHE A H    1 
ATOM   223  N N    . ALA A 1 25  ? 10.831  9.441   2.264   1.00 19.35 ? 26  ALA A N    1 
ATOM   224  C CA   . ALA A 1 25  ? 12.160  8.970   2.005   1.00 19.75 ? 26  ALA A CA   1 
ATOM   225  C C    . ALA A 1 25  ? 13.123  9.660   2.909   1.00 21.23 ? 26  ALA A C    1 
ATOM   226  O O    . ALA A 1 25  ? 14.199  9.137   3.121   1.00 23.08 ? 26  ALA A O    1 
ATOM   227  C CB   . ALA A 1 25  ? 12.556  9.264   0.594   1.00 20.20 ? 26  ALA A CB   1 
ATOM   228  H H    . ALA A 1 25  ? 10.372  9.996   1.595   1.00 0.00  ? 26  ALA A H    1 
ATOM   229  N N    . ASP A 1 26  ? 12.804  10.817  3.452   1.00 25.23 ? 27  ASP A N    1 
ATOM   230  C CA   . ASP A 1 26  ? 13.657  11.441  4.448   1.00 27.45 ? 27  ASP A CA   1 
ATOM   231  C C    . ASP A 1 26  ? 13.699  10.633  5.754   1.00 28.20 ? 27  ASP A C    1 
ATOM   232  O O    . ASP A 1 26  ? 14.721  10.615  6.440   1.00 29.49 ? 27  ASP A O    1 
ATOM   233  C CB   . ASP A 1 26  ? 13.145  12.859  4.700   1.00 28.53 ? 27  ASP A CB   1 
ATOM   234  C CG   . ASP A 1 26  ? 11.777  13.034  5.342   1.00 31.09 ? 27  ASP A CG   1 
ATOM   235  O OD1  . ASP A 1 26  ? 10.891  12.178  5.264   1.00 32.06 ? 27  ASP A OD1  1 
ATOM   236  O OD2  . ASP A 1 26  ? 11.552  14.049  5.998   1.00 33.94 ? 27  ASP A OD2  1 
ATOM   237  H H    . ASP A 1 26  ? 12.005  11.306  3.155   1.00 0.00  ? 27  ASP A H    1 
ATOM   238  N N    . LYS A 1 27  ? 12.622  9.957   6.175   1.00 27.72 ? 28  LYS A N    1 
ATOM   239  C CA   . LYS A 1 27  ? 12.618  9.159   7.397   1.00 24.60 ? 28  LYS A CA   1 
ATOM   240  C C    . LYS A 1 27  ? 12.784  7.663   7.176   1.00 23.03 ? 28  LYS A C    1 
ATOM   241  O O    . LYS A 1 27  ? 13.394  6.995   8.019   1.00 23.31 ? 28  LYS A O    1 
ATOM   242  C CB   . LYS A 1 27  ? 11.333  9.420   8.174   1.00 25.52 ? 28  LYS A CB   1 
ATOM   243  C CG   . LYS A 1 27  ? 11.447  10.796  8.818   1.00 29.02 ? 28  LYS A CG   1 
ATOM   244  C CD   . LYS A 1 27  ? 10.126  11.337  9.350   1.00 33.50 ? 28  LYS A CD   1 
ATOM   245  C CE   . LYS A 1 27  ? 9.955   12.879  9.189   1.00 35.89 ? 28  LYS A CE   1 
ATOM   246  N NZ   . LYS A 1 27  ? 9.820   13.299  7.793   1.00 38.95 ? 28  LYS A NZ   1 
ATOM   247  H H    . LYS A 1 27  ? 11.824  10.019  5.610   1.00 0.00  ? 28  LYS A H    1 
ATOM   248  H HZ1  . LYS A 1 27  ? 10.652  12.994  7.226   1.00 0.00  ? 28  LYS A HZ1  1 
ATOM   249  H HZ2  . LYS A 1 27  ? 9.009   12.899  7.290   1.00 0.00  ? 28  LYS A HZ2  1 
ATOM   250  H HZ3  . LYS A 1 27  ? 9.854   14.326  7.655   1.00 0.00  ? 28  LYS A HZ3  1 
ATOM   251  N N    . VAL A 1 28  ? 12.264  7.050   6.115   1.00 20.04 ? 29  VAL A N    1 
ATOM   252  C CA   . VAL A 1 28  ? 12.452  5.616   5.901   1.00 19.65 ? 29  VAL A CA   1 
ATOM   253  C C    . VAL A 1 28  ? 12.908  5.442   4.459   1.00 20.87 ? 29  VAL A C    1 
ATOM   254  O O    . VAL A 1 28  ? 12.147  4.964   3.604   1.00 20.50 ? 29  VAL A O    1 
ATOM   255  C CB   . VAL A 1 28  ? 11.138  4.781   6.130   1.00 18.56 ? 29  VAL A CB   1 
ATOM   256  C CG1  . VAL A 1 28  ? 11.210  4.038   7.421   1.00 17.87 ? 29  VAL A CG1  1 
ATOM   257  C CG2  . VAL A 1 28  ? 9.940   5.667   6.279   1.00 19.66 ? 29  VAL A CG2  1 
ATOM   258  H H    . VAL A 1 28  ? 11.800  7.564   5.430   1.00 0.00  ? 29  VAL A H    1 
ATOM   259  N N    . PRO A 1 29  ? 14.120  5.873   4.089   1.00 21.23 ? 30  PRO A N    1 
ATOM   260  C CA   . PRO A 1 29  ? 14.614  5.810   2.727   1.00 21.50 ? 30  PRO A CA   1 
ATOM   261  C C    . PRO A 1 29  ? 14.579  4.443   2.059   1.00 22.24 ? 30  PRO A C    1 
ATOM   262  O O    . PRO A 1 29  ? 14.176  4.360   0.893   1.00 20.73 ? 30  PRO A O    1 
ATOM   263  C CB   . PRO A 1 29  ? 16.013  6.359   2.808   1.00 22.17 ? 30  PRO A CB   1 
ATOM   264  C CG   . PRO A 1 29  ? 16.399  6.101   4.235   1.00 21.87 ? 30  PRO A CG   1 
ATOM   265  C CD   . PRO A 1 29  ? 15.130  6.441   4.965   1.00 20.83 ? 30  PRO A CD   1 
ATOM   266  N N    . LYS A 1 30  ? 14.922  3.350   2.739   1.00 19.51 ? 31  LYS A N    1 
ATOM   267  C CA   . LYS A 1 30  ? 14.973  2.056   2.084   1.00 19.64 ? 31  LYS A CA   1 
ATOM   268  C C    . LYS A 1 30  ? 13.578  1.536   1.780   1.00 18.61 ? 31  LYS A C    1 
ATOM   269  O O    . LYS A 1 30  ? 13.328  0.993   0.712   1.00 17.83 ? 31  LYS A O    1 
ATOM   270  C CB   . LYS A 1 30  ? 15.740  1.076   2.984   1.00 18.37 ? 31  LYS A CB   1 
ATOM   271  C CG   . LYS A 1 30  ? 16.228  -0.181  2.318   1.00 20.19 ? 31  LYS A CG   1 
ATOM   272  C CD   . LYS A 1 30  ? 16.758  -1.214  3.309   1.00 21.62 ? 31  LYS A CD   1 
ATOM   273  C CE   . LYS A 1 30  ? 17.239  -2.450  2.551   1.00 23.62 ? 31  LYS A CE   1 
ATOM   274  N NZ   . LYS A 1 30  ? 17.652  -3.472  3.501   1.00 26.06 ? 31  LYS A NZ   1 
ATOM   275  H H    . LYS A 1 30  ? 15.065  3.404   3.712   1.00 0.00  ? 31  LYS A H    1 
ATOM   276  H HZ1  . LYS A 1 30  ? 18.111  -3.069  4.350   1.00 0.00  ? 31  LYS A HZ1  1 
ATOM   277  H HZ2  . LYS A 1 30  ? 16.849  -3.947  3.976   1.00 0.00  ? 31  LYS A HZ2  1 
ATOM   278  H HZ3  . LYS A 1 30  ? 18.254  -4.216  3.114   1.00 0.00  ? 31  LYS A HZ3  1 
ATOM   279  N N    . THR A 1 31  ? 12.632  1.706   2.690   1.00 19.31 ? 32  THR A N    1 
ATOM   280  C CA   . THR A 1 31  ? 11.262  1.244   2.539   1.00 18.99 ? 32  THR A CA   1 
ATOM   281  C C    . THR A 1 31  ? 10.584  2.113   1.473   1.00 18.29 ? 32  THR A C    1 
ATOM   282  O O    . THR A 1 31  ? 9.875   1.605   0.607   1.00 16.67 ? 32  THR A O    1 
ATOM   283  C CB   . THR A 1 31  ? 10.549  1.344   3.950   1.00 17.91 ? 32  THR A CB   1 
ATOM   284  O OG1  . THR A 1 31  ? 11.313  0.551   4.879   1.00 18.89 ? 32  THR A OG1  1 
ATOM   285  C CG2  . THR A 1 31  ? 9.120   0.855   3.933   1.00 15.48 ? 32  THR A CG2  1 
ATOM   286  H H    . THR A 1 31  ? 12.881  2.185   3.507   1.00 0.00  ? 32  THR A H    1 
ATOM   287  H HG1  . THR A 1 31  ? 12.110  1.049   5.123   1.00 0.00  ? 32  THR A HG1  1 
ATOM   288  N N    . ALA A 1 32  ? 10.758  3.444   1.499   1.00 17.86 ? 33  ALA A N    1 
ATOM   289  C CA   . ALA A 1 32  ? 10.140  4.305   0.519   1.00 17.65 ? 33  ALA A CA   1 
ATOM   290  C C    . ALA A 1 32  ? 10.681  4.036   -0.882  1.00 17.32 ? 33  ALA A C    1 
ATOM   291  O O    . ALA A 1 32  ? 9.894   3.961   -1.814  1.00 18.04 ? 33  ALA A O    1 
ATOM   292  C CB   . ALA A 1 32  ? 10.401  5.749   0.913   1.00 16.61 ? 33  ALA A CB   1 
ATOM   293  H H    . ALA A 1 32  ? 11.310  3.849   2.205   1.00 0.00  ? 33  ALA A H    1 
ATOM   294  N N    . GLU A 1 33  ? 11.978  3.805   -1.098  1.00 17.66 ? 34  GLU A N    1 
ATOM   295  C CA   . GLU A 1 33  ? 12.504  3.536   -2.419  1.00 18.82 ? 34  GLU A CA   1 
ATOM   296  C C    . GLU A 1 33  ? 11.979  2.222   -2.978  1.00 18.88 ? 34  GLU A C    1 
ATOM   297  O O    . GLU A 1 33  ? 11.721  2.113   -4.188  1.00 20.60 ? 34  GLU A O    1 
ATOM   298  C CB   . GLU A 1 33  ? 14.034  3.534   -2.345  1.00 19.96 ? 34  GLU A CB   1 
ATOM   299  C CG   . GLU A 1 33  ? 14.792  3.095   -3.609  1.00 21.62 ? 34  GLU A CG   1 
ATOM   300  C CD   . GLU A 1 33  ? 14.572  3.860   -4.908  1.00 22.92 ? 34  GLU A CD   1 
ATOM   301  O OE1  . GLU A 1 33  ? 14.089  4.984   -4.886  1.00 23.96 ? 34  GLU A OE1  1 
ATOM   302  O OE2  . GLU A 1 33  ? 14.865  3.332   -5.982  1.00 25.08 ? 34  GLU A OE2  1 
ATOM   303  H H    . GLU A 1 33  ? 12.615  3.903   -0.357  1.00 0.00  ? 34  GLU A H    1 
ATOM   304  N N    . ASN A 1 34  ? 11.756  1.230   -2.111  1.00 16.52 ? 35  ASN A N    1 
ATOM   305  C CA   . ASN A 1 34  ? 11.135  -0.006  -2.566  1.00 15.70 ? 35  ASN A CA   1 
ATOM   306  C C    . ASN A 1 34  ? 9.730   0.275   -3.125  1.00 17.02 ? 35  ASN A C    1 
ATOM   307  O O    . ASN A 1 34  ? 9.442   -0.163  -4.250  1.00 16.46 ? 35  ASN A O    1 
ATOM   308  C CB   . ASN A 1 34  ? 11.035  -1.018  -1.411  1.00 13.45 ? 35  ASN A CB   1 
ATOM   309  C CG   . ASN A 1 34  ? 10.290  -2.296  -1.766  1.00 12.68 ? 35  ASN A CG   1 
ATOM   310  O OD1  . ASN A 1 34  ? 10.735  -3.062  -2.619  1.00 13.75 ? 35  ASN A OD1  1 
ATOM   311  N ND2  . ASN A 1 34  ? 9.159   -2.622  -1.180  1.00 10.75 ? 35  ASN A ND2  1 
ATOM   312  H H    . ASN A 1 34  ? 12.025  1.342   -1.177  1.00 0.00  ? 35  ASN A H    1 
ATOM   313  H HD21 . ASN A 1 34  ? 8.730   -3.469  -1.413  1.00 0.00  ? 35  ASN A HD21 1 
ATOM   314  H HD22 . ASN A 1 34  ? 8.800   -2.003  -0.500  1.00 0.00  ? 35  ASN A HD22 1 
ATOM   315  N N    . PHE A 1 35  ? 8.851   1.030   -2.416  1.00 15.02 ? 36  PHE A N    1 
ATOM   316  C CA   . PHE A 1 35  ? 7.533   1.359   -2.914  1.00 13.95 ? 36  PHE A CA   1 
ATOM   317  C C    . PHE A 1 35  ? 7.642   2.249   -4.172  1.00 14.65 ? 36  PHE A C    1 
ATOM   318  O O    . PHE A 1 35  ? 6.928   1.963   -5.143  1.00 15.23 ? 36  PHE A O    1 
ATOM   319  C CB   . PHE A 1 35  ? 6.731   2.101   -1.853  1.00 12.59 ? 36  PHE A CB   1 
ATOM   320  C CG   . PHE A 1 35  ? 5.226   2.180   -2.133  1.00 12.41 ? 36  PHE A CG   1 
ATOM   321  C CD1  . PHE A 1 35  ? 4.400   1.135   -1.747  1.00 10.17 ? 36  PHE A CD1  1 
ATOM   322  C CD2  . PHE A 1 35  ? 4.674   3.340   -2.704  1.00 13.23 ? 36  PHE A CD2  1 
ATOM   323  C CE1  . PHE A 1 35  ? 3.026   1.280   -1.876  1.00 10.15 ? 36  PHE A CE1  1 
ATOM   324  C CE2  . PHE A 1 35  ? 3.291   3.483   -2.831  1.00 11.55 ? 36  PHE A CE2  1 
ATOM   325  C CZ   . PHE A 1 35  ? 2.467   2.455   -2.392  1.00 12.22 ? 36  PHE A CZ   1 
ATOM   326  H H    . PHE A 1 35  ? 9.120   1.358   -1.534  1.00 0.00  ? 36  PHE A H    1 
ATOM   327  N N    . ARG A 1 36  ? 8.489   3.292   -4.211  1.00 14.42 ? 37  ARG A N    1 
ATOM   328  C CA   . ARG A 1 36  ? 8.697   4.143   -5.389  1.00 15.75 ? 37  ARG A CA   1 
ATOM   329  C C    . ARG A 1 36  ? 9.006   3.305   -6.634  1.00 16.04 ? 37  ARG A C    1 
ATOM   330  O O    . ARG A 1 36  ? 8.266   3.385   -7.634  1.00 17.27 ? 37  ARG A O    1 
ATOM   331  C CB   . ARG A 1 36  ? 9.842   5.112   -5.130  1.00 15.12 ? 37  ARG A CB   1 
ATOM   332  C CG   . ARG A 1 36  ? 9.728   6.195   -6.204  1.00 16.55 ? 37  ARG A CG   1 
ATOM   333  C CD   . ARG A 1 36  ? 11.033  6.933   -6.373  1.00 16.77 ? 37  ARG A CD   1 
ATOM   334  N NE   . ARG A 1 36  ? 12.104  5.996   -6.673  1.00 17.76 ? 37  ARG A NE   1 
ATOM   335  C CZ   . ARG A 1 36  ? 12.355  5.463   -7.871  1.00 18.95 ? 37  ARG A CZ   1 
ATOM   336  N NH1  . ARG A 1 36  ? 11.659  5.795   -8.969  1.00 18.83 ? 37  ARG A NH1  1 
ATOM   337  N NH2  . ARG A 1 36  ? 13.342  4.581   -7.965  1.00 18.44 ? 37  ARG A NH2  1 
ATOM   338  H H    . ARG A 1 36  ? 8.979   3.503   -3.394  1.00 0.00  ? 37  ARG A H    1 
ATOM   339  H HE   . ARG A 1 36  ? 12.680  5.735   -5.918  1.00 0.00  ? 37  ARG A HE   1 
ATOM   340  H HH11 . ARG A 1 36  ? 10.926  6.488   -8.965  1.00 0.00  ? 37  ARG A HH11 1 
ATOM   341  H HH12 . ARG A 1 36  ? 11.873  5.346   -9.853  1.00 0.00  ? 37  ARG A HH12 1 
ATOM   342  H HH21 . ARG A 1 36  ? 13.899  4.341   -7.148  1.00 0.00  ? 37  ARG A HH21 1 
ATOM   343  H HH22 . ARG A 1 36  ? 13.593  4.162   -8.847  1.00 0.00  ? 37  ARG A HH22 1 
ATOM   344  N N    . ALA A 1 37  ? 10.048  2.464   -6.567  1.00 14.77 ? 38  ALA A N    1 
ATOM   345  C CA   . ALA A 1 37  ? 10.440  1.599   -7.663  1.00 14.20 ? 38  ALA A CA   1 
ATOM   346  C C    . ALA A 1 37  ? 9.396   0.589   -8.084  1.00 15.89 ? 38  ALA A C    1 
ATOM   347  O O    . ALA A 1 37  ? 9.310   0.234   -9.269  1.00 16.50 ? 38  ALA A O    1 
ATOM   348  C CB   . ALA A 1 37  ? 11.706  0.842   -7.289  1.00 13.11 ? 38  ALA A CB   1 
ATOM   349  H H    . ALA A 1 37  ? 10.564  2.418   -5.732  1.00 0.00  ? 38  ALA A H    1 
ATOM   350  N N    . LEU A 1 38  ? 8.578   0.040   -7.193  1.00 14.67 ? 39  LEU A N    1 
ATOM   351  C CA   . LEU A 1 38  ? 7.533   -0.865  -7.582  1.00 13.12 ? 39  LEU A CA   1 
ATOM   352  C C    . LEU A 1 38  ? 6.392   -0.104  -8.213  1.00 13.65 ? 39  LEU A C    1 
ATOM   353  O O    . LEU A 1 38  ? 5.710   -0.699  -9.052  1.00 14.57 ? 39  LEU A O    1 
ATOM   354  C CB   . LEU A 1 38  ? 7.033   -1.669  -6.368  1.00 13.62 ? 39  LEU A CB   1 
ATOM   355  C CG   . LEU A 1 38  ? 8.070   -2.610  -5.738  1.00 14.84 ? 39  LEU A CG   1 
ATOM   356  C CD1  . LEU A 1 38  ? 7.563   -3.136  -4.422  1.00 14.32 ? 39  LEU A CD1  1 
ATOM   357  C CD2  . LEU A 1 38  ? 8.366   -3.757  -6.658  1.00 13.92 ? 39  LEU A CD2  1 
ATOM   358  H H    . LEU A 1 38  ? 8.696   0.254   -6.239  1.00 0.00  ? 39  LEU A H    1 
ATOM   359  N N    . SER A 1 39  ? 6.132   1.160   -7.866  1.00 13.56 ? 40  SER A N    1 
ATOM   360  C CA   . SER A 1 39  ? 5.162   1.991   -8.561  1.00 16.16 ? 40  SER A CA   1 
ATOM   361  C C    . SER A 1 39  ? 5.664   2.407   -9.946  1.00 17.78 ? 40  SER A C    1 
ATOM   362  O O    . SER A 1 39  ? 4.859   2.512   -10.858 1.00 18.52 ? 40  SER A O    1 
ATOM   363  C CB   . SER A 1 39  ? 4.876   3.272   -7.796  1.00 14.91 ? 40  SER A CB   1 
ATOM   364  O OG   . SER A 1 39  ? 4.457   2.869   -6.509  1.00 17.33 ? 40  SER A OG   1 
ATOM   365  H H    . SER A 1 39  ? 6.550   1.547   -7.063  1.00 0.00  ? 40  SER A H    1 
ATOM   366  H HG   . SER A 1 39  ? 3.647   2.361   -6.568  1.00 0.00  ? 40  SER A HG   1 
ATOM   367  N N    . THR A 1 40  ? 6.929   2.714   -10.216 1.00 19.04 ? 41  THR A N    1 
ATOM   368  C CA   . THR A 1 40  ? 7.289   3.033   -11.587 1.00 19.77 ? 41  THR A CA   1 
ATOM   369  C C    . THR A 1 40  ? 7.490   1.748   -12.385 1.00 21.52 ? 41  THR A C    1 
ATOM   370  O O    . THR A 1 40  ? 7.424   1.724   -13.606 1.00 22.88 ? 41  THR A O    1 
ATOM   371  C CB   . THR A 1 40  ? 8.561   3.855   -11.602 1.00 19.01 ? 41  THR A CB   1 
ATOM   372  O OG1  . THR A 1 40  ? 9.592   2.986   -11.159 1.00 19.77 ? 41  THR A OG1  1 
ATOM   373  C CG2  . THR A 1 40  ? 8.429   5.117   -10.795 1.00 15.96 ? 41  THR A CG2  1 
ATOM   374  H H    . THR A 1 40  ? 7.608   2.765   -9.506  1.00 0.00  ? 41  THR A H    1 
ATOM   375  H HG1  . THR A 1 40  ? 10.448  3.429   -11.291 1.00 0.00  ? 41  THR A HG1  1 
ATOM   376  N N    . GLY A 1 41  ? 7.800   0.633   -11.743 1.00 23.33 ? 42  GLY A N    1 
ATOM   377  C CA   . GLY A 1 41  ? 8.010   -0.626  -12.420 1.00 23.57 ? 42  GLY A CA   1 
ATOM   378  C C    . GLY A 1 41  ? 9.416   -0.668  -12.974 1.00 25.51 ? 42  GLY A C    1 
ATOM   379  O O    . GLY A 1 41  ? 9.769   -1.606  -13.698 1.00 26.30 ? 42  GLY A O    1 
ATOM   380  H H    . GLY A 1 41  ? 8.014   0.691   -10.789 1.00 0.00  ? 42  GLY A H    1 
ATOM   381  N N    . GLU A 1 42  ? 10.270  0.280   -12.585 1.00 26.01 ? 43  GLU A N    1 
ATOM   382  C CA   . GLU A 1 42  ? 11.565  0.368   -13.200 1.00 28.18 ? 43  GLU A CA   1 
ATOM   383  C C    . GLU A 1 42  ? 12.506  -0.801  -13.017 1.00 29.67 ? 43  GLU A C    1 
ATOM   384  O O    . GLU A 1 42  ? 13.449  -0.918  -13.789 1.00 31.35 ? 43  GLU A O    1 
ATOM   385  C CB   . GLU A 1 42  ? 12.234  1.624   -12.724 1.00 28.89 ? 43  GLU A CB   1 
ATOM   386  C CG   . GLU A 1 42  ? 12.577  1.604   -11.261 1.00 30.01 ? 43  GLU A CG   1 
ATOM   387  C CD   . GLU A 1 42  ? 13.049  2.958   -10.810 1.00 31.69 ? 43  GLU A CD   1 
ATOM   388  O OE1  . GLU A 1 42  ? 12.343  3.951   -10.997 1.00 29.65 ? 43  GLU A OE1  1 
ATOM   389  O OE2  . GLU A 1 42  ? 14.114  2.995   -10.186 1.00 33.70 ? 43  GLU A OE2  1 
ATOM   390  H H    . GLU A 1 42  ? 10.030  0.903   -11.865 1.00 0.00  ? 43  GLU A H    1 
ATOM   391  N N    . LYS A 1 43  ? 12.363  -1.719  -12.071 1.00 29.53 ? 44  LYS A N    1 
ATOM   392  C CA   . LYS A 1 43  ? 13.299  -2.809  -12.014 1.00 28.62 ? 44  LYS A CA   1 
ATOM   393  C C    . LYS A 1 43  ? 12.713  -3.953  -12.805 1.00 28.56 ? 44  LYS A C    1 
ATOM   394  O O    . LYS A 1 43  ? 13.203  -5.076  -12.700 1.00 30.23 ? 44  LYS A O    1 
ATOM   395  C CB   . LYS A 1 43  ? 13.550  -3.248  -10.566 1.00 29.48 ? 44  LYS A CB   1 
ATOM   396  C CG   . LYS A 1 43  ? 14.108  -2.168  -9.658  1.00 31.91 ? 44  LYS A CG   1 
ATOM   397  C CD   . LYS A 1 43  ? 15.433  -1.608  -10.096 1.00 34.57 ? 44  LYS A CD   1 
ATOM   398  C CE   . LYS A 1 43  ? 15.923  -0.497  -9.150  1.00 38.64 ? 44  LYS A CE   1 
ATOM   399  N NZ   . LYS A 1 43  ? 15.124  0.734   -9.168  1.00 42.30 ? 44  LYS A NZ   1 
ATOM   400  H H    . LYS A 1 43  ? 11.598  -1.676  -11.462 1.00 0.00  ? 44  LYS A H    1 
ATOM   401  H HZ1  . LYS A 1 43  ? 14.128  0.562   -8.935  1.00 0.00  ? 44  LYS A HZ1  1 
ATOM   402  H HZ2  . LYS A 1 43  ? 15.467  1.440   -8.478  1.00 0.00  ? 44  LYS A HZ2  1 
ATOM   403  H HZ3  . LYS A 1 43  ? 15.099  1.233   -10.091 1.00 0.00  ? 44  LYS A HZ3  1 
ATOM   404  N N    . GLY A 1 44  ? 11.652  -3.766  -13.585 1.00 27.95 ? 45  GLY A N    1 
ATOM   405  C CA   . GLY A 1 44  ? 11.098  -4.854  -14.379 1.00 26.26 ? 45  GLY A CA   1 
ATOM   406  C C    . GLY A 1 44  ? 9.838   -5.502  -13.808 1.00 26.83 ? 45  GLY A C    1 
ATOM   407  O O    . GLY A 1 44  ? 9.200   -6.304  -14.501 1.00 28.02 ? 45  GLY A O    1 
ATOM   408  H H    . GLY A 1 44  ? 11.228  -2.885  -13.632 1.00 0.00  ? 45  GLY A H    1 
ATOM   409  N N    . PHE A 1 45  ? 9.409   -5.170  -12.582 1.00 23.39 ? 46  PHE A N    1 
ATOM   410  C CA   . PHE A 1 45  ? 8.201   -5.740  -12.004 1.00 20.13 ? 46  PHE A CA   1 
ATOM   411  C C    . PHE A 1 45  ? 7.590   -4.737  -11.052 1.00 17.80 ? 46  PHE A C    1 
ATOM   412  O O    . PHE A 1 45  ? 8.260   -3.752  -10.751 1.00 18.38 ? 46  PHE A O    1 
ATOM   413  C CB   . PHE A 1 45  ? 8.507   -7.042  -11.268 1.00 21.59 ? 46  PHE A CB   1 
ATOM   414  C CG   . PHE A 1 45  ? 9.624   -6.962  -10.257 1.00 24.11 ? 46  PHE A CG   1 
ATOM   415  C CD1  . PHE A 1 45  ? 10.951  -7.084  -10.671 1.00 25.55 ? 46  PHE A CD1  1 
ATOM   416  C CD2  . PHE A 1 45  ? 9.334   -6.758  -8.915  1.00 24.61 ? 46  PHE A CD2  1 
ATOM   417  C CE1  . PHE A 1 45  ? 11.984  -6.969  -9.736  1.00 26.14 ? 46  PHE A CE1  1 
ATOM   418  C CE2  . PHE A 1 45  ? 10.372  -6.653  -7.985  1.00 25.98 ? 46  PHE A CE2  1 
ATOM   419  C CZ   . PHE A 1 45  ? 11.693  -6.751  -8.392  1.00 26.26 ? 46  PHE A CZ   1 
ATOM   420  H H    . PHE A 1 45  ? 9.881   -4.482  -12.068 1.00 0.00  ? 46  PHE A H    1 
ATOM   421  N N    . GLY A 1 46  ? 6.376   -4.915  -10.540 1.00 15.28 ? 47  GLY A N    1 
ATOM   422  C CA   . GLY A 1 46  ? 5.806   -3.863  -9.734  1.00 13.40 ? 47  GLY A CA   1 
ATOM   423  C C    . GLY A 1 46  ? 4.324   -3.939  -9.664  1.00 12.59 ? 47  GLY A C    1 
ATOM   424  O O    . GLY A 1 46  ? 3.721   -4.950  -10.047 1.00 12.28 ? 47  GLY A O    1 
ATOM   425  H H    . GLY A 1 46  ? 5.832   -5.710  -10.736 1.00 0.00  ? 47  GLY A H    1 
ATOM   426  N N    . TYR A 1 47  ? 3.728   -2.841  -9.232  1.00 11.52 ? 48  TYR A N    1 
ATOM   427  C CA   . TYR A 1 47  ? 2.310   -2.839  -8.945  1.00 11.63 ? 48  TYR A CA   1 
ATOM   428  C C    . TYR A 1 47  ? 1.306   -2.711  -10.068 1.00 11.96 ? 48  TYR A C    1 
ATOM   429  O O    . TYR A 1 47  ? 0.142   -3.021  -9.850  1.00 9.20  ? 48  TYR A O    1 
ATOM   430  C CB   . TYR A 1 47  ? 2.011   -1.727  -7.954  1.00 11.86 ? 48  TYR A CB   1 
ATOM   431  C CG   . TYR A 1 47  ? 2.755   -1.827  -6.631  1.00 12.74 ? 48  TYR A CG   1 
ATOM   432  C CD1  . TYR A 1 47  ? 2.770   -3.037  -5.919  1.00 12.98 ? 48  TYR A CD1  1 
ATOM   433  C CD2  . TYR A 1 47  ? 3.332   -0.688  -6.068  1.00 12.66 ? 48  TYR A CD2  1 
ATOM   434  C CE1  . TYR A 1 47  ? 3.346   -3.091  -4.649  1.00 11.74 ? 48  TYR A CE1  1 
ATOM   435  C CE2  . TYR A 1 47  ? 3.917   -0.749  -4.784  1.00 12.83 ? 48  TYR A CE2  1 
ATOM   436  C CZ   . TYR A 1 47  ? 3.926   -1.956  -4.089  1.00 12.63 ? 48  TYR A CZ   1 
ATOM   437  O OH   . TYR A 1 47  ? 4.545   -2.036  -2.850  1.00 11.88 ? 48  TYR A OH   1 
ATOM   438  H H    . TYR A 1 47  ? 4.237   -2.004  -9.209  1.00 0.00  ? 48  TYR A H    1 
ATOM   439  H HH   . TYR A 1 47  ? 4.201   -2.796  -2.370  1.00 0.00  ? 48  TYR A HH   1 
ATOM   440  N N    . LYS A 1 48  ? 1.638   -2.240  -11.266 1.00 14.62 ? 49  LYS A N    1 
ATOM   441  C CA   . LYS A 1 48  ? 0.655   -1.990  -12.311 1.00 14.51 ? 49  LYS A CA   1 
ATOM   442  C C    . LYS A 1 48  ? -0.061  -3.244  -12.707 1.00 13.67 ? 49  LYS A C    1 
ATOM   443  O O    . LYS A 1 48  ? 0.564   -4.269  -12.978 1.00 17.29 ? 49  LYS A O    1 
ATOM   444  C CB   . LYS A 1 48  ? 1.356   -1.383  -13.521 1.00 16.34 ? 49  LYS A CB   1 
ATOM   445  C CG   . LYS A 1 48  ? 0.375   -1.010  -14.624 1.00 20.33 ? 49  LYS A CG   1 
ATOM   446  C CD   . LYS A 1 48  ? 1.140   -0.307  -15.719 1.00 24.59 ? 49  LYS A CD   1 
ATOM   447  C CE   . LYS A 1 48  ? 0.254   -0.055  -16.936 1.00 29.49 ? 49  LYS A CE   1 
ATOM   448  N NZ   . LYS A 1 48  ? -0.810  0.893   -16.642 1.00 34.24 ? 49  LYS A NZ   1 
ATOM   449  H H    . LYS A 1 48  ? 2.585   -2.063  -11.455 1.00 0.00  ? 49  LYS A H    1 
ATOM   450  H HZ1  . LYS A 1 48  ? -0.368  1.785   -16.317 1.00 0.00  ? 49  LYS A HZ1  1 
ATOM   451  H HZ2  . LYS A 1 48  ? -1.375  1.141   -17.471 1.00 0.00  ? 49  LYS A HZ2  1 
ATOM   452  H HZ3  . LYS A 1 48  ? -1.460  0.589   -15.882 1.00 0.00  ? 49  LYS A HZ3  1 
ATOM   453  N N    . GLY A 1 49  ? -1.374  -3.174  -12.648 1.00 13.49 ? 50  GLY A N    1 
ATOM   454  C CA   . GLY A 1 49  ? -2.259  -4.277  -12.990 1.00 13.30 ? 50  GLY A CA   1 
ATOM   455  C C    . GLY A 1 49  ? -2.578  -5.177  -11.799 1.00 16.49 ? 50  GLY A C    1 
ATOM   456  O O    . GLY A 1 49  ? -3.373  -6.127  -11.921 1.00 16.38 ? 50  GLY A O    1 
ATOM   457  H H    . GLY A 1 49  ? -1.766  -2.352  -12.303 1.00 0.00  ? 50  GLY A H    1 
ATOM   458  N N    . SER A 1 50  ? -1.972  -4.934  -10.625 1.00 15.76 ? 51  SER A N    1 
ATOM   459  C CA   . SER A 1 50  ? -2.230  -5.776  -9.470  1.00 16.90 ? 51  SER A CA   1 
ATOM   460  C C    . SER A 1 50  ? -3.506  -5.385  -8.737  1.00 18.36 ? 51  SER A C    1 
ATOM   461  O O    . SER A 1 50  ? -4.075  -4.316  -8.983  1.00 16.84 ? 51  SER A O    1 
ATOM   462  C CB   . SER A 1 50  ? -1.030  -5.726  -8.518  1.00 17.72 ? 51  SER A CB   1 
ATOM   463  O OG   . SER A 1 50  ? -0.776  -4.474  -7.870  1.00 19.10 ? 51  SER A OG   1 
ATOM   464  H H    . SER A 1 50  ? -1.333  -4.198  -10.550 1.00 0.00  ? 51  SER A H    1 
ATOM   465  H HG   . SER A 1 50  ? -0.783  -3.776  -8.532  1.00 0.00  ? 51  SER A HG   1 
ATOM   466  N N    . CYS A 1 51  ? -4.010  -6.195  -7.813  1.00 19.41 ? 52  CYS A N    1 
ATOM   467  C CA   . CYS A 1 51  ? -5.253  -5.864  -7.163  1.00 21.85 ? 52  CYS A CA   1 
ATOM   468  C C    . CYS A 1 51  ? -5.160  -5.688  -5.657  1.00 18.72 ? 52  CYS A C    1 
ATOM   469  O O    . CYS A 1 51  ? -4.137  -6.040  -5.062  1.00 18.66 ? 52  CYS A O    1 
ATOM   470  C CB   . CYS A 1 51  ? -6.234  -6.958  -7.530  1.00 26.34 ? 52  CYS A CB   1 
ATOM   471  S SG   . CYS A 1 51  ? -5.989  -8.424  -6.507  1.00 35.19 ? 52  CYS A SG   1 
ATOM   472  H H    . CYS A 1 51  ? -3.543  -7.023  -7.567  1.00 0.00  ? 52  CYS A H    1 
ATOM   473  N N    . PHE A 1 52  ? -6.180  -5.085  -5.057  1.00 16.73 ? 53  PHE A N    1 
ATOM   474  C CA   . PHE A 1 52  ? -6.323  -4.932  -3.613  1.00 14.54 ? 53  PHE A CA   1 
ATOM   475  C C    . PHE A 1 52  ? -7.038  -6.170  -3.171  1.00 15.15 ? 53  PHE A C    1 
ATOM   476  O O    . PHE A 1 52  ? -8.214  -6.383  -3.463  1.00 16.59 ? 53  PHE A O    1 
ATOM   477  C CB   . PHE A 1 52  ? -7.164  -3.722  -3.229  1.00 13.11 ? 53  PHE A CB   1 
ATOM   478  C CG   . PHE A 1 52  ? -6.336  -2.453  -3.289  1.00 14.80 ? 53  PHE A CG   1 
ATOM   479  C CD1  . PHE A 1 52  ? -6.004  -1.855  -4.521  1.00 15.22 ? 53  PHE A CD1  1 
ATOM   480  C CD2  . PHE A 1 52  ? -5.816  -1.922  -2.111  1.00 15.38 ? 53  PHE A CD2  1 
ATOM   481  C CE1  . PHE A 1 52  ? -5.116  -0.783  -4.553  1.00 15.51 ? 53  PHE A CE1  1 
ATOM   482  C CE2  . PHE A 1 52  ? -4.921  -0.862  -2.155  1.00 15.12 ? 53  PHE A CE2  1 
ATOM   483  C CZ   . PHE A 1 52  ? -4.554  -0.293  -3.376  1.00 16.26 ? 53  PHE A CZ   1 
ATOM   484  H H    . PHE A 1 52  ? -6.914  -4.750  -5.615  1.00 0.00  ? 53  PHE A H    1 
ATOM   485  N N    . HIS A 1 53  ? -6.369  -7.024  -2.416  1.00 13.92 ? 54  HIS A N    1 
ATOM   486  C CA   . HIS A 1 53  ? -6.982  -8.284  -2.090  1.00 14.85 ? 54  HIS A CA   1 
ATOM   487  C C    . HIS A 1 53  ? -7.740  -8.312  -0.773  1.00 16.10 ? 54  HIS A C    1 
ATOM   488  O O    . HIS A 1 53  ? -8.522  -9.244  -0.577  1.00 17.67 ? 54  HIS A O    1 
ATOM   489  C CB   . HIS A 1 53  ? -5.891  -9.389  -2.109  1.00 14.71 ? 54  HIS A CB   1 
ATOM   490  C CG   . HIS A 1 53  ? -4.771  -9.211  -1.090  1.00 12.62 ? 54  HIS A CG   1 
ATOM   491  N ND1  . HIS A 1 53  ? -3.735  -8.406  -1.254  1.00 13.19 ? 54  HIS A ND1  1 
ATOM   492  C CD2  . HIS A 1 53  ? -4.743  -9.728  0.163   1.00 12.15 ? 54  HIS A CD2  1 
ATOM   493  C CE1  . HIS A 1 53  ? -3.079  -8.392  -0.126  1.00 15.00 ? 54  HIS A CE1  1 
ATOM   494  N NE2  . HIS A 1 53  ? -3.708  -9.196  0.712   1.00 12.87 ? 54  HIS A NE2  1 
ATOM   495  H H    . HIS A 1 53  ? -5.531  -6.719  -2.017  1.00 0.00  ? 54  HIS A H    1 
ATOM   496  H HD1  . HIS A 1 53  ? -3.417  -8.021  -2.096  1.00 0.00  ? 54  HIS A HD1  1 
ATOM   497  H HE2  . HIS A 1 53  ? -3.404  -9.447  1.620   1.00 0.00  ? 54  HIS A HE2  1 
ATOM   498  N N    . ARG A 1 54  ? -7.576  -7.354  0.141   1.00 15.14 ? 55  ARG A N    1 
ATOM   499  C CA   . ARG A 1 54  ? -8.167  -7.455  1.460   1.00 13.85 ? 55  ARG A CA   1 
ATOM   500  C C    . ARG A 1 54  ? -8.580  -6.071  1.872   1.00 12.90 ? 55  ARG A C    1 
ATOM   501  O O    . ARG A 1 54  ? -7.720  -5.205  2.035   1.00 13.40 ? 55  ARG A O    1 
ATOM   502  C CB   . ARG A 1 54  ? -7.106  -8.032  2.384   1.00 16.93 ? 55  ARG A CB   1 
ATOM   503  C CG   . ARG A 1 54  ? -7.434  -8.179  3.873   1.00 19.28 ? 55  ARG A CG   1 
ATOM   504  C CD   . ARG A 1 54  ? -6.316  -8.939  4.574   1.00 20.96 ? 55  ARG A CD   1 
ATOM   505  N NE   . ARG A 1 54  ? -6.306  -8.758  6.028   1.00 24.21 ? 55  ARG A NE   1 
ATOM   506  C CZ   . ARG A 1 54  ? -7.209  -9.285  6.875   1.00 25.99 ? 55  ARG A CZ   1 
ATOM   507  N NH1  . ARG A 1 54  ? -8.238  -10.034 6.465   1.00 27.26 ? 55  ARG A NH1  1 
ATOM   508  N NH2  . ARG A 1 54  ? -7.091  -9.041  8.167   1.00 27.59 ? 55  ARG A NH2  1 
ATOM   509  H H    . ARG A 1 54  ? -7.137  -6.505  -0.090  1.00 0.00  ? 55  ARG A H    1 
ATOM   510  H HE   . ARG A 1 54  ? -5.578  -8.183  6.384   1.00 0.00  ? 55  ARG A HE   1 
ATOM   511  H HH11 . ARG A 1 54  ? -8.375  -10.248 5.496   1.00 0.00  ? 55  ARG A HH11 1 
ATOM   512  H HH12 . ARG A 1 54  ? -8.910  -10.416 7.106   1.00 0.00  ? 55  ARG A HH12 1 
ATOM   513  H HH21 . ARG A 1 54  ? -6.309  -8.468  8.448   1.00 0.00  ? 55  ARG A HH21 1 
ATOM   514  H HH22 . ARG A 1 54  ? -7.698  -9.361  8.893   1.00 0.00  ? 55  ARG A HH22 1 
ATOM   515  N N    . ILE A 1 55  ? -9.855  -5.770  2.005   1.00 11.50 ? 56  ILE A N    1 
ATOM   516  C CA   . ILE A 1 55  ? -10.267 -4.434  2.402   1.00 12.15 ? 56  ILE A CA   1 
ATOM   517  C C    . ILE A 1 55  ? -11.251 -4.660  3.531   1.00 13.34 ? 56  ILE A C    1 
ATOM   518  O O    . ILE A 1 55  ? -12.248 -5.395  3.392   1.00 13.09 ? 56  ILE A O    1 
ATOM   519  C CB   . ILE A 1 55  ? -10.952 -3.710  1.217   1.00 11.82 ? 56  ILE A CB   1 
ATOM   520  C CG1  . ILE A 1 55  ? -9.980  -3.470  0.062   1.00 12.60 ? 56  ILE A CG1  1 
ATOM   521  C CG2  . ILE A 1 55  ? -11.525 -2.388  1.750   1.00 10.29 ? 56  ILE A CG2  1 
ATOM   522  C CD1  . ILE A 1 55  ? -10.612 -2.836  -1.231  1.00 13.49 ? 56  ILE A CD1  1 
ATOM   523  H H    . ILE A 1 55  ? -10.541 -6.456  1.854   1.00 0.00  ? 56  ILE A H    1 
ATOM   524  N N    . ILE A 1 56  ? -10.961 -4.067  4.692   1.00 14.64 ? 57  ILE A N    1 
ATOM   525  C CA   . ILE A 1 56  ? -11.816 -4.215  5.851   1.00 12.77 ? 57  ILE A CA   1 
ATOM   526  C C    . ILE A 1 56  ? -12.297 -2.819  6.146   1.00 12.32 ? 57  ILE A C    1 
ATOM   527  O O    . ILE A 1 56  ? -11.523 -1.935  6.496   1.00 10.86 ? 57  ILE A O    1 
ATOM   528  C CB   . ILE A 1 56  ? -11.016 -4.803  7.016   1.00 14.17 ? 57  ILE A CB   1 
ATOM   529  C CG1  . ILE A 1 56  ? -10.564 -6.167  6.642   1.00 15.33 ? 57  ILE A CG1  1 
ATOM   530  C CG2  . ILE A 1 56  ? -11.888 -4.901  8.278   1.00 13.62 ? 57  ILE A CG2  1 
ATOM   531  C CD1  . ILE A 1 56  ? -9.750  -6.852  7.742   1.00 15.87 ? 57  ILE A CD1  1 
ATOM   532  H H    . ILE A 1 56  ? -10.195 -3.456  4.746   1.00 0.00  ? 57  ILE A H    1 
ATOM   533  N N    . PRO A 1 57  ? -13.565 -2.514  5.943   1.00 15.01 ? 58  PRO A N    1 
ATOM   534  C CA   . PRO A 1 57  ? -14.153 -1.192  6.139   1.00 16.55 ? 58  PRO A CA   1 
ATOM   535  C C    . PRO A 1 57  ? -13.928 -0.684  7.550   1.00 17.84 ? 58  PRO A C    1 
ATOM   536  O O    . PRO A 1 57  ? -14.132 -1.402  8.530   1.00 18.80 ? 58  PRO A O    1 
ATOM   537  C CB   . PRO A 1 57  ? -15.617 -1.380  5.817   1.00 16.64 ? 58  PRO A CB   1 
ATOM   538  C CG   . PRO A 1 57  ? -15.630 -2.553  4.874   1.00 16.81 ? 58  PRO A CG   1 
ATOM   539  C CD   . PRO A 1 57  ? -14.545 -3.446  5.430   1.00 15.95 ? 58  PRO A CD   1 
ATOM   540  N N    . GLY A 1 58  ? -13.541 0.554   7.696   1.00 18.71 ? 59  GLY A N    1 
ATOM   541  C CA   . GLY A 1 58  ? -13.273 1.130   8.978   1.00 19.70 ? 59  GLY A CA   1 
ATOM   542  C C    . GLY A 1 58  ? -11.861 0.857   9.459   1.00 19.95 ? 59  GLY A C    1 
ATOM   543  O O    . GLY A 1 58  ? -11.463 1.440   10.464  1.00 22.84 ? 59  GLY A O    1 
ATOM   544  H H    . GLY A 1 58  ? -13.456 1.120   6.908   1.00 0.00  ? 59  GLY A H    1 
ATOM   545  N N    . PHE A 1 59  ? -11.077 0.017   8.787   1.00 17.72 ? 60  PHE A N    1 
ATOM   546  C CA   . PHE A 1 59  ? -9.739  -0.297  9.242   1.00 14.40 ? 60  PHE A CA   1 
ATOM   547  C C    . PHE A 1 59  ? -8.695  -0.014  8.173   1.00 12.95 ? 60  PHE A C    1 
ATOM   548  O O    . PHE A 1 59  ? -7.878  0.883   8.370   1.00 12.05 ? 60  PHE A O    1 
ATOM   549  C CB   . PHE A 1 59  ? -9.777  -1.754  9.665   1.00 13.03 ? 60  PHE A CB   1 
ATOM   550  C CG   . PHE A 1 59  ? -8.518  -2.372  10.231  1.00 11.32 ? 60  PHE A CG   1 
ATOM   551  C CD1  . PHE A 1 59  ? -7.565  -1.610  10.884  1.00 12.26 ? 60  PHE A CD1  1 
ATOM   552  C CD2  . PHE A 1 59  ? -8.305  -3.732  10.032  1.00 11.55 ? 60  PHE A CD2  1 
ATOM   553  C CE1  . PHE A 1 59  ? -6.382  -2.201  11.279  1.00 10.70 ? 60  PHE A CE1  1 
ATOM   554  C CE2  . PHE A 1 59  ? -7.109  -4.307  10.433  1.00 9.73  ? 60  PHE A CE2  1 
ATOM   555  C CZ   . PHE A 1 59  ? -6.142  -3.537  11.035  1.00 9.45  ? 60  PHE A CZ   1 
ATOM   556  H H    . PHE A 1 59  ? -11.376 -0.330  7.920   1.00 0.00  ? 60  PHE A H    1 
ATOM   557  N N    . MET A 1 60  ? -8.628  -0.732  7.048   1.00 13.94 ? 61  MET A N    1 
ATOM   558  C CA   . MET A 1 60  ? -7.602  -0.481  6.036   1.00 13.19 ? 61  MET A CA   1 
ATOM   559  C C    . MET A 1 60  ? -7.888  -1.197  4.716   1.00 13.53 ? 61  MET A C    1 
ATOM   560  O O    . MET A 1 60  ? -8.761  -2.079  4.654   1.00 13.73 ? 61  MET A O    1 
ATOM   561  C CB   . MET A 1 60  ? -6.227  -0.898  6.609   1.00 14.88 ? 61  MET A CB   1 
ATOM   562  C CG   . MET A 1 60  ? -6.080  -2.291  7.181   1.00 17.84 ? 61  MET A CG   1 
ATOM   563  S SD   . MET A 1 60  ? -5.639  -3.553  5.976   1.00 20.29 ? 61  MET A SD   1 
ATOM   564  C CE   . MET A 1 60  ? -6.605  -4.895  6.575   1.00 21.06 ? 61  MET A CE   1 
ATOM   565  H H    . MET A 1 60  ? -9.337  -1.375  6.821   1.00 0.00  ? 61  MET A H    1 
ATOM   566  N N    . CYS A 1 61  ? -7.195  -0.773  3.640   1.00 11.71 ? 62  CYS A N    1 
ATOM   567  C CA   . CYS A 1 61  ? -7.286  -1.391  2.328   1.00 11.41 ? 62  CYS A CA   1 
ATOM   568  C C    . CYS A 1 61  ? -5.918  -1.990  2.085   1.00 10.98 ? 62  CYS A C    1 
ATOM   569  O O    . CYS A 1 61  ? -4.917  -1.280  2.226   1.00 12.87 ? 62  CYS A O    1 
ATOM   570  C CB   . CYS A 1 61  ? -7.566  -0.351  1.261   1.00 10.17 ? 62  CYS A CB   1 
ATOM   571  S SG   . CYS A 1 61  ? -9.131  0.445   1.537   1.00 15.08 ? 62  CYS A SG   1 
ATOM   572  H H    . CYS A 1 61  ? -6.587  -0.010  3.756   1.00 0.00  ? 62  CYS A H    1 
ATOM   573  N N    . GLN A 1 62  ? -5.773  -3.264  1.722   1.00 11.45 ? 63  GLN A N    1 
ATOM   574  C CA   . GLN A 1 62  ? -4.456  -3.841  1.581   1.00 10.76 ? 63  GLN A CA   1 
ATOM   575  C C    . GLN A 1 62  ? -4.208  -4.357  0.193   1.00 9.11  ? 63  GLN A C    1 
ATOM   576  O O    . GLN A 1 62  ? -5.057  -5.049  -0.357  1.00 8.93  ? 63  GLN A O    1 
ATOM   577  C CB   . GLN A 1 62  ? -4.298  -5.008  2.546   1.00 10.69 ? 63  GLN A CB   1 
ATOM   578  C CG   . GLN A 1 62  ? -2.885  -5.566  2.640   1.00 13.17 ? 63  GLN A CG   1 
ATOM   579  C CD   . GLN A 1 62  ? -2.807  -6.596  3.749   1.00 14.46 ? 63  GLN A CD   1 
ATOM   580  O OE1  . GLN A 1 62  ? -3.222  -6.355  4.874   1.00 17.79 ? 63  GLN A OE1  1 
ATOM   581  N NE2  . GLN A 1 62  ? -2.256  -7.762  3.535   1.00 15.22 ? 63  GLN A NE2  1 
ATOM   582  H H    . GLN A 1 62  ? -6.550  -3.827  1.543   1.00 0.00  ? 63  GLN A H    1 
ATOM   583  H HE21 . GLN A 1 62  ? -2.244  -8.382  4.286   1.00 0.00  ? 63  GLN A HE21 1 
ATOM   584  H HE22 . GLN A 1 62  ? -1.832  -7.945  2.673   1.00 0.00  ? 63  GLN A HE22 1 
ATOM   585  N N    . GLY A 1 63  ? -3.026  -4.184  -0.347  1.00 8.94  ? 64  GLY A N    1 
ATOM   586  C CA   . GLY A 1 63  ? -2.716  -4.738  -1.666  1.00 9.65  ? 64  GLY A CA   1 
ATOM   587  C C    . GLY A 1 63  ? -1.228  -4.972  -1.819  1.00 10.14 ? 64  GLY A C    1 
ATOM   588  O O    . GLY A 1 63  ? -0.526  -5.149  -0.827  1.00 12.13 ? 64  GLY A O    1 
ATOM   589  H H    . GLY A 1 63  ? -2.311  -3.736  0.162   1.00 0.00  ? 64  GLY A H    1 
ATOM   590  N N    . GLY A 1 64  ? -0.665  -5.016  -3.029  1.00 8.14  ? 65  GLY A N    1 
ATOM   591  C CA   . GLY A 1 64  ? 0.771   -5.180  -3.202  1.00 7.55  ? 65  GLY A CA   1 
ATOM   592  C C    . GLY A 1 64  ? 1.189   -6.588  -3.529  1.00 6.84  ? 65  GLY A C    1 
ATOM   593  O O    . GLY A 1 64  ? 2.341   -6.803  -3.842  1.00 8.27  ? 65  GLY A O    1 
ATOM   594  H H    . GLY A 1 64  ? -1.241  -4.935  -3.809  1.00 0.00  ? 65  GLY A H    1 
ATOM   595  N N    . ASP A 1 65  ? 0.318   -7.572  -3.538  1.00 7.00  ? 66  ASP A N    1 
ATOM   596  C CA   . ASP A 1 65  ? 0.775   -8.916  -3.862  1.00 9.09  ? 66  ASP A CA   1 
ATOM   597  C C    . ASP A 1 65  ? 0.652   -9.079  -5.394  1.00 11.25 ? 66  ASP A C    1 
ATOM   598  O O    . ASP A 1 65  ? -0.378  -9.510  -5.922  1.00 12.04 ? 66  ASP A O    1 
ATOM   599  C CB   . ASP A 1 65  ? -0.090  -9.964  -3.105  1.00 8.90  ? 66  ASP A CB   1 
ATOM   600  C CG   . ASP A 1 65  ? 0.264   -11.401 -3.444  1.00 11.10 ? 66  ASP A CG   1 
ATOM   601  O OD1  . ASP A 1 65  ? 1.162   -11.657 -4.229  1.00 13.12 ? 66  ASP A OD1  1 
ATOM   602  O OD2  . ASP A 1 65  ? -0.369  -12.327 -2.970  1.00 11.50 ? 66  ASP A OD2  1 
ATOM   603  H H    . ASP A 1 65  ? -0.625  -7.398  -3.357  1.00 0.00  ? 66  ASP A H    1 
ATOM   604  N N    . PHE A 1 66  ? 1.670   -8.733  -6.179  1.00 10.47 ? 67  PHE A N    1 
ATOM   605  C CA   . PHE A 1 66  ? 1.548   -8.834  -7.613  1.00 14.10 ? 67  PHE A CA   1 
ATOM   606  C C    . PHE A 1 66  ? 1.939   -10.228 -8.099  1.00 17.23 ? 67  PHE A C    1 
ATOM   607  O O    . PHE A 1 66  ? 1.925   -10.486 -9.306  1.00 18.93 ? 67  PHE A O    1 
ATOM   608  C CB   . PHE A 1 66  ? 2.406   -7.714  -8.217  1.00 13.35 ? 67  PHE A CB   1 
ATOM   609  C CG   . PHE A 1 66  ? 3.867   -7.641  -7.787  1.00 14.80 ? 67  PHE A CG   1 
ATOM   610  C CD1  . PHE A 1 66  ? 4.848   -8.389  -8.447  1.00 14.99 ? 67  PHE A CD1  1 
ATOM   611  C CD2  . PHE A 1 66  ? 4.247   -6.789  -6.749  1.00 15.58 ? 67  PHE A CD2  1 
ATOM   612  C CE1  . PHE A 1 66  ? 6.184   -8.328  -8.055  1.00 15.83 ? 67  PHE A CE1  1 
ATOM   613  C CE2  . PHE A 1 66  ? 5.600   -6.689  -6.397  1.00 14.90 ? 67  PHE A CE2  1 
ATOM   614  C CZ   . PHE A 1 66  ? 6.569   -7.469  -7.020  1.00 15.00 ? 67  PHE A CZ   1 
ATOM   615  H H    . PHE A 1 66  ? 2.458   -8.337  -5.755  1.00 0.00  ? 67  PHE A H    1 
ATOM   616  N N    . THR A 1 67  ? 2.269   -11.209 -7.239  1.00 16.42 ? 68  THR A N    1 
ATOM   617  C CA   . THR A 1 67  ? 2.588   -12.505 -7.772  1.00 16.72 ? 68  THR A CA   1 
ATOM   618  C C    . THR A 1 67  ? 1.522   -13.538 -7.526  1.00 17.20 ? 68  THR A C    1 
ATOM   619  O O    . THR A 1 67  ? 1.348   -14.405 -8.378  1.00 17.73 ? 68  THR A O    1 
ATOM   620  C CB   . THR A 1 67  ? 3.966   -13.025 -7.232  1.00 17.61 ? 68  THR A CB   1 
ATOM   621  O OG1  . THR A 1 67  ? 3.976   -13.159 -5.811  1.00 19.20 ? 68  THR A OG1  1 
ATOM   622  C CG2  . THR A 1 67  ? 5.046   -12.071 -7.705  1.00 16.42 ? 68  THR A CG2  1 
ATOM   623  H H    . THR A 1 67  ? 2.237   -11.057 -6.269  1.00 0.00  ? 68  THR A H    1 
ATOM   624  H HG1  . THR A 1 67  ? 3.136   -12.867 -5.436  1.00 0.00  ? 68  THR A HG1  1 
ATOM   625  N N    . ARG A 1 68  ? 0.744   -13.522 -6.444  1.00 15.04 ? 69  ARG A N    1 
ATOM   626  C CA   . ARG A 1 68  ? -0.246  -14.552 -6.174  1.00 15.27 ? 69  ARG A CA   1 
ATOM   627  C C    . ARG A 1 68  ? -1.617  -13.964 -6.069  1.00 14.92 ? 69  ARG A C    1 
ATOM   628  O O    . ARG A 1 68  ? -2.633  -14.677 -6.063  1.00 14.20 ? 69  ARG A O    1 
ATOM   629  C CB   . ARG A 1 68  ? 0.000   -15.286 -4.866  1.00 19.29 ? 69  ARG A CB   1 
ATOM   630  C CG   . ARG A 1 68  ? 1.205   -16.160 -4.892  1.00 22.86 ? 69  ARG A CG   1 
ATOM   631  C CD   . ARG A 1 68  ? 0.939   -17.637 -4.621  1.00 26.44 ? 69  ARG A CD   1 
ATOM   632  N NE   . ARG A 1 68  ? 2.273   -18.061 -4.960  1.00 33.78 ? 69  ARG A NE   1 
ATOM   633  C CZ   . ARG A 1 68  ? 2.609   -18.650 -6.136  1.00 36.41 ? 69  ARG A CZ   1 
ATOM   634  N NH1  . ARG A 1 68  ? 1.700   -19.191 -6.970  1.00 37.49 ? 69  ARG A NH1  1 
ATOM   635  N NH2  . ARG A 1 68  ? 3.916   -18.765 -6.443  1.00 35.44 ? 69  ARG A NH2  1 
ATOM   636  H H    . ARG A 1 68  ? 0.887   -12.853 -5.743  1.00 0.00  ? 69  ARG A H    1 
ATOM   637  H HE   . ARG A 1 68  ? 2.938   -17.933 -4.246  1.00 0.00  ? 69  ARG A HE   1 
ATOM   638  H HH11 . ARG A 1 68  ? 0.715   -19.254 -6.785  1.00 0.00  ? 69  ARG A HH11 1 
ATOM   639  H HH12 . ARG A 1 68  ? 1.969   -19.694 -7.802  1.00 0.00  ? 69  ARG A HH12 1 
ATOM   640  H HH21 . ARG A 1 68  ? 4.650   -18.400 -5.871  1.00 0.00  ? 69  ARG A HH21 1 
ATOM   641  H HH22 . ARG A 1 68  ? 4.174   -19.266 -7.284  1.00 0.00  ? 69  ARG A HH22 1 
ATOM   642  N N    . HIS A 1 69  ? -1.649  -12.625 -5.991  1.00 14.82 ? 70  HIS A N    1 
ATOM   643  C CA   . HIS A 1 69  ? -2.859  -11.789 -6.015  1.00 14.82 ? 70  HIS A CA   1 
ATOM   644  C C    . HIS A 1 69  ? -3.785  -12.099 -4.851  1.00 16.09 ? 70  HIS A C    1 
ATOM   645  O O    . HIS A 1 69  ? -4.991  -11.841 -4.916  1.00 16.18 ? 70  HIS A O    1 
ATOM   646  C CB   . HIS A 1 69  ? -3.671  -11.963 -7.348  1.00 13.26 ? 70  HIS A CB   1 
ATOM   647  C CG   . HIS A 1 69  ? -2.825  -12.189 -8.603  1.00 11.76 ? 70  HIS A CG   1 
ATOM   648  N ND1  . HIS A 1 69  ? -1.925  -11.314 -9.003  1.00 11.59 ? 70  HIS A ND1  1 
ATOM   649  C CD2  . HIS A 1 69  ? -2.600  -13.393 -9.260  1.00 10.81 ? 70  HIS A CD2  1 
ATOM   650  C CE1  . HIS A 1 69  ? -1.095  -11.954 -9.803  1.00 11.97 ? 70  HIS A CE1  1 
ATOM   651  N NE2  . HIS A 1 69  ? -1.496  -13.199 -9.920  1.00 11.13 ? 70  HIS A NE2  1 
ATOM   652  H H    . HIS A 1 69  ? -0.821  -12.172 -5.723  1.00 0.00  ? 70  HIS A H    1 
ATOM   653  H HD1  . HIS A 1 69  ? -1.988  -10.335 -8.927  1.00 0.00  ? 70  HIS A HD1  1 
ATOM   654  H HE2  . HIS A 1 69  ? -1.051  -13.851 -10.510 1.00 0.00  ? 70  HIS A HE2  1 
ATOM   655  N N    . ASN A 1 70  ? -3.272  -12.580 -3.712  1.00 16.60 ? 71  ASN A N    1 
ATOM   656  C CA   . ASN A 1 70  ? -4.153  -13.014 -2.645  1.00 16.07 ? 71  ASN A CA   1 
ATOM   657  C C    . ASN A 1 70  ? -3.553  -12.868 -1.268  1.00 16.93 ? 71  ASN A C    1 
ATOM   658  O O    . ASN A 1 70  ? -4.149  -13.307 -0.295  1.00 20.02 ? 71  ASN A O    1 
ATOM   659  C CB   . ASN A 1 70  ? -4.559  -14.488 -2.830  1.00 16.63 ? 71  ASN A CB   1 
ATOM   660  C CG   . ASN A 1 70  ? -3.430  -15.499 -2.684  1.00 16.81 ? 71  ASN A CG   1 
ATOM   661  O OD1  . ASN A 1 70  ? -2.271  -15.177 -2.504  1.00 17.23 ? 71  ASN A OD1  1 
ATOM   662  N ND2  . ASN A 1 70  ? -3.660  -16.790 -2.756  1.00 18.49 ? 71  ASN A ND2  1 
ATOM   663  H H    . ASN A 1 70  ? -2.301  -12.696 -3.618  1.00 0.00  ? 71  ASN A H    1 
ATOM   664  H HD21 . ASN A 1 70  ? -2.892  -17.383 -2.633  1.00 0.00  ? 71  ASN A HD21 1 
ATOM   665  H HD22 . ASN A 1 70  ? -4.583  -17.074 -2.901  1.00 0.00  ? 71  ASN A HD22 1 
ATOM   666  N N    . GLY A 1 71  ? -2.404  -12.274 -1.087  1.00 16.29 ? 72  GLY A N    1 
ATOM   667  C CA   . GLY A 1 71  ? -1.886  -12.139 0.239   1.00 17.31 ? 72  GLY A CA   1 
ATOM   668  C C    . GLY A 1 71  ? -0.738  -13.063 0.478   1.00 19.19 ? 72  GLY A C    1 
ATOM   669  O O    . GLY A 1 71  ? -0.025  -12.844 1.453   1.00 20.17 ? 72  GLY A O    1 
ATOM   670  H H    . GLY A 1 71  ? -1.876  -11.969 -1.846  1.00 0.00  ? 72  GLY A H    1 
ATOM   671  N N    . THR A 1 72  ? -0.483  -14.050 -0.376  1.00 19.28 ? 73  THR A N    1 
ATOM   672  C CA   . THR A 1 72  ? 0.631   -14.940 -0.117  1.00 19.82 ? 73  THR A CA   1 
ATOM   673  C C    . THR A 1 72  ? 1.886   -14.662 -0.920  1.00 20.19 ? 73  THR A C    1 
ATOM   674  O O    . THR A 1 72  ? 2.865   -15.395 -0.766  1.00 22.60 ? 73  THR A O    1 
ATOM   675  C CB   . THR A 1 72  ? 0.202   -16.362 -0.357  1.00 20.37 ? 73  THR A CB   1 
ATOM   676  O OG1  . THR A 1 72  ? -0.069  -16.493 -1.740  1.00 21.89 ? 73  THR A OG1  1 
ATOM   677  C CG2  . THR A 1 72  ? -1.057  -16.712 0.402   1.00 20.03 ? 73  THR A CG2  1 
ATOM   678  H H    . THR A 1 72  ? -0.979  -14.121 -1.220  1.00 0.00  ? 73  THR A H    1 
ATOM   679  H HG1  . THR A 1 72  ? -0.672  -15.809 -2.030  1.00 0.00  ? 73  THR A HG1  1 
ATOM   680  N N    . GLY A 1 73  ? 1.961   -13.644 -1.762  1.00 18.87 ? 74  GLY A N    1 
ATOM   681  C CA   . GLY A 1 73  ? 3.202   -13.409 -2.477  1.00 18.01 ? 74  GLY A CA   1 
ATOM   682  C C    . GLY A 1 73  ? 3.661   -11.973 -2.426  1.00 17.37 ? 74  GLY A C    1 
ATOM   683  O O    . GLY A 1 73  ? 3.422   -11.240 -1.469  1.00 18.00 ? 74  GLY A O    1 
ATOM   684  H H    . GLY A 1 73  ? 1.208   -13.033 -1.901  1.00 0.00  ? 74  GLY A H    1 
ATOM   685  N N    . GLY A 1 74  ? 4.354   -11.579 -3.481  1.00 16.88 ? 75  GLY A N    1 
ATOM   686  C CA   . GLY A 1 74  ? 4.909   -10.266 -3.666  1.00 17.95 ? 75  GLY A CA   1 
ATOM   687  C C    . GLY A 1 74  ? 6.392   -10.359 -3.423  1.00 17.83 ? 75  GLY A C    1 
ATOM   688  O O    . GLY A 1 74  ? 6.847   -11.379 -2.925  1.00 19.88 ? 75  GLY A O    1 
ATOM   689  H H    . GLY A 1 74  ? 4.646   -12.279 -4.101  1.00 0.00  ? 75  GLY A H    1 
ATOM   690  N N    . LYS A 1 75  ? 7.187   -9.382  -3.797  1.00 17.32 ? 76  LYS A N    1 
ATOM   691  C CA   . LYS A 1 75  ? 8.589   -9.395  -3.483  1.00 19.21 ? 76  LYS A CA   1 
ATOM   692  C C    . LYS A 1 75  ? 9.102   -7.988  -3.507  1.00 18.72 ? 76  LYS A C    1 
ATOM   693  O O    . LYS A 1 75  ? 8.496   -7.148  -4.172  1.00 17.97 ? 76  LYS A O    1 
ATOM   694  C CB   . LYS A 1 75  ? 9.390   -10.231 -4.476  1.00 22.95 ? 76  LYS A CB   1 
ATOM   695  C CG   . LYS A 1 75  ? 9.265   -9.960  -5.936  1.00 26.13 ? 76  LYS A CG   1 
ATOM   696  C CD   . LYS A 1 75  ? 10.473  -10.688 -6.488  1.00 30.55 ? 76  LYS A CD   1 
ATOM   697  C CE   . LYS A 1 75  ? 10.456  -10.756 -8.009  1.00 33.94 ? 76  LYS A CE   1 
ATOM   698  N NZ   . LYS A 1 75  ? 9.404   -11.665 -8.464  1.00 37.07 ? 76  LYS A NZ   1 
ATOM   699  H H    . LYS A 1 75  ? 6.816   -8.570  -4.209  1.00 0.00  ? 76  LYS A H    1 
ATOM   700  H HZ1  . LYS A 1 75  ? 9.566   -12.610 -8.047  1.00 0.00  ? 76  LYS A HZ1  1 
ATOM   701  H HZ2  . LYS A 1 75  ? 8.473   -11.333 -8.142  1.00 0.00  ? 76  LYS A HZ2  1 
ATOM   702  H HZ3  . LYS A 1 75  ? 9.407   -11.741 -9.501  1.00 0.00  ? 76  LYS A HZ3  1 
ATOM   703  N N    . SER A 1 76  ? 10.196  -7.703  -2.811  1.00 17.09 ? 77  SER A N    1 
ATOM   704  C CA   . SER A 1 76  ? 10.729  -6.367  -2.777  1.00 17.39 ? 77  SER A CA   1 
ATOM   705  C C    . SER A 1 76  ? 11.776  -6.232  -3.854  1.00 17.27 ? 77  SER A C    1 
ATOM   706  O O    . SER A 1 76  ? 12.204  -7.234  -4.427  1.00 18.44 ? 77  SER A O    1 
ATOM   707  C CB   . SER A 1 76  ? 11.342  -6.082  -1.372  1.00 18.63 ? 77  SER A CB   1 
ATOM   708  O OG   . SER A 1 76  ? 12.662  -6.548  -1.084  1.00 19.78 ? 77  SER A OG   1 
ATOM   709  H H    . SER A 1 76  ? 10.711  -8.424  -2.390  1.00 0.00  ? 77  SER A H    1 
ATOM   710  H HG   . SER A 1 76  ? 12.582  -7.490  -0.869  1.00 0.00  ? 77  SER A HG   1 
ATOM   711  N N    . ILE A 1 77  ? 12.247  -5.015  -4.108  1.00 17.43 ? 78  ILE A N    1 
ATOM   712  C CA   . ILE A 1 77  ? 13.328  -4.800  -5.044  1.00 18.84 ? 78  ILE A CA   1 
ATOM   713  C C    . ILE A 1 77  ? 14.630  -5.246  -4.392  1.00 22.30 ? 78  ILE A C    1 
ATOM   714  O O    . ILE A 1 77  ? 15.662  -5.193  -5.051  1.00 25.36 ? 78  ILE A O    1 
ATOM   715  C CB   . ILE A 1 77  ? 13.492  -3.319  -5.446  1.00 16.93 ? 78  ILE A CB   1 
ATOM   716  C CG1  . ILE A 1 77  ? 13.817  -2.441  -4.257  1.00 14.55 ? 78  ILE A CG1  1 
ATOM   717  C CG2  . ILE A 1 77  ? 12.225  -2.890  -6.127  1.00 15.98 ? 78  ILE A CG2  1 
ATOM   718  C CD1  . ILE A 1 77  ? 14.230  -1.030  -4.650  1.00 13.77 ? 78  ILE A CD1  1 
ATOM   719  H H    . ILE A 1 77  ? 11.800  -4.249  -3.691  1.00 0.00  ? 78  ILE A H    1 
ATOM   720  N N    . TYR A 1 78  ? 14.671  -5.646  -3.115  1.00 23.04 ? 79  TYR A N    1 
ATOM   721  C CA   . TYR A 1 78  ? 15.906  -6.057  -2.462  1.00 22.94 ? 79  TYR A CA   1 
ATOM   722  C C    . TYR A 1 78  ? 15.948  -7.571  -2.321  1.00 25.39 ? 79  TYR A C    1 
ATOM   723  O O    . TYR A 1 78  ? 16.952  -8.146  -1.907  1.00 28.10 ? 79  TYR A O    1 
ATOM   724  C CB   . TYR A 1 78  ? 15.993  -5.446  -1.081  1.00 20.30 ? 79  TYR A CB   1 
ATOM   725  C CG   . TYR A 1 78  ? 15.748  -3.954  -1.066  1.00 18.89 ? 79  TYR A CG   1 
ATOM   726  C CD1  . TYR A 1 78  ? 16.678  -3.129  -1.681  1.00 19.65 ? 79  TYR A CD1  1 
ATOM   727  C CD2  . TYR A 1 78  ? 14.636  -3.407  -0.419  1.00 17.34 ? 79  TYR A CD2  1 
ATOM   728  C CE1  . TYR A 1 78  ? 16.522  -1.748  -1.622  1.00 19.43 ? 79  TYR A CE1  1 
ATOM   729  C CE2  . TYR A 1 78  ? 14.472  -2.026  -0.370  1.00 17.16 ? 79  TYR A CE2  1 
ATOM   730  C CZ   . TYR A 1 78  ? 15.429  -1.217  -0.969  1.00 18.32 ? 79  TYR A CZ   1 
ATOM   731  O OH   . TYR A 1 78  ? 15.349  0.144   -0.920  1.00 19.05 ? 79  TYR A OH   1 
ATOM   732  H H    . TYR A 1 78  ? 13.848  -5.693  -2.587  1.00 0.00  ? 79  TYR A H    1 
ATOM   733  H HH   . TYR A 1 78  ? 14.479  0.393   -0.592  1.00 0.00  ? 79  TYR A HH   1 
ATOM   734  N N    . GLY A 1 79  ? 14.871  -8.280  -2.626  1.00 25.65 ? 80  GLY A N    1 
ATOM   735  C CA   . GLY A 1 79  ? 14.851  -9.722  -2.496  1.00 26.71 ? 80  GLY A CA   1 
ATOM   736  C C    . GLY A 1 79  ? 13.498  -10.104 -1.962  1.00 27.72 ? 80  GLY A C    1 
ATOM   737  O O    . GLY A 1 79  ? 12.631  -9.233  -1.854  1.00 30.33 ? 80  GLY A O    1 
ATOM   738  H H    . GLY A 1 79  ? 14.048  -7.832  -2.914  1.00 0.00  ? 80  GLY A H    1 
ATOM   739  N N    . GLU A 1 80  ? 13.290  -11.366 -1.629  1.00 27.91 ? 81  GLU A N    1 
ATOM   740  C CA   . GLU A 1 80  ? 12.049  -11.833 -1.040  1.00 30.92 ? 81  GLU A CA   1 
ATOM   741  C C    . GLU A 1 80  ? 11.506  -11.034 0.142   1.00 29.19 ? 81  GLU A C    1 
ATOM   742  O O    . GLU A 1 80  ? 10.320  -10.750 0.250   1.00 28.54 ? 81  GLU A O    1 
ATOM   743  C CB   . GLU A 1 80  ? 12.262  -13.243 -0.607  1.00 36.52 ? 81  GLU A CB   1 
ATOM   744  C CG   . GLU A 1 80  ? 12.389  -14.161 -1.790  1.00 45.70 ? 81  GLU A CG   1 
ATOM   745  C CD   . GLU A 1 80  ? 11.012  -14.472 -2.362  1.00 51.02 ? 81  GLU A CD   1 
ATOM   746  O OE1  . GLU A 1 80  ? 10.304  -15.263 -1.726  1.00 54.43 ? 81  GLU A OE1  1 
ATOM   747  O OE2  . GLU A 1 80  ? 10.662  -13.934 -3.425  1.00 53.73 ? 81  GLU A OE2  1 
ATOM   748  H H    . GLU A 1 80  ? 13.963  -12.037 -1.858  1.00 0.00  ? 81  GLU A H    1 
ATOM   749  N N    . LYS A 1 81  ? 12.409  -10.619 1.020   1.00 27.67 ? 82  LYS A N    1 
ATOM   750  C CA   . LYS A 1 81  ? 12.072  -9.986  2.278   1.00 26.74 ? 82  LYS A CA   1 
ATOM   751  C C    . LYS A 1 81  ? 13.176  -8.994  2.570   1.00 24.32 ? 82  LYS A C    1 
ATOM   752  O O    . LYS A 1 81  ? 14.285  -9.148  2.044   1.00 22.66 ? 82  LYS A O    1 
ATOM   753  C CB   . LYS A 1 81  ? 12.000  -11.042 3.409   1.00 31.42 ? 82  LYS A CB   1 
ATOM   754  C CG   . LYS A 1 81  ? 13.222  -12.019 3.709   1.00 38.97 ? 82  LYS A CG   1 
ATOM   755  C CD   . LYS A 1 81  ? 14.549  -11.420 4.319   1.00 43.72 ? 82  LYS A CD   1 
ATOM   756  C CE   . LYS A 1 81  ? 15.792  -12.301 4.683   1.00 46.55 ? 82  LYS A CE   1 
ATOM   757  N NZ   . LYS A 1 81  ? 16.858  -11.524 5.338   1.00 49.07 ? 82  LYS A NZ   1 
ATOM   758  H H    . LYS A 1 81  ? 13.358  -10.633 0.785   1.00 0.00  ? 82  LYS A H    1 
ATOM   759  H HZ1  . LYS A 1 81  ? 16.453  -10.900 6.077   1.00 0.00  ? 82  LYS A HZ1  1 
ATOM   760  H HZ2  . LYS A 1 81  ? 17.603  -12.115 5.778   1.00 0.00  ? 82  LYS A HZ2  1 
ATOM   761  H HZ3  . LYS A 1 81  ? 17.388  -10.876 4.714   1.00 0.00  ? 82  LYS A HZ3  1 
ATOM   762  N N    . PHE A 1 82  ? 12.922  -7.966  3.363   1.00 20.88 ? 83  PHE A N    1 
ATOM   763  C CA   . PHE A 1 82  ? 13.956  -7.115  3.899   1.00 18.52 ? 83  PHE A CA   1 
ATOM   764  C C    . PHE A 1 82  ? 13.438  -6.737  5.293   1.00 18.00 ? 83  PHE A C    1 
ATOM   765  O O    . PHE A 1 82  ? 12.281  -6.964  5.688   1.00 17.41 ? 83  PHE A O    1 
ATOM   766  C CB   . PHE A 1 82  ? 14.205  -5.871  3.000   1.00 16.09 ? 83  PHE A CB   1 
ATOM   767  C CG   . PHE A 1 82  ? 13.111  -4.837  2.803   1.00 16.34 ? 83  PHE A CG   1 
ATOM   768  C CD1  . PHE A 1 82  ? 12.053  -5.089  1.928   1.00 15.74 ? 83  PHE A CD1  1 
ATOM   769  C CD2  . PHE A 1 82  ? 13.199  -3.594  3.456   1.00 16.56 ? 83  PHE A CD2  1 
ATOM   770  C CE1  . PHE A 1 82  ? 11.065  -4.127  1.705   1.00 13.82 ? 83  PHE A CE1  1 
ATOM   771  C CE2  . PHE A 1 82  ? 12.219  -2.624  3.210   1.00 16.30 ? 83  PHE A CE2  1 
ATOM   772  C CZ   . PHE A 1 82  ? 11.151  -2.887  2.347   1.00 14.69 ? 83  PHE A CZ   1 
ATOM   773  H H    . PHE A 1 82  ? 11.983  -7.756  3.560   1.00 0.00  ? 83  PHE A H    1 
ATOM   774  N N    . GLU A 1 83  ? 14.334  -6.202  6.082   1.00 18.44 ? 84  GLU A N    1 
ATOM   775  C CA   . GLU A 1 83  ? 14.126  -5.915  7.489   1.00 18.65 ? 84  GLU A CA   1 
ATOM   776  C C    . GLU A 1 83  ? 13.230  -4.727  7.795   1.00 18.79 ? 84  GLU A C    1 
ATOM   777  O O    . GLU A 1 83  ? 12.961  -3.890  6.918   1.00 18.27 ? 84  GLU A O    1 
ATOM   778  C CB   . GLU A 1 83  ? 15.492  -5.701  8.094   1.00 17.54 ? 84  GLU A CB   1 
ATOM   779  C CG   . GLU A 1 83  ? 16.168  -4.372  7.746   1.00 20.33 ? 84  GLU A CG   1 
ATOM   780  C CD   . GLU A 1 83  ? 16.944  -4.245  6.438   1.00 22.76 ? 84  GLU A CD   1 
ATOM   781  O OE1  . GLU A 1 83  ? 16.947  -5.127  5.563   1.00 23.30 ? 84  GLU A OE1  1 
ATOM   782  O OE2  . GLU A 1 83  ? 17.613  -3.226  6.280   1.00 23.95 ? 84  GLU A OE2  1 
ATOM   783  H H    . GLU A 1 83  ? 15.187  -5.944  5.687   1.00 0.00  ? 84  GLU A H    1 
ATOM   784  N N    . ASP A 1 84  ? 12.774  -4.620  9.045   1.00 17.64 ? 85  ASP A N    1 
ATOM   785  C CA   . ASP A 1 84  ? 12.022  -3.462  9.499   1.00 17.57 ? 85  ASP A CA   1 
ATOM   786  C C    . ASP A 1 84  ? 13.061  -2.388  9.699   1.00 17.41 ? 85  ASP A C    1 
ATOM   787  O O    . ASP A 1 84  ? 14.021  -2.546  10.456  1.00 16.69 ? 85  ASP A O    1 
ATOM   788  C CB   . ASP A 1 84  ? 11.329  -3.755  10.794  1.00 16.84 ? 85  ASP A CB   1 
ATOM   789  C CG   . ASP A 1 84  ? 10.199  -4.737  10.638  1.00 18.78 ? 85  ASP A CG   1 
ATOM   790  O OD1  . ASP A 1 84  ? 9.391   -4.609  9.723   1.00 18.09 ? 85  ASP A OD1  1 
ATOM   791  O OD2  . ASP A 1 84  ? 10.049  -5.631  11.483  1.00 19.33 ? 85  ASP A OD2  1 
ATOM   792  H H    . ASP A 1 84  ? 13.024  -5.297  9.709   1.00 0.00  ? 85  ASP A H    1 
ATOM   793  N N    . GLU A 1 85  ? 12.903  -1.328  8.927   1.00 17.11 ? 86  GLU A N    1 
ATOM   794  C CA   . GLU A 1 85  ? 13.911  -0.293  8.841   1.00 17.59 ? 86  GLU A CA   1 
ATOM   795  C C    . GLU A 1 85  ? 13.914  0.552   10.094  1.00 18.84 ? 86  GLU A C    1 
ATOM   796  O O    . GLU A 1 85  ? 14.984  0.803   10.654  1.00 19.96 ? 86  GLU A O    1 
ATOM   797  C CB   . GLU A 1 85  ? 13.642  0.529   7.584   1.00 16.78 ? 86  GLU A CB   1 
ATOM   798  C CG   . GLU A 1 85  ? 14.733  1.534   7.246   1.00 17.40 ? 86  GLU A CG   1 
ATOM   799  C CD   . GLU A 1 85  ? 14.528  2.385   6.001   1.00 18.91 ? 86  GLU A CD   1 
ATOM   800  O OE1  . GLU A 1 85  ? 13.497  2.333   5.342   1.00 19.79 ? 86  GLU A OE1  1 
ATOM   801  O OE2  . GLU A 1 85  ? 15.411  3.138   5.644   1.00 19.45 ? 86  GLU A OE2  1 
ATOM   802  H H    . GLU A 1 85  ? 12.105  -1.285  8.350   1.00 0.00  ? 86  GLU A H    1 
ATOM   803  N N    . ASN A 1 86  ? 12.772  1.005   10.575  1.00 19.11 ? 87  ASN A N    1 
ATOM   804  C CA   . ASN A 1 86  ? 12.691  1.678   11.857  1.00 19.32 ? 87  ASN A CA   1 
ATOM   805  C C    . ASN A 1 86  ? 11.227  1.815   12.153  1.00 18.83 ? 87  ASN A C    1 
ATOM   806  O O    . ASN A 1 86  ? 10.404  1.384   11.352  1.00 19.27 ? 87  ASN A O    1 
ATOM   807  C CB   . ASN A 1 86  ? 13.331  3.077   11.853  1.00 20.61 ? 87  ASN A CB   1 
ATOM   808  C CG   . ASN A 1 86  ? 12.681  4.123   10.998  1.00 20.69 ? 87  ASN A CG   1 
ATOM   809  O OD1  . ASN A 1 86  ? 11.521  4.452   11.183  1.00 22.30 ? 87  ASN A OD1  1 
ATOM   810  N ND2  . ASN A 1 86  ? 13.428  4.712   10.083  1.00 22.42 ? 87  ASN A ND2  1 
ATOM   811  H H    . ASN A 1 86  ? 11.934  0.865   10.082  1.00 0.00  ? 87  ASN A H    1 
ATOM   812  H HD21 . ASN A 1 86  ? 13.038  5.425   9.528   1.00 0.00  ? 87  ASN A HD21 1 
ATOM   813  H HD22 . ASN A 1 86  ? 14.353  4.410   9.976   1.00 0.00  ? 87  ASN A HD22 1 
ATOM   814  N N    . PHE A 1 87  ? 10.852  2.358   13.305  1.00 18.92 ? 88  PHE A N    1 
ATOM   815  C CA   . PHE A 1 87  ? 9.470   2.521   13.682  1.00 18.59 ? 88  PHE A CA   1 
ATOM   816  C C    . PHE A 1 87  ? 9.263   3.930   14.230  1.00 20.78 ? 88  PHE A C    1 
ATOM   817  O O    . PHE A 1 87  ? 8.496   4.143   15.164  1.00 21.58 ? 88  PHE A O    1 
ATOM   818  C CB   . PHE A 1 87  ? 9.083   1.508   14.735  1.00 16.33 ? 88  PHE A CB   1 
ATOM   819  C CG   . PHE A 1 87  ? 9.111   0.056   14.266  1.00 16.06 ? 88  PHE A CG   1 
ATOM   820  C CD1  . PHE A 1 87  ? 8.096   -0.435  13.429  1.00 15.96 ? 88  PHE A CD1  1 
ATOM   821  C CD2  . PHE A 1 87  ? 10.129  -0.795  14.684  1.00 15.66 ? 88  PHE A CD2  1 
ATOM   822  C CE1  . PHE A 1 87  ? 8.094   -1.765  13.001  1.00 14.94 ? 88  PHE A CE1  1 
ATOM   823  C CE2  . PHE A 1 87  ? 10.127  -2.126  14.254  1.00 15.41 ? 88  PHE A CE2  1 
ATOM   824  C CZ   . PHE A 1 87  ? 9.110   -2.614  13.426  1.00 15.57 ? 88  PHE A CZ   1 
ATOM   825  H H    . PHE A 1 87  ? 11.545  2.686   13.921  1.00 0.00  ? 88  PHE A H    1 
ATOM   826  N N    . ILE A 1 88  ? 9.907   4.917   13.598  1.00 21.08 ? 89  ILE A N    1 
ATOM   827  C CA   . ILE A 1 88  ? 9.829   6.324   13.983  1.00 20.03 ? 89  ILE A CA   1 
ATOM   828  C C    . ILE A 1 88  ? 8.398   6.824   13.868  1.00 20.39 ? 89  ILE A C    1 
ATOM   829  O O    . ILE A 1 88  ? 7.845   7.491   14.746  1.00 21.57 ? 89  ILE A O    1 
ATOM   830  C CB   . ILE A 1 88  ? 10.773  7.106   13.046  1.00 20.74 ? 89  ILE A CB   1 
ATOM   831  C CG1  . ILE A 1 88  ? 12.193  6.837   13.445  1.00 21.80 ? 89  ILE A CG1  1 
ATOM   832  C CG2  . ILE A 1 88  ? 10.559  8.604   13.152  1.00 22.35 ? 89  ILE A CG2  1 
ATOM   833  C CD1  . ILE A 1 88  ? 13.224  7.334   12.407  1.00 22.76 ? 89  ILE A CD1  1 
ATOM   834  H H    . ILE A 1 88  ? 10.367  4.697   12.756  1.00 0.00  ? 89  ILE A H    1 
ATOM   835  N N    . LEU A 1 89  ? 7.797   6.566   12.714  1.00 19.05 ? 90  LEU A N    1 
ATOM   836  C CA   . LEU A 1 89  ? 6.485   7.090   12.459  1.00 18.44 ? 90  LEU A CA   1 
ATOM   837  C C    . LEU A 1 89  ? 5.442   6.119   12.933  1.00 17.23 ? 90  LEU A C    1 
ATOM   838  O O    . LEU A 1 89  ? 5.643   4.899   12.965  1.00 17.81 ? 90  LEU A O    1 
ATOM   839  C CB   . LEU A 1 89  ? 6.360   7.370   10.971  1.00 18.88 ? 90  LEU A CB   1 
ATOM   840  C CG   . LEU A 1 89  ? 7.434   8.284   10.389  1.00 20.12 ? 90  LEU A CG   1 
ATOM   841  C CD1  . LEU A 1 89  ? 7.476   8.200   8.873   1.00 19.38 ? 90  LEU A CD1  1 
ATOM   842  C CD2  . LEU A 1 89  ? 7.150   9.681   10.868  1.00 21.04 ? 90  LEU A CD2  1 
ATOM   843  H H    . LEU A 1 89  ? 8.233   5.989   12.045  1.00 0.00  ? 90  LEU A H    1 
ATOM   844  N N    . LYS A 1 90  ? 4.314   6.690   13.306  1.00 17.55 ? 91  LYS A N    1 
ATOM   845  C CA   . LYS A 1 90  ? 3.221   5.946   13.891  1.00 18.20 ? 91  LYS A CA   1 
ATOM   846  C C    . LYS A 1 90  ? 1.946   6.014   13.050  1.00 16.45 ? 91  LYS A C    1 
ATOM   847  O O    . LYS A 1 90  ? 1.801   6.834   12.147  1.00 16.57 ? 91  LYS A O    1 
ATOM   848  C CB   . LYS A 1 90  ? 2.938   6.498   15.286  1.00 22.05 ? 91  LYS A CB   1 
ATOM   849  C CG   . LYS A 1 90  ? 4.096   6.703   16.239  1.00 28.66 ? 91  LYS A CG   1 
ATOM   850  C CD   . LYS A 1 90  ? 4.895   5.453   16.592  1.00 35.93 ? 91  LYS A CD   1 
ATOM   851  C CE   . LYS A 1 90  ? 4.810   5.266   18.112  1.00 41.05 ? 91  LYS A CE   1 
ATOM   852  N NZ   . LYS A 1 90  ? 3.412   5.076   18.526  1.00 46.26 ? 91  LYS A NZ   1 
ATOM   853  H H    . LYS A 1 90  ? 4.224   7.665   13.217  1.00 0.00  ? 91  LYS A H    1 
ATOM   854  H HZ1  . LYS A 1 90  ? 2.985   4.260   18.021  1.00 0.00  ? 91  LYS A HZ1  1 
ATOM   855  H HZ2  . LYS A 1 90  ? 3.285   4.900   19.536  1.00 0.00  ? 91  LYS A HZ2  1 
ATOM   856  H HZ3  . LYS A 1 90  ? 2.788   5.857   18.233  1.00 0.00  ? 91  LYS A HZ3  1 
ATOM   857  N N    . HIS A 1 91  ? 0.958   5.192   13.358  1.00 14.47 ? 92  HIS A N    1 
ATOM   858  C CA   . HIS A 1 91  ? -0.284  5.070   12.650  1.00 14.98 ? 92  HIS A CA   1 
ATOM   859  C C    . HIS A 1 91  ? -1.247  6.050   13.307  1.00 15.77 ? 92  HIS A C    1 
ATOM   860  O O    . HIS A 1 91  ? -2.100  5.684   14.111  1.00 17.04 ? 92  HIS A O    1 
ATOM   861  C CB   . HIS A 1 91  ? -0.782  3.647   12.775  1.00 11.36 ? 92  HIS A CB   1 
ATOM   862  C CG   . HIS A 1 91  ? 0.129   2.568   12.194  1.00 10.54 ? 92  HIS A CG   1 
ATOM   863  N ND1  . HIS A 1 91  ? 1.172   2.069   12.826  1.00 9.44  ? 92  HIS A ND1  1 
ATOM   864  C CD2  . HIS A 1 91  ? 0.035   1.938   10.976  1.00 10.32 ? 92  HIS A CD2  1 
ATOM   865  C CE1  . HIS A 1 91  ? 1.744   1.177   12.065  1.00 10.00 ? 92  HIS A CE1  1 
ATOM   866  N NE2  . HIS A 1 91  ? 1.058   1.110   10.946  1.00 10.62 ? 92  HIS A NE2  1 
ATOM   867  H H    . HIS A 1 91  ? 1.007   4.767   14.239  1.00 0.00  ? 92  HIS A H    1 
ATOM   868  H HD1  . HIS A 1 91  ? 1.501   2.304   13.721  1.00 0.00  ? 92  HIS A HD1  1 
ATOM   869  H HE2  . HIS A 1 91  ? 1.343   0.612   10.145  1.00 0.00  ? 92  HIS A HE2  1 
ATOM   870  N N    . THR A 1 92  ? -1.116  7.325   12.956  1.00 16.90 ? 93  THR A N    1 
ATOM   871  C CA   . THR A 1 92  ? -1.860  8.402   13.548  1.00 17.11 ? 93  THR A CA   1 
ATOM   872  C C    . THR A 1 92  ? -3.260  8.669   13.038  1.00 20.15 ? 93  THR A C    1 
ATOM   873  O O    . THR A 1 92  ? -4.000  9.404   13.704  1.00 20.19 ? 93  THR A O    1 
ATOM   874  C CB   . THR A 1 92  ? -1.013  9.642   13.417  1.00 17.46 ? 93  THR A CB   1 
ATOM   875  O OG1  . THR A 1 92  ? -0.615  9.789   12.052  1.00 19.36 ? 93  THR A OG1  1 
ATOM   876  C CG2  . THR A 1 92  ? 0.255   9.514   14.247  1.00 14.06 ? 93  THR A CG2  1 
ATOM   877  H H    . THR A 1 92  ? -0.483  7.549   12.245  1.00 0.00  ? 93  THR A H    1 
ATOM   878  H HG1  . THR A 1 92  ? 0.234   9.346   11.934  1.00 0.00  ? 93  THR A HG1  1 
ATOM   879  N N    . GLY A 1 93  ? -3.714  8.085   11.925  1.00 19.35 ? 94  GLY A N    1 
ATOM   880  C CA   . GLY A 1 93  ? -5.031  8.422   11.441  1.00 18.46 ? 94  GLY A CA   1 
ATOM   881  C C    . GLY A 1 93  ? -5.254  7.924   10.029  1.00 17.90 ? 94  GLY A C    1 
ATOM   882  O O    . GLY A 1 93  ? -4.421  7.202   9.477   1.00 17.95 ? 94  GLY A O    1 
ATOM   883  H H    . GLY A 1 93  ? -3.165  7.461   11.406  1.00 0.00  ? 94  GLY A H    1 
ATOM   884  N N    . PRO A 1 94  ? -6.400  8.199   9.415   1.00 19.03 ? 95  PRO A N    1 
ATOM   885  C CA   . PRO A 1 94  ? -6.691  7.863   8.019   1.00 18.26 ? 95  PRO A CA   1 
ATOM   886  C C    . PRO A 1 94  ? -5.638  8.379   7.043   1.00 17.54 ? 95  PRO A C    1 
ATOM   887  O O    . PRO A 1 94  ? -5.100  9.469   7.230   1.00 18.08 ? 95  PRO A O    1 
ATOM   888  C CB   . PRO A 1 94  ? -8.027  8.467   7.741   1.00 19.95 ? 95  PRO A CB   1 
ATOM   889  C CG   . PRO A 1 94  ? -8.620  8.679   9.102   1.00 21.85 ? 95  PRO A CG   1 
ATOM   890  C CD   . PRO A 1 94  ? -7.429  9.064   9.972   1.00 19.56 ? 95  PRO A CD   1 
ATOM   891  N N    . GLY A 1 95  ? -5.288  7.630   6.001   1.00 16.42 ? 96  GLY A N    1 
ATOM   892  C CA   . GLY A 1 95  ? -4.327  8.076   5.016   1.00 14.74 ? 96  GLY A CA   1 
ATOM   893  C C    . GLY A 1 95  ? -2.932  7.538   5.178   1.00 15.77 ? 96  GLY A C    1 
ATOM   894  O O    . GLY A 1 95  ? -2.128  7.683   4.263   1.00 15.33 ? 96  GLY A O    1 
ATOM   895  H H    . GLY A 1 95  ? -5.724  6.774   5.854   1.00 0.00  ? 96  GLY A H    1 
ATOM   896  N N    . ILE A 1 96  ? -2.596  6.918   6.320   1.00 14.56 ? 97  ILE A N    1 
ATOM   897  C CA   . ILE A 1 96  ? -1.263  6.408   6.589   1.00 13.15 ? 97  ILE A CA   1 
ATOM   898  C C    . ILE A 1 96  ? -0.978  5.219   5.705   1.00 10.18 ? 97  ILE A C    1 
ATOM   899  O O    . ILE A 1 96  ? -1.808  4.329   5.573   1.00 11.08 ? 97  ILE A O    1 
ATOM   900  C CB   . ILE A 1 96  ? -1.149  6.029   8.133   1.00 13.67 ? 97  ILE A CB   1 
ATOM   901  C CG1  . ILE A 1 96  ? -0.995  7.291   8.947   1.00 14.03 ? 97  ILE A CG1  1 
ATOM   902  C CG2  . ILE A 1 96  ? 0.043   5.122   8.406   1.00 12.24 ? 97  ILE A CG2  1 
ATOM   903  C CD1  . ILE A 1 96  ? 0.326   8.029   8.648   1.00 17.01 ? 97  ILE A CD1  1 
ATOM   904  H H    . ILE A 1 96  ? -3.280  6.829   7.016   1.00 0.00  ? 97  ILE A H    1 
ATOM   905  N N    . LEU A 1 97  ? 0.207   5.187   5.141   1.00 10.83 ? 98  LEU A N    1 
ATOM   906  C CA   . LEU A 1 97  ? 0.620   4.095   4.304   1.00 11.09 ? 98  LEU A CA   1 
ATOM   907  C C    . LEU A 1 97  ? 1.678   3.353   5.079   1.00 9.86  ? 98  LEU A C    1 
ATOM   908  O O    . LEU A 1 97  ? 2.703   3.930   5.473   1.00 9.98  ? 98  LEU A O    1 
ATOM   909  C CB   . LEU A 1 97  ? 1.167   4.673   2.954   1.00 12.28 ? 98  LEU A CB   1 
ATOM   910  C CG   . LEU A 1 97  ? 1.595   3.746   1.829   1.00 12.03 ? 98  LEU A CG   1 
ATOM   911  C CD1  . LEU A 1 97  ? 0.410   2.971   1.315   1.00 12.65 ? 98  LEU A CD1  1 
ATOM   912  C CD2  . LEU A 1 97  ? 2.235   4.574   0.715   1.00 15.13 ? 98  LEU A CD2  1 
ATOM   913  H H    . LEU A 1 97  ? 0.847   5.910   5.320   1.00 0.00  ? 98  LEU A H    1 
ATOM   914  N N    . SER A 1 98  ? 1.484   2.052   5.240   1.00 11.16 ? 99  SER A N    1 
ATOM   915  C CA   . SER A 1 98  ? 2.305   1.221   6.094   1.00 11.70 ? 99  SER A CA   1 
ATOM   916  C C    . SER A 1 98  ? 2.576   -0.139  5.475   1.00 11.27 ? 99  SER A C    1 
ATOM   917  O O    . SER A 1 98  ? 1.798   -0.595  4.648   1.00 11.47 ? 99  SER A O    1 
ATOM   918  C CB   . SER A 1 98  ? 1.530   1.125   7.385   1.00 13.54 ? 99  SER A CB   1 
ATOM   919  O OG   . SER A 1 98  ? 2.300   0.566   8.442   1.00 14.95 ? 99  SER A OG   1 
ATOM   920  H H    . SER A 1 98  ? 0.750   1.619   4.747   1.00 0.00  ? 99  SER A H    1 
ATOM   921  H HG   . SER A 1 98  ? 3.226   0.783   8.247   1.00 0.00  ? 99  SER A HG   1 
ATOM   922  N N    . MET A 1 99  ? 3.649   -0.826  5.830   1.00 10.84 ? 100 MET A N    1 
ATOM   923  C CA   . MET A 1 99  ? 3.932   -2.146  5.293   1.00 10.49 ? 100 MET A CA   1 
ATOM   924  C C    . MET A 1 99  ? 3.224   -3.306  5.952   1.00 13.08 ? 100 MET A C    1 
ATOM   925  O O    . MET A 1 99  ? 3.213   -3.437  7.191   1.00 14.88 ? 100 MET A O    1 
ATOM   926  C CB   . MET A 1 99  ? 5.400   -2.422  5.376   1.00 10.52 ? 100 MET A CB   1 
ATOM   927  C CG   . MET A 1 99  ? 6.315   -1.566  4.522   1.00 12.98 ? 100 MET A CG   1 
ATOM   928  S SD   . MET A 1 99  ? 5.957   -1.713  2.754   1.00 14.31 ? 100 MET A SD   1 
ATOM   929  C CE   . MET A 1 99  ? 6.575   -3.336  2.417   1.00 11.51 ? 100 MET A CE   1 
ATOM   930  H H    . MET A 1 99  ? 4.292   -0.431  6.455   1.00 0.00  ? 100 MET A H    1 
ATOM   931  N N    . ALA A 1 100 ? 2.607   -4.199  5.195   1.00 11.74 ? 101 ALA A N    1 
ATOM   932  C CA   . ALA A 1 100 ? 2.006   -5.404  5.749   1.00 13.18 ? 101 ALA A CA   1 
ATOM   933  C C    . ALA A 1 100 ? 3.182   -6.360  5.861   1.00 13.98 ? 101 ALA A C    1 
ATOM   934  O O    . ALA A 1 100 ? 4.227   -6.186  5.206   1.00 15.15 ? 101 ALA A O    1 
ATOM   935  C CB   . ALA A 1 100 ? 0.968   -6.014  4.801   1.00 10.38 ? 101 ALA A CB   1 
ATOM   936  H H    . ALA A 1 100 ? 2.689   -4.111  4.219   1.00 0.00  ? 101 ALA A H    1 
ATOM   937  N N    . ASN A 1 101 ? 3.111   -7.348  6.727   1.00 14.53 ? 102 ASN A N    1 
ATOM   938  C CA   . ASN A 1 101 ? 4.224   -8.286  6.837   1.00 16.54 ? 102 ASN A CA   1 
ATOM   939  C C    . ASN A 1 101 ? 3.734   -9.569  7.448   1.00 17.32 ? 102 ASN A C    1 
ATOM   940  O O    . ASN A 1 101 ? 2.533   -9.726  7.715   1.00 19.01 ? 102 ASN A O    1 
ATOM   941  C CB   . ASN A 1 101 ? 5.392   -7.702  7.692   1.00 15.23 ? 102 ASN A CB   1 
ATOM   942  C CG   . ASN A 1 101 ? 5.021   -7.308  9.108   1.00 15.64 ? 102 ASN A CG   1 
ATOM   943  O OD1  . ASN A 1 101 ? 4.342   -8.065  9.796   1.00 14.87 ? 102 ASN A OD1  1 
ATOM   944  N ND2  . ASN A 1 101 ? 5.398   -6.145  9.621   1.00 14.63 ? 102 ASN A ND2  1 
ATOM   945  H H    . ASN A 1 101 ? 2.291   -7.507  7.241   1.00 0.00  ? 102 ASN A H    1 
ATOM   946  H HD21 . ASN A 1 101 ? 5.109   -5.884  10.519  1.00 0.00  ? 102 ASN A HD21 1 
ATOM   947  H HD22 . ASN A 1 101 ? 5.970   -5.567  9.059   1.00 0.00  ? 102 ASN A HD22 1 
ATOM   948  N N    . ALA A 1 102 ? 4.632   -10.496 7.709   1.00 21.05 ? 103 ALA A N    1 
ATOM   949  C CA   . ALA A 1 102 ? 4.284   -11.760 8.303   1.00 22.44 ? 103 ALA A CA   1 
ATOM   950  C C    . ALA A 1 102 ? 5.093   -11.986 9.571   1.00 23.98 ? 103 ALA A C    1 
ATOM   951  O O    . ALA A 1 102 ? 5.374   -13.132 9.920   1.00 25.87 ? 103 ALA A O    1 
ATOM   952  C CB   . ALA A 1 102 ? 4.609   -12.852 7.330   1.00 22.61 ? 103 ALA A CB   1 
ATOM   953  H H    . ALA A 1 102 ? 5.577   -10.349 7.514   1.00 0.00  ? 103 ALA A H    1 
ATOM   954  N N    . GLY A 1 103 ? 5.487   -10.964 10.311  1.00 23.31 ? 104 GLY A N    1 
ATOM   955  C CA   . GLY A 1 103 ? 6.324   -11.177 11.479  1.00 22.73 ? 104 GLY A CA   1 
ATOM   956  C C    . GLY A 1 103 ? 7.492   -10.211 11.460  1.00 24.05 ? 104 GLY A C    1 
ATOM   957  O O    . GLY A 1 103 ? 7.539   -9.317  10.614  1.00 24.33 ? 104 GLY A O    1 
ATOM   958  H H    . GLY A 1 103 ? 5.318   -10.046 10.014  1.00 0.00  ? 104 GLY A H    1 
ATOM   959  N N    . PRO A 1 104 ? 8.440   -10.226 12.396  1.00 23.20 ? 105 PRO A N    1 
ATOM   960  C CA   . PRO A 1 104 ? 9.568   -9.314  12.389  1.00 22.11 ? 105 PRO A CA   1 
ATOM   961  C C    . PRO A 1 104 ? 10.393  -9.443  11.122  1.00 20.82 ? 105 PRO A C    1 
ATOM   962  O O    . PRO A 1 104 ? 10.676  -10.562 10.715  1.00 22.37 ? 105 PRO A O    1 
ATOM   963  C CB   . PRO A 1 104 ? 10.333  -9.674  13.664  1.00 21.69 ? 105 PRO A CB   1 
ATOM   964  C CG   . PRO A 1 104 ? 9.227   -10.178 14.554  1.00 22.16 ? 105 PRO A CG   1 
ATOM   965  C CD   . PRO A 1 104 ? 8.429   -11.042 13.600  1.00 23.22 ? 105 PRO A CD   1 
ATOM   966  N N    . ASN A 1 105 ? 10.750  -8.340  10.471  1.00 19.34 ? 106 ASN A N    1 
ATOM   967  C CA   . ASN A 1 105 ? 11.696  -8.325  9.363   1.00 18.67 ? 106 ASN A CA   1 
ATOM   968  C C    . ASN A 1 105 ? 11.325  -9.179  8.153   1.00 17.62 ? 106 ASN A C    1 
ATOM   969  O O    . ASN A 1 105 ? 12.196  -9.839  7.579   1.00 17.54 ? 106 ASN A O    1 
ATOM   970  C CB   . ASN A 1 105 ? 13.066  -8.747  9.913   1.00 19.43 ? 106 ASN A CB   1 
ATOM   971  C CG   . ASN A 1 105 ? 13.547  -7.890  11.071  1.00 20.45 ? 106 ASN A CG   1 
ATOM   972  O OD1  . ASN A 1 105 ? 13.773  -6.689  10.938  1.00 22.09 ? 106 ASN A OD1  1 
ATOM   973  N ND2  . ASN A 1 105 ? 13.736  -8.407  12.257  1.00 20.33 ? 106 ASN A ND2  1 
ATOM   974  H H    . ASN A 1 105 ? 10.359  -7.484  10.741  1.00 0.00  ? 106 ASN A H    1 
ATOM   975  H HD21 . ASN A 1 105 ? 14.037  -7.825  12.982  1.00 0.00  ? 106 ASN A HD21 1 
ATOM   976  H HD22 . ASN A 1 105 ? 13.569  -9.369  12.381  1.00 0.00  ? 106 ASN A HD22 1 
ATOM   977  N N    . THR A 1 106 ? 10.053  -9.171  7.739   1.00 15.92 ? 107 THR A N    1 
ATOM   978  C CA   . THR A 1 106 ? 9.563   -9.919  6.597   1.00 15.65 ? 107 THR A CA   1 
ATOM   979  C C    . THR A 1 106 ? 8.876   -8.986  5.578   1.00 15.96 ? 107 THR A C    1 
ATOM   980  O O    . THR A 1 106 ? 7.803   -9.287  5.031   1.00 16.12 ? 107 THR A O    1 
ATOM   981  C CB   . THR A 1 106 ? 8.552   -10.996 7.061   1.00 14.19 ? 107 THR A CB   1 
ATOM   982  O OG1  . THR A 1 106 ? 7.497   -10.308 7.725   1.00 15.55 ? 107 THR A OG1  1 
ATOM   983  C CG2  . THR A 1 106 ? 9.149   -12.039 7.953   1.00 14.97 ? 107 THR A CG2  1 
ATOM   984  H H    . THR A 1 106 ? 9.389   -8.655  8.241   1.00 0.00  ? 107 THR A H    1 
ATOM   985  H HG1  . THR A 1 106 ? 7.178   -9.699  7.044   1.00 0.00  ? 107 THR A HG1  1 
ATOM   986  N N    . ASN A 1 107 ? 9.395   -7.799  5.336   1.00 16.88 ? 108 ASN A N    1 
ATOM   987  C CA   . ASN A 1 107 ? 8.737   -6.881  4.422   1.00 14.86 ? 108 ASN A CA   1 
ATOM   988  C C    . ASN A 1 107 ? 8.954   -7.330  2.989   1.00 15.51 ? 108 ASN A C    1 
ATOM   989  O O    . ASN A 1 107 ? 10.084  -7.658  2.649   1.00 14.13 ? 108 ASN A O    1 
ATOM   990  C CB   . ASN A 1 107 ? 9.287   -5.457  4.602   1.00 13.20 ? 108 ASN A CB   1 
ATOM   991  C CG   . ASN A 1 107 ? 8.925   -4.854  5.939   1.00 14.20 ? 108 ASN A CG   1 
ATOM   992  O OD1  . ASN A 1 107 ? 7.760   -4.587  6.221   1.00 13.06 ? 108 ASN A OD1  1 
ATOM   993  N ND2  . ASN A 1 107 ? 9.890   -4.665  6.822   1.00 12.60 ? 108 ASN A ND2  1 
ATOM   994  H H    . ASN A 1 107 ? 10.275  -7.575  5.709   1.00 0.00  ? 108 ASN A H    1 
ATOM   995  H HD21 . ASN A 1 107 ? 9.661   -4.274  7.694   1.00 0.00  ? 108 ASN A HD21 1 
ATOM   996  H HD22 . ASN A 1 107 ? 10.810  -4.893  6.583   1.00 0.00  ? 108 ASN A HD22 1 
ATOM   997  N N    . GLY A 1 108 ? 7.929   -7.293  2.126   1.00 16.11 ? 109 GLY A N    1 
ATOM   998  C CA   . GLY A 1 108 ? 8.045   -7.683  0.745   1.00 13.44 ? 109 GLY A CA   1 
ATOM   999  C C    . GLY A 1 108 ? 7.506   -6.531  -0.051  1.00 12.51 ? 109 GLY A C    1 
ATOM   1000 O O    . GLY A 1 108 ? 8.159   -5.497  -0.133  1.00 13.71 ? 109 GLY A O    1 
ATOM   1001 H H    . GLY A 1 108 ? 7.051   -6.982  2.438   1.00 0.00  ? 109 GLY A H    1 
ATOM   1002 N N    . SER A 1 109 ? 6.327   -6.668  -0.623  1.00 12.40 ? 110 SER A N    1 
ATOM   1003 C CA   . SER A 1 109 ? 5.740   -5.621  -1.468  1.00 12.21 ? 110 SER A CA   1 
ATOM   1004 C C    . SER A 1 109 ? 4.337   -5.301  -0.986  1.00 11.14 ? 110 SER A C    1 
ATOM   1005 O O    . SER A 1 109 ? 3.711   -4.343  -1.437  1.00 11.95 ? 110 SER A O    1 
ATOM   1006 C CB   . SER A 1 109 ? 5.740   -6.134  -2.927  1.00 9.78  ? 110 SER A CB   1 
ATOM   1007 O OG   . SER A 1 109 ? 4.858   -7.267  -3.002  1.00 11.23 ? 110 SER A OG   1 
ATOM   1008 H H    . SER A 1 109 ? 5.841   -7.517  -0.538  1.00 0.00  ? 110 SER A H    1 
ATOM   1009 H HG   . SER A 1 109 ? 3.992   -6.914  -3.217  1.00 0.00  ? 110 SER A HG   1 
ATOM   1010 N N    . GLN A 1 110 ? 3.757   -6.054  -0.053  1.00 11.31 ? 111 GLN A N    1 
ATOM   1011 C CA   . GLN A 1 110 ? 2.406   -5.785  0.399   1.00 11.69 ? 111 GLN A CA   1 
ATOM   1012 C C    . GLN A 1 110 ? 2.341   -4.581  1.322   1.00 12.20 ? 111 GLN A C    1 
ATOM   1013 O O    . GLN A 1 110 ? 3.242   -4.385  2.153   1.00 12.95 ? 111 GLN A O    1 
ATOM   1014 C CB   . GLN A 1 110 ? 1.893   -6.996  1.089   1.00 11.09 ? 111 GLN A CB   1 
ATOM   1015 C CG   . GLN A 1 110 ? 1.790   -8.184  0.139   1.00 13.20 ? 111 GLN A CG   1 
ATOM   1016 C CD   . GLN A 1 110 ? 1.011   -9.339  0.727   1.00 14.13 ? 111 GLN A CD   1 
ATOM   1017 O OE1  . GLN A 1 110 ? -0.071  -9.195  1.318   1.00 14.72 ? 111 GLN A OE1  1 
ATOM   1018 N NE2  . GLN A 1 110 ? 1.499   -10.544 0.515   1.00 13.65 ? 111 GLN A NE2  1 
ATOM   1019 H H    . GLN A 1 110 ? 4.269   -6.763  0.388   1.00 0.00  ? 111 GLN A H    1 
ATOM   1020 H HE21 . GLN A 1 110 ? 1.063   -11.295 0.961   1.00 0.00  ? 111 GLN A HE21 1 
ATOM   1021 H HE22 . GLN A 1 110 ? 2.288   -10.632 -0.061  1.00 0.00  ? 111 GLN A HE22 1 
ATOM   1022 N N    . PHE A 1 111 ? 1.287   -3.785  1.225   1.00 11.46 ? 112 PHE A N    1 
ATOM   1023 C CA   . PHE A 1 111 ? 1.156   -2.537  1.966   1.00 10.68 ? 112 PHE A CA   1 
ATOM   1024 C C    . PHE A 1 111 ? -0.287  -2.374  2.338   1.00 10.44 ? 112 PHE A C    1 
ATOM   1025 O O    . PHE A 1 111 ? -1.146  -3.075  1.789   1.00 10.46 ? 112 PHE A O    1 
ATOM   1026 C CB   . PHE A 1 111 ? 1.577   -1.302  1.118   1.00 11.29 ? 112 PHE A CB   1 
ATOM   1027 C CG   . PHE A 1 111 ? 0.807   -1.069  -0.204  1.00 11.06 ? 112 PHE A CG   1 
ATOM   1028 C CD1  . PHE A 1 111 ? -0.425  -0.399  -0.223  1.00 10.69 ? 112 PHE A CD1  1 
ATOM   1029 C CD2  . PHE A 1 111 ? 1.267   -1.671  -1.383  1.00 11.04 ? 112 PHE A CD2  1 
ATOM   1030 C CE1  . PHE A 1 111 ? -1.252  -0.463  -1.342  1.00 11.29 ? 112 PHE A CE1  1 
ATOM   1031 C CE2  . PHE A 1 111 ? 0.459   -1.704  -2.519  1.00 9.96  ? 112 PHE A CE2  1 
ATOM   1032 C CZ   . PHE A 1 111 ? -0.820  -1.135  -2.479  1.00 12.29 ? 112 PHE A CZ   1 
ATOM   1033 H H    . PHE A 1 111 ? 0.534   -4.051  0.651   1.00 0.00  ? 112 PHE A H    1 
ATOM   1034 N N    . PHE A 1 112 ? -0.610  -1.413  3.190   1.00 9.10  ? 113 PHE A N    1 
ATOM   1035 C CA   . PHE A 1 112 ? -1.992  -1.101  3.428   1.00 10.89 ? 113 PHE A CA   1 
ATOM   1036 C C    . PHE A 1 112 ? -2.137  0.382   3.686   1.00 8.65  ? 113 PHE A C    1 
ATOM   1037 O O    . PHE A 1 112 ? -1.189  1.107   3.988   1.00 10.04 ? 113 PHE A O    1 
ATOM   1038 C CB   . PHE A 1 112 ? -2.568  -1.947  4.621   1.00 12.91 ? 113 PHE A CB   1 
ATOM   1039 C CG   . PHE A 1 112 ? -1.881  -1.816  5.973   1.00 13.60 ? 113 PHE A CG   1 
ATOM   1040 C CD1  . PHE A 1 112 ? -0.706  -2.532  6.207   1.00 13.40 ? 113 PHE A CD1  1 
ATOM   1041 C CD2  . PHE A 1 112 ? -2.402  -0.941  6.927   1.00 12.62 ? 113 PHE A CD2  1 
ATOM   1042 C CE1  . PHE A 1 112 ? -0.014  -2.358  7.394   1.00 14.13 ? 113 PHE A CE1  1 
ATOM   1043 C CE2  . PHE A 1 112 ? -1.724  -0.794  8.132   1.00 14.50 ? 113 PHE A CE2  1 
ATOM   1044 C CZ   . PHE A 1 112 ? -0.534  -1.493  8.360   1.00 15.00 ? 113 PHE A CZ   1 
ATOM   1045 H H    . PHE A 1 112 ? 0.079   -0.875  3.639   1.00 0.00  ? 113 PHE A H    1 
ATOM   1046 N N    . ILE A 1 113 ? -3.321  0.888   3.462   1.00 10.36 ? 114 ILE A N    1 
ATOM   1047 C CA   . ILE A 1 113 ? -3.615  2.309   3.628   1.00 10.53 ? 114 ILE A CA   1 
ATOM   1048 C C    . ILE A 1 113 ? -4.580  2.341   4.792   1.00 10.92 ? 114 ILE A C    1 
ATOM   1049 O O    . ILE A 1 113 ? -5.641  1.706   4.683   1.00 9.94  ? 114 ILE A O    1 
ATOM   1050 C CB   . ILE A 1 113 ? -4.321  2.899   2.365   1.00 11.64 ? 114 ILE A CB   1 
ATOM   1051 C CG1  . ILE A 1 113 ? -3.443  2.667   1.110   1.00 13.38 ? 114 ILE A CG1  1 
ATOM   1052 C CG2  . ILE A 1 113 ? -4.619  4.376   2.616   1.00 10.26 ? 114 ILE A CG2  1 
ATOM   1053 C CD1  . ILE A 1 113 ? -4.124  2.760   -0.282  1.00 14.03 ? 114 ILE A CD1  1 
ATOM   1054 H H    . ILE A 1 113 ? -4.047  0.288   3.195   1.00 0.00  ? 114 ILE A H    1 
ATOM   1055 N N    . CYS A 1 114 ? -4.329  3.045   5.881   1.00 11.56 ? 115 CYS A N    1 
ATOM   1056 C CA   . CYS A 1 114 ? -5.318  3.036   6.960   1.00 14.88 ? 115 CYS A CA   1 
ATOM   1057 C C    . CYS A 1 114 ? -6.470  3.990   6.732   1.00 16.64 ? 115 CYS A C    1 
ATOM   1058 O O    . CYS A 1 114 ? -6.271  5.070   6.171   1.00 16.79 ? 115 CYS A O    1 
ATOM   1059 C CB   . CYS A 1 114 ? -4.747  3.437   8.313   1.00 15.48 ? 115 CYS A CB   1 
ATOM   1060 S SG   . CYS A 1 114 ? -3.281  2.516   8.766   1.00 18.99 ? 115 CYS A SG   1 
ATOM   1061 H H    . CYS A 1 114 ? -3.507  3.570   5.954   1.00 0.00  ? 115 CYS A H    1 
ATOM   1062 N N    . THR A 1 115 ? -7.696  3.620   7.102   1.00 16.24 ? 116 THR A N    1 
ATOM   1063 C CA   . THR A 1 115 ? -8.814  4.530   7.042   1.00 18.28 ? 116 THR A CA   1 
ATOM   1064 C C    . THR A 1 115 ? -9.301  4.870   8.448   1.00 19.51 ? 116 THR A C    1 
ATOM   1065 O O    . THR A 1 115 ? -10.427 5.330   8.633   1.00 20.14 ? 116 THR A O    1 
ATOM   1066 C CB   . THR A 1 115 ? -9.916  3.880   6.214   1.00 18.86 ? 116 THR A CB   1 
ATOM   1067 O OG1  . THR A 1 115 ? -10.116 2.599   6.767   1.00 20.97 ? 116 THR A OG1  1 
ATOM   1068 C CG2  . THR A 1 115 ? -9.552  3.765   4.730   1.00 17.60 ? 116 THR A CG2  1 
ATOM   1069 H H    . THR A 1 115 ? -7.904  2.694   7.369   1.00 0.00  ? 116 THR A H    1 
ATOM   1070 H HG1  . THR A 1 115 ? -10.911 2.286   6.317   1.00 0.00  ? 116 THR A HG1  1 
ATOM   1071 N N    . ALA A 1 116 ? -8.427  4.696   9.454   1.00 18.61 ? 117 ALA A N    1 
ATOM   1072 C CA   . ALA A 1 116 ? -8.708  4.957   10.858  1.00 18.26 ? 117 ALA A CA   1 
ATOM   1073 C C    . ALA A 1 116 ? -7.384  5.028   11.566  1.00 18.95 ? 117 ALA A C    1 
ATOM   1074 O O    . ALA A 1 116 ? -6.349  4.665   10.998  1.00 19.15 ? 117 ALA A O    1 
ATOM   1075 C CB   . ALA A 1 116 ? -9.469  3.834   11.518  1.00 17.38 ? 117 ALA A CB   1 
ATOM   1076 H H    . ALA A 1 116 ? -7.548  4.311   9.259   1.00 0.00  ? 117 ALA A H    1 
ATOM   1077 N N    . LYS A 1 117 ? -7.394  5.523   12.804  1.00 20.34 ? 118 LYS A N    1 
ATOM   1078 C CA   . LYS A 1 117 ? -6.183  5.572   13.606  1.00 20.76 ? 118 LYS A CA   1 
ATOM   1079 C C    . LYS A 1 117 ? -6.027  4.138   14.061  1.00 19.51 ? 118 LYS A C    1 
ATOM   1080 O O    . LYS A 1 117 ? -6.997  3.593   14.599  1.00 20.34 ? 118 LYS A O    1 
ATOM   1081 C CB   . LYS A 1 117 ? -6.389  6.489   14.794  1.00 22.92 ? 118 LYS A CB   1 
ATOM   1082 C CG   . LYS A 1 117 ? -5.114  6.693   15.613  1.00 26.48 ? 118 LYS A CG   1 
ATOM   1083 C CD   . LYS A 1 117 ? -5.340  7.544   16.856  1.00 28.49 ? 118 LYS A CD   1 
ATOM   1084 C CE   . LYS A 1 117 ? -5.710  6.733   18.096  1.00 33.09 ? 118 LYS A CE   1 
ATOM   1085 N NZ   . LYS A 1 117 ? -6.806  5.783   17.931  1.00 35.78 ? 118 LYS A NZ   1 
ATOM   1086 H H    . LYS A 1 117 ? -8.251  5.756   13.209  1.00 0.00  ? 118 LYS A H    1 
ATOM   1087 H HZ1  . LYS A 1 117 ? -7.712  6.184   17.648  1.00 0.00  ? 118 LYS A HZ1  1 
ATOM   1088 H HZ2  . LYS A 1 117 ? -6.509  5.041   17.256  1.00 0.00  ? 118 LYS A HZ2  1 
ATOM   1089 H HZ3  . LYS A 1 117 ? -6.898  5.209   18.798  1.00 0.00  ? 118 LYS A HZ3  1 
ATOM   1090 N N    . THR A 1 118 ? -4.894  3.487   13.835  1.00 17.41 ? 119 THR A N    1 
ATOM   1091 C CA   . THR A 1 118 ? -4.779  2.089   14.188  1.00 15.62 ? 119 THR A CA   1 
ATOM   1092 C C    . THR A 1 118 ? -3.526  1.979   15.030  1.00 15.43 ? 119 THR A C    1 
ATOM   1093 O O    . THR A 1 118 ? -2.531  1.349   14.674  1.00 13.12 ? 119 THR A O    1 
ATOM   1094 C CB   . THR A 1 118 ? -4.715  1.244   12.891  1.00 14.54 ? 119 THR A CB   1 
ATOM   1095 O OG1  . THR A 1 118 ? -3.569  1.700   12.203  1.00 15.21 ? 119 THR A OG1  1 
ATOM   1096 C CG2  . THR A 1 118 ? -5.906  1.405   11.954  1.00 13.73 ? 119 THR A CG2  1 
ATOM   1097 H H    . THR A 1 118 ? -4.148  3.924   13.368  1.00 0.00  ? 119 THR A H    1 
ATOM   1098 H HG1  . THR A 1 118 ? -2.822  1.319   12.671  1.00 0.00  ? 119 THR A HG1  1 
ATOM   1099 N N    . GLU A 1 119 ? -3.579  2.573   16.215  1.00 16.90 ? 120 GLU A N    1 
ATOM   1100 C CA   . GLU A 1 119 ? -2.458  2.670   17.110  1.00 16.33 ? 120 GLU A CA   1 
ATOM   1101 C C    . GLU A 1 119 ? -1.928  1.314   17.581  1.00 15.11 ? 120 GLU A C    1 
ATOM   1102 O O    . GLU A 1 119 ? -0.743  1.177   17.875  1.00 12.89 ? 120 GLU A O    1 
ATOM   1103 C CB   . GLU A 1 119 ? -2.879  3.547   18.304  1.00 20.82 ? 120 GLU A CB   1 
ATOM   1104 C CG   . GLU A 1 119 ? -3.906  2.976   19.305  1.00 24.67 ? 120 GLU A CG   1 
ATOM   1105 C CD   . GLU A 1 119 ? -5.374  3.077   18.957  1.00 29.15 ? 120 GLU A CD   1 
ATOM   1106 O OE1  . GLU A 1 119 ? -5.735  3.481   17.848  1.00 29.64 ? 120 GLU A OE1  1 
ATOM   1107 O OE2  . GLU A 1 119 ? -6.201  2.745   19.804  1.00 32.92 ? 120 GLU A OE2  1 
ATOM   1108 H H    . GLU A 1 119 ? -4.434  2.952   16.491  1.00 0.00  ? 120 GLU A H    1 
ATOM   1109 N N    . TRP A 1 120 ? -2.732  0.258   17.698  1.00 13.62 ? 121 TRP A N    1 
ATOM   1110 C CA   . TRP A 1 120 ? -2.225  -1.075  18.013  1.00 15.25 ? 121 TRP A CA   1 
ATOM   1111 C C    . TRP A 1 120 ? -1.199  -1.647  17.011  1.00 16.64 ? 121 TRP A C    1 
ATOM   1112 O O    . TRP A 1 120 ? -0.573  -2.680  17.293  1.00 17.01 ? 121 TRP A O    1 
ATOM   1113 C CB   . TRP A 1 120 ? -3.408  -2.047  18.138  1.00 14.59 ? 121 TRP A CB   1 
ATOM   1114 C CG   . TRP A 1 120 ? -4.329  -2.165  16.912  1.00 16.73 ? 121 TRP A CG   1 
ATOM   1115 C CD1  . TRP A 1 120 ? -4.173  -3.138  15.950  1.00 15.08 ? 121 TRP A CD1  1 
ATOM   1116 C CD2  . TRP A 1 120 ? -5.403  -1.358  16.633  1.00 16.91 ? 121 TRP A CD2  1 
ATOM   1117 N NE1  . TRP A 1 120 ? -5.134  -2.948  15.083  1.00 15.14 ? 121 TRP A NE1  1 
ATOM   1118 C CE2  . TRP A 1 120 ? -5.879  -1.905  15.435  1.00 15.38 ? 121 TRP A CE2  1 
ATOM   1119 C CE3  . TRP A 1 120 ? -6.019  -0.247  17.206  1.00 17.21 ? 121 TRP A CE3  1 
ATOM   1120 C CZ2  . TRP A 1 120 ? -6.975  -1.350  14.800  1.00 16.26 ? 121 TRP A CZ2  1 
ATOM   1121 C CZ3  . TRP A 1 120 ? -7.118  0.322   16.557  1.00 17.15 ? 121 TRP A CZ3  1 
ATOM   1122 C CH2  . TRP A 1 120 ? -7.586  -0.224  15.366  1.00 16.55 ? 121 TRP A CH2  1 
ATOM   1123 H H    . TRP A 1 120 ? -3.691  0.419   17.619  1.00 0.00  ? 121 TRP A H    1 
ATOM   1124 H HE1  . TRP A 1 120 ? -5.318  -3.548  14.320  1.00 0.00  ? 121 TRP A HE1  1 
ATOM   1125 N N    . LEU A 1 121 ? -0.985  -1.061  15.819  1.00 15.30 ? 122 LEU A N    1 
ATOM   1126 C CA   . LEU A 1 121 ? -0.009  -1.559  14.864  1.00 13.94 ? 122 LEU A CA   1 
ATOM   1127 C C    . LEU A 1 121 ? 1.297   -0.861  15.024  1.00 12.86 ? 122 LEU A C    1 
ATOM   1128 O O    . LEU A 1 121 ? 2.253   -1.267  14.359  1.00 13.35 ? 122 LEU A O    1 
ATOM   1129 C CB   . LEU A 1 121 ? -0.491  -1.356  13.447  1.00 12.56 ? 122 LEU A CB   1 
ATOM   1130 C CG   . LEU A 1 121 ? -1.813  -2.054  13.156  1.00 13.66 ? 122 LEU A CG   1 
ATOM   1131 C CD1  . LEU A 1 121 ? -2.259  -1.681  11.774  1.00 12.79 ? 122 LEU A CD1  1 
ATOM   1132 C CD2  . LEU A 1 121 ? -1.652  -3.562  13.226  1.00 12.89 ? 122 LEU A CD2  1 
ATOM   1133 H H    . LEU A 1 121 ? -1.454  -0.226  15.607  1.00 0.00  ? 122 LEU A H    1 
ATOM   1134 N N    . ASP A 1 122 ? 1.413   0.166   15.860  1.00 13.05 ? 123 ASP A N    1 
ATOM   1135 C CA   . ASP A 1 122 ? 2.669   0.861   16.073  1.00 14.88 ? 123 ASP A CA   1 
ATOM   1136 C C    . ASP A 1 122 ? 3.696   -0.086  16.653  1.00 16.85 ? 123 ASP A C    1 
ATOM   1137 O O    . ASP A 1 122 ? 3.430   -0.972  17.489  1.00 17.32 ? 123 ASP A O    1 
ATOM   1138 C CB   . ASP A 1 122 ? 2.484   2.030   17.033  1.00 15.05 ? 123 ASP A CB   1 
ATOM   1139 C CG   . ASP A 1 122 ? 1.618   3.137   16.524  1.00 17.22 ? 123 ASP A CG   1 
ATOM   1140 O OD1  . ASP A 1 122 ? 1.341   3.220   15.334  1.00 17.75 ? 123 ASP A OD1  1 
ATOM   1141 O OD2  . ASP A 1 122 ? 1.280   4.025   17.294  1.00 18.37 ? 123 ASP A OD2  1 
ATOM   1142 H H    . ASP A 1 122 ? 0.663   0.428   16.437  1.00 0.00  ? 123 ASP A H    1 
ATOM   1143 N N    . GLY A 1 123 ? 4.873   0.042   16.047  1.00 15.98 ? 124 GLY A N    1 
ATOM   1144 C CA   . GLY A 1 123 ? 5.991   -0.804  16.394  1.00 17.87 ? 124 GLY A CA   1 
ATOM   1145 C C    . GLY A 1 123 ? 5.943   -2.207  15.800  1.00 17.94 ? 124 GLY A C    1 
ATOM   1146 O O    . GLY A 1 123 ? 6.872   -2.966  16.071  1.00 19.65 ? 124 GLY A O    1 
ATOM   1147 H H    . GLY A 1 123 ? 4.957   0.704   15.323  1.00 0.00  ? 124 GLY A H    1 
ATOM   1148 N N    . LYS A 1 124 ? 4.889   -2.601  15.068  1.00 16.97 ? 125 LYS A N    1 
ATOM   1149 C CA   . LYS A 1 124 ? 4.809   -3.914  14.427  1.00 17.83 ? 125 LYS A CA   1 
ATOM   1150 C C    . LYS A 1 124 ? 4.897   -3.708  12.910  1.00 17.23 ? 125 LYS A C    1 
ATOM   1151 O O    . LYS A 1 124 ? 5.310   -4.602  12.170  1.00 16.34 ? 125 LYS A O    1 
ATOM   1152 C CB   . LYS A 1 124 ? 3.476   -4.647  14.661  1.00 20.04 ? 125 LYS A CB   1 
ATOM   1153 C CG   . LYS A 1 124 ? 3.005   -5.001  16.069  1.00 25.54 ? 125 LYS A CG   1 
ATOM   1154 C CD   . LYS A 1 124 ? 1.555   -5.523  16.041  1.00 30.01 ? 125 LYS A CD   1 
ATOM   1155 C CE   . LYS A 1 124 ? 0.902   -5.604  17.463  1.00 35.86 ? 125 LYS A CE   1 
ATOM   1156 N NZ   . LYS A 1 124 ? -0.570  -5.441  17.504  1.00 39.59 ? 125 LYS A NZ   1 
ATOM   1157 H H    . LYS A 1 124 ? 4.115   -2.004  15.020  1.00 0.00  ? 125 LYS A H    1 
ATOM   1158 H HZ1  . LYS A 1 124 ? -1.067  -6.033  16.809  1.00 0.00  ? 125 LYS A HZ1  1 
ATOM   1159 H HZ2  . LYS A 1 124 ? -0.983  -5.651  18.439  1.00 0.00  ? 125 LYS A HZ2  1 
ATOM   1160 H HZ3  . LYS A 1 124 ? -0.772  -4.434  17.305  1.00 0.00  ? 125 LYS A HZ3  1 
ATOM   1161 N N    . HIS A 1 125 ? 4.464   -2.558  12.379  1.00 15.06 ? 126 HIS A N    1 
ATOM   1162 C CA   . HIS A 1 125 ? 4.446   -2.307  10.941  1.00 12.95 ? 126 HIS A CA   1 
ATOM   1163 C C    . HIS A 1 125 ? 5.125   -1.001  10.634  1.00 13.66 ? 126 HIS A C    1 
ATOM   1164 O O    . HIS A 1 125 ? 4.871   0.010   11.312  1.00 13.11 ? 126 HIS A O    1 
ATOM   1165 C CB   . HIS A 1 125 ? 3.017   -2.261  10.467  1.00 12.70 ? 126 HIS A CB   1 
ATOM   1166 C CG   . HIS A 1 125 ? 2.320   -3.594  10.580  1.00 13.34 ? 126 HIS A CG   1 
ATOM   1167 N ND1  . HIS A 1 125 ? 2.444   -4.523  9.655   1.00 12.96 ? 126 HIS A ND1  1 
ATOM   1168 C CD2  . HIS A 1 125 ? 1.459   -4.021  11.554  1.00 12.33 ? 126 HIS A CD2  1 
ATOM   1169 C CE1  . HIS A 1 125 ? 1.689   -5.530  10.023  1.00 12.16 ? 126 HIS A CE1  1 
ATOM   1170 N NE2  . HIS A 1 125 ? 1.119   -5.219  11.163  1.00 13.01 ? 126 HIS A NE2  1 
ATOM   1171 H H    . HIS A 1 125 ? 4.218   -1.820  12.980  1.00 0.00  ? 126 HIS A H    1 
ATOM   1172 H HD1  . HIS A 1 125 ? 2.925   -4.433  8.799   1.00 0.00  ? 126 HIS A HD1  1 
ATOM   1173 H HE2  . HIS A 1 125 ? 0.629   -5.862  11.722  1.00 0.00  ? 126 HIS A HE2  1 
ATOM   1174 N N    . VAL A 1 126 ? 6.002   -0.980  9.632   1.00 11.77 ? 127 VAL A N    1 
ATOM   1175 C CA   . VAL A 1 126 ? 6.723   0.240   9.286   1.00 12.34 ? 127 VAL A CA   1 
ATOM   1176 C C    . VAL A 1 126 ? 5.907   1.227   8.450   1.00 12.49 ? 127 VAL A C    1 
ATOM   1177 O O    . VAL A 1 126 ? 5.491   0.910   7.326   1.00 11.53 ? 127 VAL A O    1 
ATOM   1178 C CB   . VAL A 1 126 ? 8.006   -0.146  8.540   1.00 10.10 ? 127 VAL A CB   1 
ATOM   1179 C CG1  . VAL A 1 126 ? 8.864   1.078   8.207   1.00 9.17  ? 127 VAL A CG1  1 
ATOM   1180 C CG2  . VAL A 1 126 ? 8.824   -1.045  9.428   1.00 10.37 ? 127 VAL A CG2  1 
ATOM   1181 H H    . VAL A 1 126 ? 6.208   -1.812  9.146   1.00 0.00  ? 127 VAL A H    1 
ATOM   1182 N N    . VAL A 1 127 ? 5.666   2.429   9.002   1.00 13.97 ? 128 VAL A N    1 
ATOM   1183 C CA   . VAL A 1 127 ? 4.946   3.520   8.339   1.00 12.81 ? 128 VAL A CA   1 
ATOM   1184 C C    . VAL A 1 127 ? 5.949   4.235   7.455   1.00 12.96 ? 128 VAL A C    1 
ATOM   1185 O O    . VAL A 1 127 ? 7.068   4.508   7.891   1.00 13.44 ? 128 VAL A O    1 
ATOM   1186 C CB   . VAL A 1 127 ? 4.368   4.498   9.359   1.00 12.05 ? 128 VAL A CB   1 
ATOM   1187 C CG1  . VAL A 1 127 ? 3.677   5.683   8.682   1.00 10.40 ? 128 VAL A CG1  1 
ATOM   1188 C CG2  . VAL A 1 127 ? 3.337   3.759   10.167  1.00 11.27 ? 128 VAL A CG2  1 
ATOM   1189 H H    . VAL A 1 127 ? 6.097   2.633   9.863   1.00 0.00  ? 128 VAL A H    1 
ATOM   1190 N N    . PHE A 1 128 ? 5.581   4.534   6.202   1.00 13.67 ? 129 PHE A N    1 
ATOM   1191 C CA   . PHE A 1 128 ? 6.508   5.152   5.269   1.00 12.30 ? 129 PHE A CA   1 
ATOM   1192 C C    . PHE A 1 128 ? 5.885   6.174   4.332   1.00 12.36 ? 129 PHE A C    1 
ATOM   1193 O O    . PHE A 1 128 ? 6.613   6.714   3.507   1.00 11.38 ? 129 PHE A O    1 
ATOM   1194 C CB   . PHE A 1 128 ? 7.202   4.043   4.442   1.00 11.20 ? 129 PHE A CB   1 
ATOM   1195 C CG   . PHE A 1 128 ? 6.289   3.235   3.531   1.00 11.69 ? 129 PHE A CG   1 
ATOM   1196 C CD1  . PHE A 1 128 ? 5.519   2.200   4.033   1.00 9.38  ? 129 PHE A CD1  1 
ATOM   1197 C CD2  . PHE A 1 128 ? 6.209   3.578   2.176   1.00 11.53 ? 129 PHE A CD2  1 
ATOM   1198 C CE1  . PHE A 1 128 ? 4.670   1.503   3.190   1.00 11.24 ? 129 PHE A CE1  1 
ATOM   1199 C CE2  . PHE A 1 128 ? 5.350   2.882   1.347   1.00 10.95 ? 129 PHE A CE2  1 
ATOM   1200 C CZ   . PHE A 1 128 ? 4.584   1.832   1.843   1.00 11.08 ? 129 PHE A CZ   1 
ATOM   1201 H H    . PHE A 1 128 ? 4.673   4.310   5.901   1.00 0.00  ? 129 PHE A H    1 
ATOM   1202 N N    . GLY A 1 129 ? 4.601   6.469   4.393   1.00 11.05 ? 130 GLY A N    1 
ATOM   1203 C CA   . GLY A 1 129 ? 4.030   7.446   3.522   1.00 11.93 ? 130 GLY A CA   1 
ATOM   1204 C C    . GLY A 1 129 ? 2.656   7.824   3.981   1.00 14.46 ? 130 GLY A C    1 
ATOM   1205 O O    . GLY A 1 129 ? 2.211   7.365   5.047   1.00 15.54 ? 130 GLY A O    1 
ATOM   1206 H H    . GLY A 1 129 ? 4.013   6.063   5.066   1.00 0.00  ? 130 GLY A H    1 
ATOM   1207 N N    . LYS A 1 130 ? 1.977   8.650   3.185   1.00 14.85 ? 131 LYS A N    1 
ATOM   1208 C CA   . LYS A 1 130 ? 0.604   9.053   3.447   1.00 17.66 ? 131 LYS A CA   1 
ATOM   1209 C C    . LYS A 1 130 ? -0.100  9.517   2.180   1.00 15.04 ? 131 LYS A C    1 
ATOM   1210 O O    . LYS A 1 130 ? 0.550   10.028  1.284   1.00 13.99 ? 131 LYS A O    1 
ATOM   1211 C CB   . LYS A 1 130 ? 0.516   10.222  4.485   1.00 22.82 ? 131 LYS A CB   1 
ATOM   1212 C CG   . LYS A 1 130 ? 1.109   11.544  3.983   1.00 29.63 ? 131 LYS A CG   1 
ATOM   1213 C CD   . LYS A 1 130 ? 0.816   12.734  4.868   1.00 34.72 ? 131 LYS A CD   1 
ATOM   1214 C CE   . LYS A 1 130 ? 1.215   14.003  4.115   1.00 38.83 ? 131 LYS A CE   1 
ATOM   1215 N NZ   . LYS A 1 130 ? 2.636   14.067  3.801   1.00 43.40 ? 131 LYS A NZ   1 
ATOM   1216 H H    . LYS A 1 130 ? 2.403   8.966   2.356   1.00 0.00  ? 131 LYS A H    1 
ATOM   1217 H HZ1  . LYS A 1 130 ? 3.270   14.072  4.618   1.00 0.00  ? 131 LYS A HZ1  1 
ATOM   1218 H HZ2  . LYS A 1 130 ? 2.946   13.309  3.159   1.00 0.00  ? 131 LYS A HZ2  1 
ATOM   1219 H HZ3  . LYS A 1 130 ? 2.884   14.912  3.232   1.00 0.00  ? 131 LYS A HZ3  1 
ATOM   1220 N N    . VAL A 1 131 ? -1.404  9.384   2.102   1.00 14.33 ? 132 VAL A N    1 
ATOM   1221 C CA   . VAL A 1 131 ? -2.219  9.906   1.036   1.00 16.55 ? 132 VAL A CA   1 
ATOM   1222 C C    . VAL A 1 131 ? -2.131  11.444  1.038   1.00 20.62 ? 132 VAL A C    1 
ATOM   1223 O O    . VAL A 1 131 ? -2.344  12.126  2.048   1.00 20.26 ? 132 VAL A O    1 
ATOM   1224 C CB   . VAL A 1 131 ? -3.680  9.419   1.249   1.00 15.75 ? 132 VAL A CB   1 
ATOM   1225 C CG1  . VAL A 1 131 ? -4.646  10.102  0.279   1.00 14.57 ? 132 VAL A CG1  1 
ATOM   1226 C CG2  . VAL A 1 131 ? -3.728  7.906   1.027   1.00 13.26 ? 132 VAL A CG2  1 
ATOM   1227 H H    . VAL A 1 131 ? -1.852  8.934   2.845   1.00 0.00  ? 132 VAL A H    1 
ATOM   1228 N N    . LYS A 1 132 ? -1.802  11.948  -0.159  1.00 21.13 ? 133 LYS A N    1 
ATOM   1229 C CA   . LYS A 1 132 ? -1.621  13.355  -0.437  1.00 23.18 ? 133 LYS A CA   1 
ATOM   1230 C C    . LYS A 1 132 ? -2.923  13.745  -1.126  1.00 22.97 ? 133 LYS A C    1 
ATOM   1231 O O    . LYS A 1 132 ? -3.649  14.574  -0.601  1.00 23.72 ? 133 LYS A O    1 
ATOM   1232 C CB   . LYS A 1 132 ? -0.368  13.449  -1.318  1.00 25.28 ? 133 LYS A CB   1 
ATOM   1233 C CG   . LYS A 1 132 ? 0.270   14.812  -1.528  1.00 29.79 ? 133 LYS A CG   1 
ATOM   1234 C CD   . LYS A 1 132 ? 1.642   14.582  -2.162  1.00 34.29 ? 133 LYS A CD   1 
ATOM   1235 C CE   . LYS A 1 132 ? 2.505   15.846  -2.345  1.00 37.75 ? 133 LYS A CE   1 
ATOM   1236 N NZ   . LYS A 1 132 ? 3.915   15.519  -2.561  1.00 41.48 ? 133 LYS A NZ   1 
ATOM   1237 H H    . LYS A 1 132 ? -1.715  11.311  -0.891  1.00 0.00  ? 133 LYS A H    1 
ATOM   1238 H HZ1  . LYS A 1 132 ? 4.002   14.928  -3.405  1.00 0.00  ? 133 LYS A HZ1  1 
ATOM   1239 H HZ2  . LYS A 1 132 ? 4.549   16.313  -2.810  1.00 0.00  ? 133 LYS A HZ2  1 
ATOM   1240 H HZ3  . LYS A 1 132 ? 4.359   14.998  -1.781  1.00 0.00  ? 133 LYS A HZ3  1 
ATOM   1241 N N    . GLU A 1 133 ? -3.353  13.193  -2.259  1.00 22.26 ? 134 GLU A N    1 
ATOM   1242 C CA   . GLU A 1 133 ? -4.651  13.534  -2.846  1.00 21.10 ? 134 GLU A CA   1 
ATOM   1243 C C    . GLU A 1 133 ? -5.489  12.288  -2.998  1.00 18.36 ? 134 GLU A C    1 
ATOM   1244 O O    . GLU A 1 133 ? -4.946  11.197  -3.131  1.00 15.40 ? 134 GLU A O    1 
ATOM   1245 C CB   . GLU A 1 133 ? -4.515  14.127  -4.236  1.00 25.52 ? 134 GLU A CB   1 
ATOM   1246 C CG   . GLU A 1 133 ? -3.544  15.268  -4.192  1.00 32.40 ? 134 GLU A CG   1 
ATOM   1247 C CD   . GLU A 1 133 ? -3.258  15.851  -5.536  1.00 36.40 ? 134 GLU A CD   1 
ATOM   1248 O OE1  . GLU A 1 133 ? -4.098  16.623  -6.002  1.00 40.35 ? 134 GLU A OE1  1 
ATOM   1249 O OE2  . GLU A 1 133 ? -2.206  15.577  -6.099  1.00 38.60 ? 134 GLU A OE2  1 
ATOM   1250 H H    . GLU A 1 133 ? -2.818  12.501  -2.690  1.00 0.00  ? 134 GLU A H    1 
ATOM   1251 N N    . GLY A 1 134 ? -6.802  12.388  -3.027  1.00 15.21 ? 135 GLY A N    1 
ATOM   1252 C CA   . GLY A 1 134 ? -7.616  11.230  -3.322  1.00 15.57 ? 135 GLY A CA   1 
ATOM   1253 C C    . GLY A 1 134 ? -7.990  10.365  -2.142  1.00 15.43 ? 135 GLY A C    1 
ATOM   1254 O O    . GLY A 1 134 ? -8.323  9.202   -2.322  1.00 16.04 ? 135 GLY A O    1 
ATOM   1255 H H    . GLY A 1 134 ? -7.224  13.270  -2.890  1.00 0.00  ? 135 GLY A H    1 
ATOM   1256 N N    . MET A 1 135 ? -8.021  10.905  -0.917  1.00 16.62 ? 136 MET A N    1 
ATOM   1257 C CA   . MET A 1 135 ? -8.463  10.134  0.225   1.00 15.47 ? 136 MET A CA   1 
ATOM   1258 C C    . MET A 1 135 ? -9.889  9.688   0.033   1.00 15.05 ? 136 MET A C    1 
ATOM   1259 O O    . MET A 1 135 ? -10.267 8.579   0.399   1.00 14.83 ? 136 MET A O    1 
ATOM   1260 C CB   . MET A 1 135 ? -8.360  10.969  1.480   1.00 18.44 ? 136 MET A CB   1 
ATOM   1261 C CG   . MET A 1 135 ? -8.522  10.125  2.790   1.00 20.67 ? 136 MET A CG   1 
ATOM   1262 S SD   . MET A 1 135 ? -7.330  8.774   3.043   1.00 20.29 ? 136 MET A SD   1 
ATOM   1263 C CE   . MET A 1 135 ? -8.468  7.565   3.635   1.00 21.52 ? 136 MET A CE   1 
ATOM   1264 H H    . MET A 1 135 ? -7.706  11.822  -0.800  1.00 0.00  ? 136 MET A H    1 
ATOM   1265 N N    . ASN A 1 136 ? -10.682 10.518  -0.650  1.00 14.97 ? 137 ASN A N    1 
ATOM   1266 C CA   . ASN A 1 136 ? -12.054 10.173  -0.994  1.00 13.01 ? 137 ASN A CA   1 
ATOM   1267 C C    . ASN A 1 136 ? -12.183 8.967   -1.896  1.00 12.32 ? 137 ASN A C    1 
ATOM   1268 O O    . ASN A 1 136 ? -13.218 8.289   -1.855  1.00 13.80 ? 137 ASN A O    1 
ATOM   1269 C CB   . ASN A 1 136 ? -12.735 11.362  -1.674  1.00 15.19 ? 137 ASN A CB   1 
ATOM   1270 C CG   . ASN A 1 136 ? -12.136 11.749  -3.028  1.00 16.08 ? 137 ASN A CG   1 
ATOM   1271 O OD1  . ASN A 1 136 ? -10.935 12.006  -3.169  1.00 15.81 ? 137 ASN A OD1  1 
ATOM   1272 N ND2  . ASN A 1 136 ? -12.934 11.820  -4.070  1.00 19.53 ? 137 ASN A ND2  1 
ATOM   1273 H H    . ASN A 1 136 ? -10.331 11.385  -0.939  1.00 0.00  ? 137 ASN A H    1 
ATOM   1274 H HD21 . ASN A 1 136 ? -12.528 12.082  -4.927  1.00 0.00  ? 137 ASN A HD21 1 
ATOM   1275 H HD22 . ASN A 1 136 ? -13.898 11.668  -3.962  1.00 0.00  ? 137 ASN A HD22 1 
ATOM   1276 N N    . ILE A 1 137 ? -11.190 8.689   -2.758  1.00 13.08 ? 138 ILE A N    1 
ATOM   1277 C CA   . ILE A 1 137 ? -11.157 7.479   -3.601  1.00 13.49 ? 138 ILE A CA   1 
ATOM   1278 C C    . ILE A 1 137 ? -10.885 6.256   -2.682  1.00 12.88 ? 138 ILE A C    1 
ATOM   1279 O O    . ILE A 1 137 ? -11.517 5.198   -2.819  1.00 13.86 ? 138 ILE A O    1 
ATOM   1280 C CB   . ILE A 1 137 ? -10.032 7.640   -4.692  1.00 12.52 ? 138 ILE A CB   1 
ATOM   1281 C CG1  . ILE A 1 137 ? -10.231 8.928   -5.549  1.00 12.56 ? 138 ILE A CG1  1 
ATOM   1282 C CG2  . ILE A 1 137 ? -10.041 6.388   -5.590  1.00 10.72 ? 138 ILE A CG2  1 
ATOM   1283 C CD1  . ILE A 1 137 ? -11.595 8.995   -6.259  1.00 11.44 ? 138 ILE A CD1  1 
ATOM   1284 H H    . ILE A 1 137 ? -10.421 9.297   -2.808  1.00 0.00  ? 138 ILE A H    1 
ATOM   1285 N N    . VAL A 1 138 ? -9.991  6.345   -1.695  1.00 13.25 ? 139 VAL A N    1 
ATOM   1286 C CA   . VAL A 1 138 ? -9.748  5.274   -0.718  1.00 13.78 ? 139 VAL A CA   1 
ATOM   1287 C C    . VAL A 1 138 ? -11.060 5.010   0.018   1.00 14.35 ? 139 VAL A C    1 
ATOM   1288 O O    . VAL A 1 138 ? -11.502 3.868   0.056   1.00 14.23 ? 139 VAL A O    1 
ATOM   1289 C CB   . VAL A 1 138 ? -8.623  5.716   0.249   1.00 14.51 ? 139 VAL A CB   1 
ATOM   1290 C CG1  . VAL A 1 138 ? -8.402  4.625   1.291   1.00 14.36 ? 139 VAL A CG1  1 
ATOM   1291 C CG2  . VAL A 1 138 ? -7.308  5.956   -0.512  1.00 11.21 ? 139 VAL A CG2  1 
ATOM   1292 H H    . VAL A 1 138 ? -9.477  7.177   -1.622  1.00 0.00  ? 139 VAL A H    1 
ATOM   1293 N N    . GLU A 1 139 ? -11.782 6.002   0.540   1.00 16.73 ? 140 GLU A N    1 
ATOM   1294 C CA   . GLU A 1 139 ? -13.089 5.778   1.130   1.00 20.13 ? 140 GLU A CA   1 
ATOM   1295 C C    . GLU A 1 139 ? -14.048 5.078   0.207   1.00 19.91 ? 140 GLU A C    1 
ATOM   1296 O O    . GLU A 1 139 ? -14.813 4.220   0.633   1.00 20.28 ? 140 GLU A O    1 
ATOM   1297 C CB   . GLU A 1 139 ? -13.736 7.058   1.512   1.00 23.97 ? 140 GLU A CB   1 
ATOM   1298 C CG   . GLU A 1 139 ? -13.119 7.762   2.719   1.00 31.30 ? 140 GLU A CG   1 
ATOM   1299 C CD   . GLU A 1 139 ? -13.687 9.176   2.822   1.00 36.40 ? 140 GLU A CD   1 
ATOM   1300 O OE1  . GLU A 1 139 ? -14.925 9.331   2.809   1.00 39.49 ? 140 GLU A OE1  1 
ATOM   1301 O OE2  . GLU A 1 139 ? -12.895 10.124  2.835   1.00 38.44 ? 140 GLU A OE2  1 
ATOM   1302 H H    . GLU A 1 139 ? -11.407 6.908   0.580   1.00 0.00  ? 140 GLU A H    1 
ATOM   1303 N N    . ALA A 1 140 ? -14.047 5.417   -1.081  1.00 18.57 ? 141 ALA A N    1 
ATOM   1304 C CA   . ALA A 1 140 ? -14.905 4.759   -2.034  1.00 18.55 ? 141 ALA A CA   1 
ATOM   1305 C C    . ALA A 1 140 ? -14.524 3.295   -2.270  1.00 18.10 ? 141 ALA A C    1 
ATOM   1306 O O    . ALA A 1 140 ? -15.402 2.443   -2.411  1.00 16.86 ? 141 ALA A O    1 
ATOM   1307 C CB   . ALA A 1 140 ? -14.834 5.547   -3.327  1.00 18.42 ? 141 ALA A CB   1 
ATOM   1308 H H    . ALA A 1 140 ? -13.452 6.137   -1.380  1.00 0.00  ? 141 ALA A H    1 
ATOM   1309 N N    . MET A 1 141 ? -13.242 2.952   -2.276  1.00 17.82 ? 142 MET A N    1 
ATOM   1310 C CA   . MET A 1 141 ? -12.768 1.582   -2.402  1.00 20.18 ? 142 MET A CA   1 
ATOM   1311 C C    . MET A 1 141 ? -13.198 0.774   -1.205  1.00 21.58 ? 142 MET A C    1 
ATOM   1312 O O    . MET A 1 141 ? -13.607 -0.387  -1.310  1.00 21.93 ? 142 MET A O    1 
ATOM   1313 C CB   . MET A 1 141 ? -11.278 1.491   -2.405  1.00 22.04 ? 142 MET A CB   1 
ATOM   1314 C CG   . MET A 1 141 ? -10.569 2.022   -3.601  1.00 23.12 ? 142 MET A CG   1 
ATOM   1315 S SD   . MET A 1 141 ? -8.798  2.144   -3.312  1.00 27.63 ? 142 MET A SD   1 
ATOM   1316 C CE   . MET A 1 141 ? -8.529  0.552   -2.618  1.00 25.73 ? 142 MET A CE   1 
ATOM   1317 H H    . MET A 1 141 ? -12.574 3.667   -2.189  1.00 0.00  ? 142 MET A H    1 
ATOM   1318 N N    . GLU A 1 142 ? -13.113 1.425   -0.049  1.00 22.47 ? 143 GLU A N    1 
ATOM   1319 C CA   . GLU A 1 142 ? -13.414 0.807   1.221   1.00 25.58 ? 143 GLU A CA   1 
ATOM   1320 C C    . GLU A 1 142 ? -14.798 0.161   1.259   1.00 25.75 ? 143 GLU A C    1 
ATOM   1321 O O    . GLU A 1 142 ? -15.037 -0.891  1.847   1.00 23.48 ? 143 GLU A O    1 
ATOM   1322 C CB   . GLU A 1 142 ? -13.208 1.930   2.214   1.00 27.58 ? 143 GLU A CB   1 
ATOM   1323 C CG   . GLU A 1 142 ? -13.478 1.549   3.631   1.00 30.23 ? 143 GLU A CG   1 
ATOM   1324 C CD   . GLU A 1 142 ? -13.247 2.620   4.664   1.00 30.74 ? 143 GLU A CD   1 
ATOM   1325 O OE1  . GLU A 1 142 ? -13.669 3.766   4.545   1.00 31.14 ? 143 GLU A OE1  1 
ATOM   1326 O OE2  . GLU A 1 142 ? -12.656 2.259   5.656   1.00 33.30 ? 143 GLU A OE2  1 
ATOM   1327 H H    . GLU A 1 142 ? -12.785 2.349   -0.038  1.00 0.00  ? 143 GLU A H    1 
ATOM   1328 N N    . ARG A 1 143 ? -15.708 0.694   0.455   1.00 27.60 ? 144 ARG A N    1 
ATOM   1329 C CA   . ARG A 1 143 ? -17.065 0.219   0.401   1.00 29.15 ? 144 ARG A CA   1 
ATOM   1330 C C    . ARG A 1 143 ? -17.231 -1.110  -0.301  1.00 27.76 ? 144 ARG A C    1 
ATOM   1331 O O    . ARG A 1 143 ? -18.316 -1.686  -0.242  1.00 29.17 ? 144 ARG A O    1 
ATOM   1332 C CB   . ARG A 1 143 ? -17.919 1.327   -0.246  1.00 34.65 ? 144 ARG A CB   1 
ATOM   1333 C CG   . ARG A 1 143 ? -17.846 2.482   0.757   1.00 41.69 ? 144 ARG A CG   1 
ATOM   1334 C CD   . ARG A 1 143 ? -18.809 3.636   0.618   1.00 48.46 ? 144 ARG A CD   1 
ATOM   1335 N NE   . ARG A 1 143 ? -18.388 4.672   -0.320  1.00 54.81 ? 144 ARG A NE   1 
ATOM   1336 C CZ   . ARG A 1 143 ? -17.806 5.830   0.067   1.00 57.53 ? 144 ARG A CZ   1 
ATOM   1337 N NH1  . ARG A 1 143 ? -17.388 6.038   1.338   1.00 59.24 ? 144 ARG A NH1  1 
ATOM   1338 N NH2  . ARG A 1 143 ? -17.545 6.750   -0.884  1.00 59.66 ? 144 ARG A NH2  1 
ATOM   1339 H H    . ARG A 1 143 ? -15.441 1.443   -0.115  1.00 0.00  ? 144 ARG A H    1 
ATOM   1340 H HE   . ARG A 1 143 ? -18.510 4.456   -1.276  1.00 0.00  ? 144 ARG A HE   1 
ATOM   1341 H HH11 . ARG A 1 143 ? -17.326 5.291   2.022   1.00 0.00  ? 144 ARG A HH11 1 
ATOM   1342 H HH12 . ARG A 1 143 ? -16.914 6.879   1.626   1.00 0.00  ? 144 ARG A HH12 1 
ATOM   1343 H HH21 . ARG A 1 143 ? -17.776 6.579   -1.843  1.00 0.00  ? 144 ARG A HH21 1 
ATOM   1344 H HH22 . ARG A 1 143 ? -17.093 7.639   -0.711  1.00 0.00  ? 144 ARG A HH22 1 
ATOM   1345 N N    . PHE A 1 144 ? -16.203 -1.656  -0.948  1.00 24.31 ? 145 PHE A N    1 
ATOM   1346 C CA   . PHE A 1 144 ? -16.304 -2.957  -1.593  1.00 22.18 ? 145 PHE A CA   1 
ATOM   1347 C C    . PHE A 1 144 ? -15.675 -4.092  -0.789  1.00 20.80 ? 145 PHE A C    1 
ATOM   1348 O O    . PHE A 1 144 ? -15.567 -5.213  -1.287  1.00 20.32 ? 145 PHE A O    1 
ATOM   1349 C CB   . PHE A 1 144 ? -15.640 -2.901  -2.966  1.00 23.00 ? 145 PHE A CB   1 
ATOM   1350 C CG   . PHE A 1 144 ? -16.291 -1.920  -3.918  1.00 22.44 ? 145 PHE A CG   1 
ATOM   1351 C CD1  . PHE A 1 144 ? -17.504 -2.246  -4.512  1.00 22.25 ? 145 PHE A CD1  1 
ATOM   1352 C CD2  . PHE A 1 144 ? -15.684 -0.682  -4.158  1.00 23.72 ? 145 PHE A CD2  1 
ATOM   1353 C CE1  . PHE A 1 144 ? -18.107 -1.296  -5.336  1.00 23.81 ? 145 PHE A CE1  1 
ATOM   1354 C CE2  . PHE A 1 144 ? -16.294 0.259   -4.982  1.00 22.58 ? 145 PHE A CE2  1 
ATOM   1355 C CZ   . PHE A 1 144 ? -17.511 -0.053  -5.569  1.00 22.64 ? 145 PHE A CZ   1 
ATOM   1356 H H    . PHE A 1 144 ? -15.344 -1.188  -0.969  1.00 0.00  ? 145 PHE A H    1 
ATOM   1357 N N    . GLY A 1 145 ? -15.179 -3.861  0.423   1.00 21.04 ? 146 GLY A N    1 
ATOM   1358 C CA   . GLY A 1 145 ? -14.584 -4.918  1.243   1.00 20.31 ? 146 GLY A CA   1 
ATOM   1359 C C    . GLY A 1 145 ? -15.598 -5.432  2.253   1.00 21.03 ? 146 GLY A C    1 
ATOM   1360 O O    . GLY A 1 145 ? -16.786 -5.165  2.140   1.00 20.16 ? 146 GLY A O    1 
ATOM   1361 H H    . GLY A 1 145 ? -15.328 -2.981  0.830   1.00 0.00  ? 146 GLY A H    1 
ATOM   1362 N N    . SER A 1 146 ? -15.180 -6.122  3.307   1.00 21.21 ? 147 SER A N    1 
ATOM   1363 C CA   . SER A 1 146 ? -16.098 -6.740  4.260   1.00 21.78 ? 147 SER A CA   1 
ATOM   1364 C C    . SER A 1 146 ? -15.379 -7.115  5.557   1.00 24.32 ? 147 SER A C    1 
ATOM   1365 O O    . SER A 1 146 ? -14.154 -6.970  5.605   1.00 22.90 ? 147 SER A O    1 
ATOM   1366 C CB   . SER A 1 146 ? -16.708 -7.975  3.615   1.00 20.52 ? 147 SER A CB   1 
ATOM   1367 O OG   . SER A 1 146 ? -15.770 -8.874  3.022   1.00 20.79 ? 147 SER A OG   1 
ATOM   1368 H H    . SER A 1 146 ? -14.216 -6.156  3.505   1.00 0.00  ? 147 SER A H    1 
ATOM   1369 H HG   . SER A 1 146 ? -15.094 -8.326  2.588   1.00 0.00  ? 147 SER A HG   1 
ATOM   1370 N N    . ARG A 1 147 ? -16.034 -7.653  6.613   1.00 26.46 ? 148 ARG A N    1 
ATOM   1371 C CA   . ARG A 1 147 ? -15.376 -7.918  7.891   1.00 27.86 ? 148 ARG A CA   1 
ATOM   1372 C C    . ARG A 1 147 ? -14.274 -8.945  7.787   1.00 26.39 ? 148 ARG A C    1 
ATOM   1373 O O    . ARG A 1 147 ? -13.315 -8.847  8.553   1.00 27.78 ? 148 ARG A O    1 
ATOM   1374 C CB   . ARG A 1 147 ? -16.403 -8.373  8.947   1.00 32.66 ? 148 ARG A CB   1 
ATOM   1375 C CG   . ARG A 1 147 ? -16.301 -7.639  10.327  1.00 37.96 ? 148 ARG A CG   1 
ATOM   1376 C CD   . ARG A 1 147 ? -15.428 -8.243  11.481  1.00 41.13 ? 148 ARG A CD   1 
ATOM   1377 N NE   . ARG A 1 147 ? -13.978 -8.328  11.275  1.00 44.35 ? 148 ARG A NE   1 
ATOM   1378 C CZ   . ARG A 1 147 ? -13.088 -8.705  12.236  1.00 45.36 ? 148 ARG A CZ   1 
ATOM   1379 N NH1  . ARG A 1 147 ? -13.459 -9.034  13.475  1.00 42.83 ? 148 ARG A NH1  1 
ATOM   1380 N NH2  . ARG A 1 147 ? -11.782 -8.741  11.936  1.00 47.49 ? 148 ARG A NH2  1 
ATOM   1381 H H    . ARG A 1 147 ? -16.999 -7.794  6.540   1.00 0.00  ? 148 ARG A H    1 
ATOM   1382 H HE   . ARG A 1 147 ? -13.650 -8.180  10.355  1.00 0.00  ? 148 ARG A HE   1 
ATOM   1383 H HH11 . ARG A 1 147 ? -14.430 -9.087  13.711  1.00 0.00  ? 148 ARG A HH11 1 
ATOM   1384 H HH12 . ARG A 1 147 ? -12.787 -9.343  14.156  1.00 0.00  ? 148 ARG A HH12 1 
ATOM   1385 H HH21 . ARG A 1 147 ? -11.401 -8.488  11.044  1.00 0.00  ? 148 ARG A HH21 1 
ATOM   1386 H HH22 . ARG A 1 147 ? -11.101 -8.934  12.658  1.00 0.00  ? 148 ARG A HH22 1 
ATOM   1387 N N    . ASN A 1 148 ? -14.350 -9.898  6.849   1.00 23.63 ? 149 ASN A N    1 
ATOM   1388 C CA   . ASN A 1 148 ? -13.263 -10.838 6.679   1.00 22.17 ? 149 ASN A CA   1 
ATOM   1389 C C    . ASN A 1 148 ? -12.290 -10.395 5.592   1.00 20.92 ? 149 ASN A C    1 
ATOM   1390 O O    . ASN A 1 148 ? -11.355 -11.110 5.231   1.00 20.71 ? 149 ASN A O    1 
ATOM   1391 C CB   . ASN A 1 148 ? -13.817 -12.205 6.359   1.00 24.21 ? 149 ASN A CB   1 
ATOM   1392 C CG   . ASN A 1 148 ? -14.401 -12.386 4.973   1.00 26.96 ? 149 ASN A CG   1 
ATOM   1393 O OD1  . ASN A 1 148 ? -14.758 -11.447 4.257   1.00 29.35 ? 149 ASN A OD1  1 
ATOM   1394 N ND2  . ASN A 1 148 ? -14.530 -13.624 4.546   1.00 28.07 ? 149 ASN A ND2  1 
ATOM   1395 H H    . ASN A 1 148 ? -15.091 -9.920  6.213   1.00 0.00  ? 149 ASN A H    1 
ATOM   1396 H HD21 . ASN A 1 148 ? -14.902 -13.784 3.661   1.00 0.00  ? 149 ASN A HD21 1 
ATOM   1397 H HD22 . ASN A 1 148 ? -14.232 -14.339 5.149   1.00 0.00  ? 149 ASN A HD22 1 
ATOM   1398 N N    . GLY A 1 149 ? -12.436 -9.195  5.051   1.00 20.10 ? 150 GLY A N    1 
ATOM   1399 C CA   . GLY A 1 149 ? -11.508 -8.654  4.086   1.00 19.35 ? 150 GLY A CA   1 
ATOM   1400 C C    . GLY A 1 149 ? -11.788 -8.936  2.628   1.00 18.56 ? 150 GLY A C    1 
ATOM   1401 O O    . GLY A 1 149 ? -11.255 -8.240  1.773   1.00 17.94 ? 150 GLY A O    1 
ATOM   1402 H H    . GLY A 1 149 ? -13.181 -8.633  5.336   1.00 0.00  ? 150 GLY A H    1 
ATOM   1403 N N    . LYS A 1 150 ? -12.626 -9.897  2.305   1.00 21.24 ? 151 LYS A N    1 
ATOM   1404 C CA   . LYS A 1 150 ? -12.876 -10.277 0.927   1.00 23.77 ? 151 LYS A CA   1 
ATOM   1405 C C    . LYS A 1 150 ? -13.584 -9.166  0.173   1.00 21.52 ? 151 LYS A C    1 
ATOM   1406 O O    . LYS A 1 150 ? -14.544 -8.625  0.714   1.00 19.37 ? 151 LYS A O    1 
ATOM   1407 C CB   . LYS A 1 150 ? -13.707 -11.532 0.967   1.00 28.34 ? 151 LYS A CB   1 
ATOM   1408 C CG   . LYS A 1 150 ? -14.107 -12.088 -0.376  1.00 36.87 ? 151 LYS A CG   1 
ATOM   1409 C CD   . LYS A 1 150 ? -15.628 -12.362 -0.470  1.00 43.52 ? 151 LYS A CD   1 
ATOM   1410 C CE   . LYS A 1 150 ? -16.608 -11.149 -0.637  1.00 48.07 ? 151 LYS A CE   1 
ATOM   1411 N NZ   . LYS A 1 150 ? -16.725 -10.260 0.524   1.00 51.18 ? 151 LYS A NZ   1 
ATOM   1412 H H    . LYS A 1 150 ? -13.091 -10.365 3.028   1.00 0.00  ? 151 LYS A H    1 
ATOM   1413 H HZ1  . LYS A 1 150 ? -16.922 -10.791 1.394   1.00 0.00  ? 151 LYS A HZ1  1 
ATOM   1414 H HZ2  . LYS A 1 150 ? -15.852 -9.720  0.697   1.00 0.00  ? 151 LYS A HZ2  1 
ATOM   1415 H HZ3  . LYS A 1 150 ? -17.484 -9.566  0.381   1.00 0.00  ? 151 LYS A HZ3  1 
ATOM   1416 N N    . THR A 1 151 ? -13.283 -8.853  -1.075  1.00 22.19 ? 152 THR A N    1 
ATOM   1417 C CA   . THR A 1 151 ? -13.918 -7.751  -1.793  1.00 21.87 ? 152 THR A CA   1 
ATOM   1418 C C    . THR A 1 151 ? -15.072 -8.197  -2.665  1.00 22.66 ? 152 THR A C    1 
ATOM   1419 O O    . THR A 1 151 ? -14.993 -9.297  -3.220  1.00 23.09 ? 152 THR A O    1 
ATOM   1420 C CB   . THR A 1 151 ? -12.876 -7.035  -2.661  1.00 21.14 ? 152 THR A CB   1 
ATOM   1421 O OG1  . THR A 1 151 ? -12.253 -8.000  -3.491  1.00 23.13 ? 152 THR A OG1  1 
ATOM   1422 C CG2  . THR A 1 151 ? -11.793 -6.391  -1.831  1.00 21.04 ? 152 THR A CG2  1 
ATOM   1423 H H    . THR A 1 151 ? -12.586 -9.359  -1.549  1.00 0.00  ? 152 THR A H    1 
ATOM   1424 H HG1  . THR A 1 151 ? -12.928 -8.568  -3.892  1.00 0.00  ? 152 THR A HG1  1 
ATOM   1425 N N    . SER A 1 152 ? -16.143 -7.432  -2.818  1.00 23.27 ? 153 SER A N    1 
ATOM   1426 C CA   . SER A 1 152 ? -17.234 -7.819  -3.688  1.00 25.12 ? 153 SER A CA   1 
ATOM   1427 C C    . SER A 1 152 ? -17.012 -7.508  -5.166  1.00 26.49 ? 153 SER A C    1 
ATOM   1428 O O    . SER A 1 152 ? -17.765 -7.960  -6.030  1.00 27.44 ? 153 SER A O    1 
ATOM   1429 C CB   . SER A 1 152 ? -18.487 -7.131  -3.205  1.00 25.55 ? 153 SER A CB   1 
ATOM   1430 O OG   . SER A 1 152 ? -18.269 -5.792  -2.789  1.00 27.81 ? 153 SER A OG   1 
ATOM   1431 H H    . SER A 1 152 ? -16.240 -6.560  -2.376  1.00 0.00  ? 153 SER A H    1 
ATOM   1432 H HG   . SER A 1 152 ? -19.051 -5.463  -2.329  1.00 0.00  ? 153 SER A HG   1 
ATOM   1433 N N    . LYS A 1 153 ? -15.964 -6.759  -5.483  1.00 27.26 ? 154 LYS A N    1 
ATOM   1434 C CA   . LYS A 1 153 ? -15.640 -6.312  -6.818  1.00 26.79 ? 154 LYS A CA   1 
ATOM   1435 C C    . LYS A 1 153 ? -14.141 -6.428  -6.921  1.00 24.82 ? 154 LYS A C    1 
ATOM   1436 O O    . LYS A 1 153 ? -13.478 -6.317  -5.889  1.00 24.73 ? 154 LYS A O    1 
ATOM   1437 C CB   . LYS A 1 153 ? -16.006 -4.882  -6.933  1.00 30.90 ? 154 LYS A CB   1 
ATOM   1438 C CG   . LYS A 1 153 ? -17.043 -4.524  -7.917  1.00 35.84 ? 154 LYS A CG   1 
ATOM   1439 C CD   . LYS A 1 153 ? -18.473 -4.784  -7.524  1.00 40.32 ? 154 LYS A CD   1 
ATOM   1440 C CE   . LYS A 1 153 ? -19.374 -4.111  -8.593  1.00 44.41 ? 154 LYS A CE   1 
ATOM   1441 N NZ   . LYS A 1 153 ? -19.032 -4.511  -9.966  1.00 47.74 ? 154 LYS A NZ   1 
ATOM   1442 H H    . LYS A 1 153 ? -15.323 -6.515  -4.784  1.00 0.00  ? 154 LYS A H    1 
ATOM   1443 H HZ1  . LYS A 1 153 ? -18.983 -5.550  -10.072 1.00 0.00  ? 154 LYS A HZ1  1 
ATOM   1444 H HZ2  . LYS A 1 153 ? -19.624 -4.115  -10.711 1.00 0.00  ? 154 LYS A HZ2  1 
ATOM   1445 H HZ3  . LYS A 1 153 ? -18.033 -4.299  -10.210 1.00 0.00  ? 154 LYS A HZ3  1 
ATOM   1446 N N    . LYS A 1 154 ? -13.556 -6.568  -8.092  1.00 22.96 ? 155 LYS A N    1 
ATOM   1447 C CA   . LYS A 1 154 ? -12.114 -6.616  -8.244  1.00 23.06 ? 155 LYS A CA   1 
ATOM   1448 C C    . LYS A 1 154 ? -11.575 -5.192  -8.310  1.00 22.03 ? 155 LYS A C    1 
ATOM   1449 O O    . LYS A 1 154 ? -11.884 -4.430  -9.236  1.00 18.82 ? 155 LYS A O    1 
ATOM   1450 C CB   . LYS A 1 154 ? -11.725 -7.359  -9.526  1.00 25.31 ? 155 LYS A CB   1 
ATOM   1451 C CG   . LYS A 1 154 ? -10.271 -7.851  -9.580  1.00 30.19 ? 155 LYS A CG   1 
ATOM   1452 C CD   . LYS A 1 154 ? -10.005 -9.187  -8.827  1.00 32.86 ? 155 LYS A CD   1 
ATOM   1453 C CE   . LYS A 1 154 ? -9.092  -9.153  -7.577  1.00 35.80 ? 155 LYS A CE   1 
ATOM   1454 N NZ   . LYS A 1 154 ? -8.074  -10.198 -7.579  1.00 36.41 ? 155 LYS A NZ   1 
ATOM   1455 H H    . LYS A 1 154 ? -14.117 -6.597  -8.903  1.00 0.00  ? 155 LYS A H    1 
ATOM   1456 H HZ1  . LYS A 1 154 ? -8.443  -11.164 -7.704  1.00 0.00  ? 155 LYS A HZ1  1 
ATOM   1457 H HZ2  . LYS A 1 154 ? -7.451  -10.116 -8.414  1.00 0.00  ? 155 LYS A HZ2  1 
ATOM   1458 H HZ3  . LYS A 1 154 ? -7.447  -10.168 -6.754  1.00 0.00  ? 155 LYS A HZ3  1 
ATOM   1459 N N    . ILE A 1 155 ? -10.745 -4.812  -7.335  1.00 19.02 ? 156 ILE A N    1 
ATOM   1460 C CA   . ILE A 1 155 ? -10.173 -3.474  -7.246  1.00 17.76 ? 156 ILE A CA   1 
ATOM   1461 C C    . ILE A 1 155 ? -8.748  -3.563  -7.778  1.00 17.58 ? 156 ILE A C    1 
ATOM   1462 O O    . ILE A 1 155 ? -7.934  -4.291  -7.212  1.00 16.26 ? 156 ILE A O    1 
ATOM   1463 C CB   . ILE A 1 155 ? -10.164 -2.988  -5.777  1.00 18.78 ? 156 ILE A CB   1 
ATOM   1464 C CG1  . ILE A 1 155 ? -11.513 -3.146  -5.081  1.00 18.61 ? 156 ILE A CG1  1 
ATOM   1465 C CG2  . ILE A 1 155 ? -9.751  -1.536  -5.787  1.00 18.21 ? 156 ILE A CG2  1 
ATOM   1466 C CD1  . ILE A 1 155 ? -12.703 -2.397  -5.662  1.00 20.83 ? 156 ILE A CD1  1 
ATOM   1467 H H    . ILE A 1 155 ? -10.497 -5.475  -6.653  1.00 0.00  ? 156 ILE A H    1 
ATOM   1468 N N    . THR A 1 156 ? -8.363  -2.911  -8.870  1.00 15.47 ? 157 THR A N    1 
ATOM   1469 C CA   . THR A 1 156 ? -7.036  -3.045  -9.410  1.00 15.78 ? 157 THR A CA   1 
ATOM   1470 C C    . THR A 1 156 ? -6.387  -1.711  -9.546  1.00 14.31 ? 157 THR A C    1 
ATOM   1471 O O    . THR A 1 156 ? -7.050  -0.670  -9.652  1.00 15.59 ? 157 THR A O    1 
ATOM   1472 C CB   . THR A 1 156 ? -7.046  -3.714  -10.794 1.00 17.67 ? 157 THR A CB   1 
ATOM   1473 O OG1  . THR A 1 156 ? -7.949  -3.001  -11.627 1.00 20.69 ? 157 THR A OG1  1 
ATOM   1474 C CG2  . THR A 1 156 ? -7.543  -5.142  -10.732 1.00 20.61 ? 157 THR A CG2  1 
ATOM   1475 H H    . THR A 1 156 ? -8.985  -2.281  -9.294  1.00 0.00  ? 157 THR A H    1 
ATOM   1476 H HG1  . THR A 1 156 ? -7.769  -2.056  -11.582 1.00 0.00  ? 157 THR A HG1  1 
ATOM   1477 N N    . ILE A 1 157 ? -5.079  -1.752  -9.585  1.00 13.24 ? 158 ILE A N    1 
ATOM   1478 C CA   . ILE A 1 157 ? -4.242  -0.596  -9.830  1.00 14.04 ? 158 ILE A CA   1 
ATOM   1479 C C    . ILE A 1 157 ? -4.064  -0.614  -11.349 1.00 15.14 ? 158 ILE A C    1 
ATOM   1480 O O    . ILE A 1 157 ? -3.201  -1.305  -11.882 1.00 13.92 ? 158 ILE A O    1 
ATOM   1481 C CB   . ILE A 1 157 ? -2.901  -0.775  -9.112  1.00 12.36 ? 158 ILE A CB   1 
ATOM   1482 C CG1  . ILE A 1 157 ? -3.088  -0.796  -7.581  1.00 12.02 ? 158 ILE A CG1  1 
ATOM   1483 C CG2  . ILE A 1 157 ? -1.978  0.355   -9.556  1.00 13.52 ? 158 ILE A CG2  1 
ATOM   1484 C CD1  . ILE A 1 157 ? -1.747  -0.916  -6.846  1.00 12.23 ? 158 ILE A CD1  1 
ATOM   1485 H H    . ILE A 1 157 ? -4.631  -2.612  -9.463  1.00 0.00  ? 158 ILE A H    1 
ATOM   1486 N N    . ALA A 1 158 ? -4.880  0.125   -12.071 1.00 15.77 ? 159 ALA A N    1 
ATOM   1487 C CA   . ALA A 1 158 ? -4.852  0.134   -13.527 1.00 16.49 ? 159 ALA A CA   1 
ATOM   1488 C C    . ALA A 1 158 ? -3.636  0.844   -14.042 1.00 15.78 ? 159 ALA A C    1 
ATOM   1489 O O    . ALA A 1 158 ? -3.097  0.469   -15.097 1.00 17.67 ? 159 ALA A O    1 
ATOM   1490 C CB   . ALA A 1 158 ? -6.087  0.820   -14.045 1.00 16.32 ? 159 ALA A CB   1 
ATOM   1491 H H    . ALA A 1 158 ? -5.470  0.747   -11.594 1.00 0.00  ? 159 ALA A H    1 
ATOM   1492 N N    . ASP A 1 159 ? -3.154  1.861   -13.361 1.00 14.61 ? 160 ASP A N    1 
ATOM   1493 C CA   . ASP A 1 159 ? -1.925  2.451   -13.764 1.00 16.68 ? 160 ASP A CA   1 
ATOM   1494 C C    . ASP A 1 159 ? -1.275  3.059   -12.553 1.00 15.81 ? 160 ASP A C    1 
ATOM   1495 O O    . ASP A 1 159 ? -1.920  3.286   -11.536 1.00 16.90 ? 160 ASP A O    1 
ATOM   1496 C CB   . ASP A 1 159 ? -2.152  3.535   -14.795 1.00 20.78 ? 160 ASP A CB   1 
ATOM   1497 C CG   . ASP A 1 159 ? -0.893  3.927   -15.554 1.00 24.80 ? 160 ASP A CG   1 
ATOM   1498 O OD1  . ASP A 1 159 ? 0.119   3.225   -15.456 1.00 25.57 ? 160 ASP A OD1  1 
ATOM   1499 O OD2  . ASP A 1 159 ? -0.923  4.903   -16.296 1.00 28.00 ? 160 ASP A OD2  1 
ATOM   1500 H H    . ASP A 1 159 ? -3.603  2.227   -12.565 1.00 0.00  ? 160 ASP A H    1 
ATOM   1501 N N    . CYS A 1 160 ? -0.008  3.338   -12.589 1.00 15.88 ? 161 CYS A N    1 
ATOM   1502 C CA   . CYS A 1 160 ? 0.686   3.860   -11.439 1.00 17.30 ? 161 CYS A CA   1 
ATOM   1503 C C    . CYS A 1 160 ? 2.014   4.382   -11.911 1.00 17.22 ? 161 CYS A C    1 
ATOM   1504 O O    . CYS A 1 160 ? 2.522   3.951   -12.950 1.00 19.27 ? 161 CYS A O    1 
ATOM   1505 C CB   . CYS A 1 160 ? 0.884   2.738   -10.398 1.00 15.94 ? 161 CYS A CB   1 
ATOM   1506 S SG   . CYS A 1 160 ? 1.682   1.194   -10.896 1.00 15.36 ? 161 CYS A SG   1 
ATOM   1507 H H    . CYS A 1 160 ? 0.494   3.296   -13.436 1.00 0.00  ? 161 CYS A H    1 
ATOM   1508 N N    . GLY A 1 161 ? 2.611   5.295   -11.169 1.00 16.76 ? 162 GLY A N    1 
ATOM   1509 C CA   . GLY A 1 161 ? 3.905   5.811   -11.515 1.00 17.35 ? 162 GLY A CA   1 
ATOM   1510 C C    . GLY A 1 161 ? 4.268   6.944   -10.582 1.00 19.28 ? 162 GLY A C    1 
ATOM   1511 O O    . GLY A 1 161 ? 3.605   7.176   -9.586  1.00 18.13 ? 162 GLY A O    1 
ATOM   1512 H H    . GLY A 1 161 ? 2.175   5.636   -10.356 1.00 0.00  ? 162 GLY A H    1 
ATOM   1513 N N    . GLN A 1 162 ? 5.279   7.716   -10.898 1.00 22.15 ? 163 GLN A N    1 
ATOM   1514 C CA   . GLN A 1 162 ? 5.712   8.775   -10.034 1.00 25.48 ? 163 GLN A CA   1 
ATOM   1515 C C    . GLN A 1 162 ? 5.243   10.099  -10.582 1.00 28.75 ? 163 GLN A C    1 
ATOM   1516 O O    . GLN A 1 162 ? 5.241   10.299  -11.793 1.00 30.81 ? 163 GLN A O    1 
ATOM   1517 C CB   . GLN A 1 162 ? 7.199   8.687   -9.969  1.00 23.83 ? 163 GLN A CB   1 
ATOM   1518 C CG   . GLN A 1 162 ? 7.788   9.587   -8.923  1.00 23.84 ? 163 GLN A CG   1 
ATOM   1519 C CD   . GLN A 1 162 ? 9.249   9.310   -8.699  1.00 24.24 ? 163 GLN A CD   1 
ATOM   1520 O OE1  . GLN A 1 162 ? 9.796   8.275   -9.115  1.00 24.53 ? 163 GLN A OE1  1 
ATOM   1521 N NE2  . GLN A 1 162 ? 9.971   10.211  -8.058  1.00 25.45 ? 163 GLN A NE2  1 
ATOM   1522 H H    . GLN A 1 162 ? 5.658   7.679   -11.800 1.00 0.00  ? 163 GLN A H    1 
ATOM   1523 H HE21 . GLN A 1 162 ? 10.909  10.040  -7.879  1.00 0.00  ? 163 GLN A HE21 1 
ATOM   1524 H HE22 . GLN A 1 162 ? 9.539   11.051  -7.783  1.00 0.00  ? 163 GLN A HE22 1 
ATOM   1525 N N    . LEU A 1 163 ? 4.774   10.966  -9.709  1.00 32.27 ? 164 LEU A N    1 
ATOM   1526 C CA   . LEU A 1 163 ? 4.402   12.305  -10.088 1.00 37.14 ? 164 LEU A CA   1 
ATOM   1527 C C    . LEU A 1 163 ? 5.521   13.287  -9.789  1.00 42.19 ? 164 LEU A C    1 
ATOM   1528 O O    . LEU A 1 163 ? 5.703   14.182  -10.605 1.00 44.68 ? 164 LEU A O    1 
ATOM   1529 C CB   . LEU A 1 163 ? 3.164   12.796  -9.336  1.00 34.62 ? 164 LEU A CB   1 
ATOM   1530 C CG   . LEU A 1 163 ? 1.833   12.153  -9.627  1.00 34.63 ? 164 LEU A CG   1 
ATOM   1531 C CD1  . LEU A 1 163 ? 0.736   12.796  -8.832  1.00 33.43 ? 164 LEU A CD1  1 
ATOM   1532 C CD2  . LEU A 1 163 ? 1.484   12.365  -11.073 1.00 35.68 ? 164 LEU A CD2  1 
ATOM   1533 H H    . LEU A 1 163 ? 4.750   10.709  -8.769  1.00 0.00  ? 164 LEU A H    1 
ATOM   1534 N N    . GLU A 1 164 ? 6.264   13.123  -8.679  1.00 48.82 ? 165 GLU A N    1 
ATOM   1535 C CA   . GLU A 1 164 ? 7.250   14.063  -8.097  1.00 54.06 ? 165 GLU A CA   1 
ATOM   1536 C C    . GLU A 1 164 ? 8.319   13.211  -7.365  1.00 54.64 ? 165 GLU A C    1 
ATOM   1537 O O    . GLU A 1 164 ? 9.408   13.664  -6.999  1.00 55.44 ? 165 GLU A O    1 
ATOM   1538 C CB   . GLU A 1 164 ? 6.489   15.022  -7.098  1.00 57.31 ? 165 GLU A CB   1 
ATOM   1539 C CG   . GLU A 1 164 ? 7.177   16.198  -6.355  1.00 61.36 ? 165 GLU A CG   1 
ATOM   1540 C CD   . GLU A 1 164 ? 6.965   16.309  -4.836  1.00 63.89 ? 165 GLU A CD   1 
ATOM   1541 O OE1  . GLU A 1 164 ? 5.851   16.115  -4.333  1.00 65.19 ? 165 GLU A OE1  1 
ATOM   1542 O OE2  . GLU A 1 164 ? 7.924   16.634  -4.120  1.00 65.59 ? 165 GLU A OE2  1 
ATOM   1543 O OXT  . GLU A 1 164 ? 8.051   12.039  -7.138  1.00 54.65 ? 165 GLU A OXT  1 
ATOM   1544 H H    . GLU A 1 164 ? 6.243   12.258  -8.222  1.00 0.00  ? 165 GLU A H    1 
HETATM 1545 N N    . SER B 2 .   ? -0.256  -9.750  7.637   1.00 32.61 ? 201 SER A N    1 
HETATM 1546 C CA   . SER B 2 .   ? -1.056  -9.036  8.608   1.00 32.39 ? 201 SER A CA   1 
HETATM 1547 C C    . SER B 2 .   ? -0.859  -7.556  8.248   1.00 30.07 ? 201 SER A C    1 
HETATM 1548 O O    . SER B 2 .   ? 0.209   -7.258  7.676   1.00 27.10 ? 201 SER A O    1 
HETATM 1549 C CB   . SER B 2 .   ? -0.552  -9.382  10.042  1.00 33.37 ? 201 SER A CB   1 
HETATM 1550 O OG   . SER B 2 .   ? 0.865   -9.435  10.221  1.00 37.09 ? 201 SER A OG   1 
HETATM 1551 H H1   . SER B 2 .   ? 0.713   -9.365  7.704   1.00 0.00  ? 201 SER A H1   1 
HETATM 1552 H H2   . SER B 2 .   ? -0.275  -10.766 7.773   1.00 0.00  ? 201 SER A H2   1 
HETATM 1553 H H    . SER B 2 .   ? -0.667  -9.499  6.711   1.00 0.00  ? 201 SER A H    1 
HETATM 1554 H HG   . SER B 2 .   ? 1.192   -10.338 10.331  1.00 0.00  ? 201 SER A HG   1 
HETATM 1555 N N    . PRO C 3 .   ? -1.754  -6.604  8.551   1.00 27.55 ? 202 PRO A N    1 
HETATM 1556 C CA   . PRO C 3 .   ? -2.977  -6.773  9.332   1.00 27.00 ? 202 PRO A CA   1 
HETATM 1557 C C    . PRO C 3 .   ? -4.082  -7.629  8.713   1.00 27.43 ? 202 PRO A C    1 
HETATM 1558 O O    . PRO C 3 .   ? -4.030  -7.960  7.536   1.00 26.95 ? 202 PRO A O    1 
HETATM 1559 C CB   . PRO C 3 .   ? -3.447  -5.384  9.588   1.00 26.34 ? 202 PRO A CB   1 
HETATM 1560 C CG   . PRO C 3 .   ? -2.389  -4.499  9.023   1.00 26.10 ? 202 PRO A CG   1 
HETATM 1561 C CD   . PRO C 3 .   ? -1.764  -5.305  7.933   1.00 27.03 ? 202 PRO A CD   1 
HETATM 1562 O OXT  . PRO C 3 .   ? -4.988  -8.021  9.429   1.00 27.41 ? 202 PRO A OXT  1 
HETATM 1563 O O    . HOH D 4 .   ? 4.955   1.773   13.558  1.00 11.71 ? 203 HOH A O    1 
HETATM 1564 H H1   . HOH D 4 .   ? 5.150   2.723   13.509  1.00 0.00  ? 203 HOH A H1   1 
HETATM 1565 H H2   . HOH D 4 .   ? 5.217   1.476   12.672  1.00 0.00  ? 203 HOH A H2   1 
HETATM 1566 O O    . HOH D 4 .   ? -2.600  -7.931  -3.663  1.00 16.76 ? 204 HOH A O    1 
HETATM 1567 H H1   . HOH D 4 .   ? -2.927  -7.290  -4.320  1.00 0.00  ? 204 HOH A H1   1 
HETATM 1568 H H2   . HOH D 4 .   ? -2.161  -8.583  -4.231  1.00 0.00  ? 204 HOH A H2   1 
HETATM 1569 O O    . HOH D 4 .   ? 11.096  -1.733  6.582   1.00 14.07 ? 205 HOH A O    1 
HETATM 1570 H H1   . HOH D 4 .   ? 11.061  -1.086  5.862   1.00 0.00  ? 205 HOH A H1   1 
HETATM 1571 H H2   . HOH D 4 .   ? 11.784  -2.347  6.294   1.00 0.00  ? 205 HOH A H2   1 
HETATM 1572 O O    . HOH D 4 .   ? 10.330  -2.003  -10.140 1.00 15.50 ? 206 HOH A O    1 
HETATM 1573 H H1   . HOH D 4 .   ? 9.935   -1.501  -9.422  1.00 0.00  ? 206 HOH A H1   1 
HETATM 1574 H H2   . HOH D 4 .   ? 9.597   -2.584  -10.372 1.00 0.00  ? 206 HOH A H2   1 
HETATM 1575 O O    . HOH D 4 .   ? 5.072   -6.741  2.776   1.00 16.53 ? 207 HOH A O    1 
HETATM 1576 H H1   . HOH D 4 .   ? 5.186   -6.788  3.738   1.00 0.00  ? 207 HOH A H1   1 
HETATM 1577 H H2   . HOH D 4 .   ? 4.576   -5.910  2.725   1.00 0.00  ? 207 HOH A H2   1 
HETATM 1578 O O    . HOH D 4 .   ? 8.758   4.735   10.311  1.00 14.65 ? 208 HOH A O    1 
HETATM 1579 H H1   . HOH D 4 .   ? 8.126   4.007   10.418  1.00 0.00  ? 208 HOH A H1   1 
HETATM 1580 H H2   . HOH D 4 .   ? 8.830   4.784   9.348   1.00 0.00  ? 208 HOH A H2   1 
HETATM 1581 O O    . HOH D 4 .   ? 7.002   3.023   11.578  1.00 12.15 ? 209 HOH A O    1 
HETATM 1582 H H1   . HOH D 4 .   ? 6.863   3.702   12.254  1.00 0.00  ? 209 HOH A H1   1 
HETATM 1583 H H2   . HOH D 4 .   ? 7.584   2.395   12.018  1.00 0.00  ? 209 HOH A H2   1 
HETATM 1584 O O    . HOH D 4 .   ? 6.763   -3.667  8.637   1.00 11.73 ? 210 HOH A O    1 
HETATM 1585 H H1   . HOH D 4 .   ? 6.933   -3.830  7.698   1.00 0.00  ? 210 HOH A H1   1 
HETATM 1586 H H2   . HOH D 4 .   ? 7.642   -3.875  8.996   1.00 0.00  ? 210 HOH A H2   1 
HETATM 1587 O O    . HOH D 4 .   ? 8.172   -0.493  0.757   1.00 14.66 ? 211 HOH A O    1 
HETATM 1588 H H1   . HOH D 4 .   ? 7.309   -0.599  1.169   1.00 0.00  ? 211 HOH A H1   1 
HETATM 1589 H H2   . HOH D 4 .   ? 8.355   0.446   0.843   1.00 0.00  ? 211 HOH A H2   1 
HETATM 1590 O O    . HOH D 4 .   ? -5.546  -5.809  13.700  1.00 15.44 ? 212 HOH A O    1 
HETATM 1591 H H1   . HOH D 4 .   ? -4.777  -6.110  14.211  1.00 0.00  ? 212 HOH A H1   1 
HETATM 1592 H H2   . HOH D 4 .   ? -6.288  -6.008  14.291  1.00 0.00  ? 212 HOH A H2   1 
HETATM 1593 O O    . HOH D 4 .   ? -3.459  4.955   11.176  1.00 24.59 ? 213 HOH A O    1 
HETATM 1594 H H1   . HOH D 4 .   ? -3.834  4.076   11.019  1.00 0.00  ? 213 HOH A H1   1 
HETATM 1595 H H2   . HOH D 4 .   ? -3.963  5.500   10.555  1.00 0.00  ? 213 HOH A H2   1 
HETATM 1596 O O    . HOH D 4 .   ? -10.080 -6.927  -5.407  1.00 18.40 ? 214 HOH A O    1 
HETATM 1597 H H1   . HOH D 4 .   ? -9.559  -6.537  -4.695  1.00 0.00  ? 214 HOH A H1   1 
HETATM 1598 H H2   . HOH D 4 .   ? -10.890 -7.155  -4.920  1.00 0.00  ? 214 HOH A H2   1 
HETATM 1599 O O    . HOH D 4 .   ? 5.125   -9.204  0.043   1.00 15.83 ? 215 HOH A O    1 
HETATM 1600 H H1   . HOH D 4 .   ? 5.760   -9.822  0.433   1.00 0.00  ? 215 HOH A H1   1 
HETATM 1601 H H2   . HOH D 4 .   ? 4.631   -9.782  -0.567  1.00 0.00  ? 215 HOH A H2   1 
HETATM 1602 O O    . HOH D 4 .   ? -8.738  5.299   -12.719 1.00 21.39 ? 216 HOH A O    1 
HETATM 1603 H H1   . HOH D 4 .   ? -8.544  4.719   -13.500 1.00 0.00  ? 216 HOH A H1   1 
HETATM 1604 H H2   . HOH D 4 .   ? -8.596  4.645   -12.016 1.00 0.00  ? 216 HOH A H2   1 
HETATM 1605 O O    . HOH D 4 .   ? 13.371  -11.154 12.796  1.00 32.43 ? 217 HOH A O    1 
HETATM 1606 H H1   . HOH D 4 .   ? 14.151  -11.741 12.922  1.00 0.00  ? 217 HOH A H1   1 
HETATM 1607 H H2   . HOH D 4 .   ? 12.759  -11.757 12.362  1.00 0.00  ? 217 HOH A H2   1 
HETATM 1608 O O    . HOH D 4 .   ? -10.701 15.002  -4.081  1.00 19.81 ? 218 HOH A O    1 
HETATM 1609 H H1   . HOH D 4 .   ? -11.628 15.121  -3.772  1.00 0.00  ? 218 HOH A H1   1 
HETATM 1610 H H2   . HOH D 4 .   ? -10.489 14.175  -3.633  1.00 0.00  ? 218 HOH A H2   1 
HETATM 1611 O O    . HOH D 4 .   ? 4.452   -0.963  -11.772 1.00 20.51 ? 219 HOH A O    1 
HETATM 1612 H H1   . HOH D 4 .   ? 4.952   -0.461  -11.114 1.00 0.00  ? 219 HOH A H1   1 
HETATM 1613 H H2   . HOH D 4 .   ? 4.108   -0.239  -12.339 1.00 0.00  ? 219 HOH A H2   1 
HETATM 1614 O O    . HOH D 4 .   ? -2.258  -8.724  -7.862  1.00 21.86 ? 220 HOH A O    1 
HETATM 1615 H H1   . HOH D 4 .   ? -1.684  -8.411  -8.584  1.00 0.00  ? 220 HOH A H1   1 
HETATM 1616 H H2   . HOH D 4 .   ? -1.654  -8.751  -7.104  1.00 0.00  ? 220 HOH A H2   1 
HETATM 1617 O O    . HOH D 4 .   ? 11.382  -5.675  14.157  1.00 26.06 ? 221 HOH A O    1 
HETATM 1618 H H1   . HOH D 4 .   ? 12.161  -5.083  14.210  1.00 0.00  ? 221 HOH A H1   1 
HETATM 1619 H H2   . HOH D 4 .   ? 11.287  -5.725  13.195  1.00 0.00  ? 221 HOH A H2   1 
HETATM 1620 O O    . HOH D 4 .   ? 1.468   -6.332  -11.217 1.00 29.67 ? 222 HOH A O    1 
HETATM 1621 H H1   . HOH D 4 .   ? 1.368   -5.707  -11.949 1.00 0.00  ? 222 HOH A H1   1 
HETATM 1622 H H2   . HOH D 4 .   ? 2.289   -6.026  -10.805 1.00 0.00  ? 222 HOH A H2   1 
HETATM 1623 O O    . HOH D 4 .   ? -7.972  15.177  -2.982  1.00 22.74 ? 223 HOH A O    1 
HETATM 1624 H H1   . HOH D 4 .   ? -7.195  15.753  -2.965  1.00 0.00  ? 223 HOH A H1   1 
HETATM 1625 H H2   . HOH D 4 .   ? -8.628  15.761  -2.562  1.00 0.00  ? 223 HOH A H2   1 
HETATM 1626 O O    . HOH D 4 .   ? -10.703 -3.726  -11.941 1.00 21.99 ? 224 HOH A O    1 
HETATM 1627 H H1   . HOH D 4 .   ? -10.907 -3.943  -11.021 1.00 0.00  ? 224 HOH A H1   1 
HETATM 1628 H H2   . HOH D 4 .   ? -9.740  -3.636  -11.927 1.00 0.00  ? 224 HOH A H2   1 
HETATM 1629 O O    . HOH D 4 .   ? -5.195  -15.986 -6.493  1.00 27.87 ? 225 HOH A O    1 
HETATM 1630 H H1   . HOH D 4 .   ? -4.457  -15.379 -6.323  1.00 0.00  ? 225 HOH A H1   1 
HETATM 1631 H H2   . HOH D 4 .   ? -5.842  -15.388 -6.898  1.00 0.00  ? 225 HOH A H2   1 
HETATM 1632 O O    . HOH D 4 .   ? -1.905  -4.448  -5.383  1.00 29.84 ? 226 HOH A O    1 
HETATM 1633 H H1   . HOH D 4 .   ? -2.779  -4.572  -5.759  1.00 0.00  ? 226 HOH A H1   1 
HETATM 1634 H H2   . HOH D 4 .   ? -1.389  -4.129  -6.137  1.00 0.00  ? 226 HOH A H2   1 
HETATM 1635 O O    . HOH D 4 .   ? -15.677 12.270  -3.026  1.00 28.23 ? 227 HOH A O    1 
HETATM 1636 H H1   . HOH D 4 .   ? -15.928 11.446  -2.589  1.00 0.00  ? 227 HOH A H1   1 
HETATM 1637 H H2   . HOH D 4 .   ? -15.630 12.912  -2.305  1.00 0.00  ? 227 HOH A H2   1 
HETATM 1638 O O    . HOH D 4 .   ? -0.549  5.922   16.657  1.00 23.82 ? 228 HOH A O    1 
HETATM 1639 H H1   . HOH D 4 .   ? -0.281  5.035   16.926  1.00 0.00  ? 228 HOH A H1   1 
HETATM 1640 H H2   . HOH D 4 .   ? -1.217  5.725   15.994  1.00 0.00  ? 228 HOH A H2   1 
HETATM 1641 O O    . HOH D 4 .   ? 17.569  1.810   -1.491  1.00 35.33 ? 229 HOH A O    1 
HETATM 1642 H H1   . HOH D 4 .   ? 16.874  1.222   -1.166  1.00 0.00  ? 229 HOH A H1   1 
HETATM 1643 H H2   . HOH D 4 .   ? 17.118  2.210   -2.244  1.00 0.00  ? 229 HOH A H2   1 
HETATM 1644 O O    . HOH D 4 .   ? 8.323   -7.180  8.801   1.00 14.31 ? 230 HOH A O    1 
HETATM 1645 H H1   . HOH D 4 .   ? 8.635   -6.310  9.097   1.00 0.00  ? 230 HOH A H1   1 
HETATM 1646 H H2   . HOH D 4 .   ? 8.016   -7.607  9.610   1.00 0.00  ? 230 HOH A H2   1 
HETATM 1647 O O    . HOH D 4 .   ? 5.230   -3.100  -13.299 1.00 32.67 ? 231 HOH A O    1 
HETATM 1648 H H1   . HOH D 4 .   ? 5.568   -2.552  -14.012 1.00 0.00  ? 231 HOH A H1   1 
HETATM 1649 H H2   . HOH D 4 .   ? 4.894   -2.411  -12.688 1.00 0.00  ? 231 HOH A H2   1 
HETATM 1650 O O    . HOH D 4 .   ? 2.587   9.808   11.300  1.00 45.22 ? 232 HOH A O    1 
HETATM 1651 H H1   . HOH D 4 .   ? 2.001   10.523  11.024  1.00 0.00  ? 232 HOH A H1   1 
HETATM 1652 H H2   . HOH D 4 .   ? 2.571   9.202   10.550  1.00 0.00  ? 232 HOH A H2   1 
HETATM 1653 O O    . HOH D 4 .   ? -5.297  0.303   20.866  1.00 38.24 ? 233 HOH A O    1 
HETATM 1654 H H1   . HOH D 4 .   ? -5.179  1.251   20.673  1.00 0.00  ? 233 HOH A H1   1 
HETATM 1655 H H2   . HOH D 4 .   ? -4.385  0.036   21.025  1.00 0.00  ? 233 HOH A H2   1 
HETATM 1656 O O    . HOH D 4 .   ? -16.054 4.803   3.295   1.00 37.00 ? 234 HOH A O    1 
HETATM 1657 H H1   . HOH D 4 .   ? -15.468 5.258   3.922   1.00 0.00  ? 234 HOH A H1   1 
HETATM 1658 H H2   . HOH D 4 .   ? -15.501 4.002   3.223   1.00 0.00  ? 234 HOH A H2   1 
HETATM 1659 O O    . HOH D 4 .   ? -16.321 9.213   -1.118  1.00 41.66 ? 235 HOH A O    1 
HETATM 1660 H H1   . HOH D 4 .   ? -15.635 9.431   -0.462  1.00 0.00  ? 235 HOH A H1   1 
HETATM 1661 H H2   . HOH D 4 .   ? -17.043 9.821   -0.888  1.00 0.00  ? 235 HOH A H2   1 
HETATM 1662 O O    . HOH D 4 .   ? -17.962 3.253   -3.609  1.00 38.34 ? 236 HOH A O    1 
HETATM 1663 H H1   . HOH D 4 .   ? -17.221 2.705   -3.307  1.00 0.00  ? 236 HOH A H1   1 
HETATM 1664 H H2   . HOH D 4 .   ? -18.163 2.874   -4.468  1.00 0.00  ? 236 HOH A H2   1 
HETATM 1665 O O    . HOH D 4 .   ? 3.673   1.326   -13.672 1.00 32.06 ? 237 HOH A O    1 
HETATM 1666 H H1   . HOH D 4 .   ? 3.170   2.122   -13.438 1.00 0.00  ? 237 HOH A H1   1 
HETATM 1667 H H2   . HOH D 4 .   ? 4.494   1.724   -13.974 1.00 0.00  ? 237 HOH A H2   1 
HETATM 1668 O O    . HOH D 4 .   ? -15.980 -3.810  8.781   1.00 40.24 ? 238 HOH A O    1 
HETATM 1669 H H1   . HOH D 4 .   ? -16.594 -3.142  9.085   1.00 0.00  ? 238 HOH A H1   1 
HETATM 1670 H H2   . HOH D 4 .   ? -15.144 -3.323  8.768   1.00 0.00  ? 238 HOH A H2   1 
HETATM 1671 O O    . HOH D 4 .   ? -9.773  0.782   12.822  1.00 54.01 ? 239 HOH A O    1 
HETATM 1672 H H1   . HOH D 4 .   ? -9.277  1.539   13.148  1.00 0.00  ? 239 HOH A H1   1 
HETATM 1673 H H2   . HOH D 4 .   ? -10.253 1.145   12.054  1.00 0.00  ? 239 HOH A H2   1 
HETATM 1674 O O    . HOH D 4 .   ? 12.836  2.606   15.398  1.00 31.49 ? 240 HOH A O    1 
HETATM 1675 H H1   . HOH D 4 .   ? 12.524  2.640   16.308  1.00 0.00  ? 240 HOH A H1   1 
HETATM 1676 H H2   . HOH D 4 .   ? 13.271  1.746   15.337  1.00 0.00  ? 240 HOH A H2   1 
HETATM 1677 O O    . HOH D 4 .   ? -10.894 -10.173 -1.913  1.00 32.97 ? 241 HOH A O    1 
HETATM 1678 H H1   . HOH D 4 .   ? -10.103 -10.120 -1.359  1.00 0.00  ? 241 HOH A H1   1 
HETATM 1679 H H2   . HOH D 4 .   ? -10.791 -9.413  -2.499  1.00 0.00  ? 241 HOH A H2   1 
HETATM 1680 O O    . HOH D 4 .   ? -3.709  10.750  9.554   1.00 45.76 ? 242 HOH A O    1 
HETATM 1681 H H1   . HOH D 4 .   ? -3.963  10.437  8.676   1.00 0.00  ? 242 HOH A H1   1 
HETATM 1682 H H2   . HOH D 4 .   ? -3.608  11.694  9.435   1.00 0.00  ? 242 HOH A H2   1 
HETATM 1683 O O    . HOH D 4 .   ? 4.435   9.674   13.658  1.00 28.40 ? 243 HOH A O    1 
HETATM 1684 H H1   . HOH D 4 .   ? 3.819   9.852   12.924  1.00 0.00  ? 243 HOH A H1   1 
HETATM 1685 H H2   . HOH D 4 .   ? 4.984   10.459  13.694  1.00 0.00  ? 243 HOH A H2   1 
HETATM 1686 O O    . HOH D 4 .   ? 4.665   -9.814  3.627   1.00 39.59 ? 244 HOH A O    1 
HETATM 1687 H H1   . HOH D 4 .   ? 5.039   -8.997  3.273   1.00 0.00  ? 244 HOH A H1   1 
HETATM 1688 H H2   . HOH D 4 .   ? 3.918   -9.980  3.049   1.00 0.00  ? 244 HOH A H2   1 
HETATM 1689 O O    . HOH D 4 .   ? 12.748  7.073   -2.887  1.00 39.46 ? 245 HOH A O    1 
HETATM 1690 H H1   . HOH D 4 .   ? 13.653  7.379   -2.809  1.00 0.00  ? 245 HOH A H1   1 
HETATM 1691 H H2   . HOH D 4 .   ? 12.887  6.248   -3.379  1.00 0.00  ? 245 HOH A H2   1 
HETATM 1692 O O    . HOH D 4 .   ? -8.426  3.591   -14.685 1.00 41.25 ? 246 HOH A O    1 
HETATM 1693 H H1   . HOH D 4 .   ? -8.900  2.768   -14.950 1.00 0.00  ? 246 HOH A H1   1 
HETATM 1694 H H2   . HOH D 4 .   ? -7.581  3.458   -15.132 1.00 0.00  ? 246 HOH A H2   1 
HETATM 1695 O O    . HOH D 4 .   ? -9.506  1.202   -15.558 1.00 49.36 ? 247 HOH A O    1 
HETATM 1696 H H1   . HOH D 4 .   ? -9.441  1.067   -16.508 1.00 0.00  ? 247 HOH A H1   1 
HETATM 1697 H H2   . HOH D 4 .   ? -10.309 0.688   -15.372 1.00 0.00  ? 247 HOH A H2   1 
HETATM 1698 O O    . HOH D 4 .   ? -7.903  -2.144  19.288  1.00 39.05 ? 248 HOH A O    1 
HETATM 1699 H H1   . HOH D 4 .   ? -7.182  -2.774  19.143  1.00 0.00  ? 248 HOH A H1   1 
HETATM 1700 H H2   . HOH D 4 .   ? -8.656  -2.594  18.867  1.00 0.00  ? 248 HOH A H2   1 
HETATM 1701 O O    . HOH D 4 .   ? -3.055  -7.104  14.828  1.00 42.00 ? 249 HOH A O    1 
HETATM 1702 H H1   . HOH D 4 .   ? -3.220  -7.783  14.153  1.00 0.00  ? 249 HOH A H1   1 
HETATM 1703 H H2   . HOH D 4 .   ? -3.607  -7.474  15.539  1.00 0.00  ? 249 HOH A H2   1 
HETATM 1704 O O    . HOH D 4 .   ? -0.079  -7.060  12.926  1.00 43.76 ? 250 HOH A O    1 
HETATM 1705 H H1   . HOH D 4 .   ? 0.454   -7.857  13.065  1.00 0.00  ? 250 HOH A H1   1 
HETATM 1706 H H2   . HOH D 4 .   ? -0.920  -7.305  13.343  1.00 0.00  ? 250 HOH A H2   1 
HETATM 1707 O O    . HOH D 4 .   ? 3.618   -8.431  12.406  1.00 35.41 ? 251 HOH A O    1 
HETATM 1708 H H1   . HOH D 4 .   ? 3.631   -8.490  11.444  1.00 0.00  ? 251 HOH A H1   1 
HETATM 1709 H H2   . HOH D 4 .   ? 3.162   -9.234  12.658  1.00 0.00  ? 251 HOH A H2   1 
HETATM 1710 O O    . HOH D 4 .   ? -3.916  -11.002 2.991   1.00 43.34 ? 252 HOH A O    1 
HETATM 1711 H H1   . HOH D 4 .   ? -4.645  -11.631 2.912   1.00 0.00  ? 252 HOH A H1   1 
HETATM 1712 H H2   . HOH D 4 .   ? -3.167  -11.599 3.136   1.00 0.00  ? 252 HOH A H2   1 
HETATM 1713 O O    . HOH D 4 .   ? 1.962   -13.542 3.611   1.00 45.13 ? 253 HOH A O    1 
HETATM 1714 H H1   . HOH D 4 .   ? 1.313   -13.295 2.941   1.00 0.00  ? 253 HOH A H1   1 
HETATM 1715 H H2   . HOH D 4 .   ? 2.806   -13.331 3.212   1.00 0.00  ? 253 HOH A H2   1 
HETATM 1716 O O    . HOH D 4 .   ? -6.478  -7.592  11.810  1.00 26.77 ? 254 HOH A O    1 
HETATM 1717 H H1   . HOH D 4 .   ? -6.016  -7.365  10.989  1.00 0.00  ? 254 HOH A H1   1 
HETATM 1718 H H2   . HOH D 4 .   ? -6.084  -6.934  12.422  1.00 0.00  ? 254 HOH A H2   1 
HETATM 1719 O O    . HOH D 4 .   ? -4.582  -9.731  11.987  1.00 41.66 ? 255 HOH A O    1 
HETATM 1720 H H1   . HOH D 4 .   ? -5.305  -9.319  12.479  1.00 0.00  ? 255 HOH A H1   1 
HETATM 1721 H H2   . HOH D 4 .   ? -4.647  -9.236  11.157  1.00 0.00  ? 255 HOH A H2   1 
HETATM 1722 O O    . HOH D 4 .   ? -2.225  -9.566  5.919   1.00 36.74 ? 256 HOH A O    1 
HETATM 1723 H H1   . HOH D 4 .   ? -2.884  -10.019 5.374   1.00 0.00  ? 256 HOH A H1   1 
HETATM 1724 H H2   . HOH D 4 .   ? -2.772  -8.795  6.202   1.00 0.00  ? 256 HOH A H2   1 
# 
